data_7Z0I
# 
_entry.id   7Z0I 
# 
_audit_conform.dict_name       mmcif_pdbx.dic 
_audit_conform.dict_version    5.404 
_audit_conform.dict_location   http://mmcif.pdb.org/dictionaries/ascii/mmcif_pdbx.dic 
# 
loop_
_database_2.database_id 
_database_2.database_code 
_database_2.pdbx_database_accession 
_database_2.pdbx_DOI 
PDB   7Z0I         pdb_00007z0i 10.2210/pdb7z0i/pdb 
WWPDB D_1292120276 ?            ?                   
# 
loop_
_pdbx_audit_revision_history.ordinal 
_pdbx_audit_revision_history.data_content_type 
_pdbx_audit_revision_history.major_revision 
_pdbx_audit_revision_history.minor_revision 
_pdbx_audit_revision_history.revision_date 
_pdbx_audit_revision_history.part_number 
1 'Structure model' 1 0 2023-03-08 ? 
2 'Structure model' 1 1 2024-02-07 ? 
3 'Structure model' 1 2 2025-09-03 ? 
# 
_pdbx_audit_revision_details.ordinal             1 
_pdbx_audit_revision_details.revision_ordinal    1 
_pdbx_audit_revision_details.data_content_type   'Structure model' 
_pdbx_audit_revision_details.provider            repository 
_pdbx_audit_revision_details.type                'Initial release' 
_pdbx_audit_revision_details.description         ? 
_pdbx_audit_revision_details.details             ? 
# 
loop_
_pdbx_audit_revision_group.ordinal 
_pdbx_audit_revision_group.revision_ordinal 
_pdbx_audit_revision_group.data_content_type 
_pdbx_audit_revision_group.group 
1 2 'Structure model' 'Data collection'        
2 2 'Structure model' 'Refinement description' 
3 3 'Structure model' 'Database references'    
4 3 'Structure model' 'Structure summary'      
# 
loop_
_pdbx_audit_revision_category.ordinal 
_pdbx_audit_revision_category.revision_ordinal 
_pdbx_audit_revision_category.data_content_type 
_pdbx_audit_revision_category.category 
1 2 'Structure model' chem_comp_atom                
2 2 'Structure model' chem_comp_bond                
3 2 'Structure model' pdbx_initial_refinement_model 
4 3 'Structure model' citation                      
5 3 'Structure model' citation_author               
6 3 'Structure model' pdbx_entry_details            
# 
_pdbx_audit_revision_item.ordinal             1 
_pdbx_audit_revision_item.revision_ordinal    3 
_pdbx_audit_revision_item.data_content_type   'Structure model' 
_pdbx_audit_revision_item.item                '_pdbx_entry_details.has_protein_modification' 
# 
_pdbx_database_status.status_code                     REL 
_pdbx_database_status.status_code_sf                  REL 
_pdbx_database_status.status_code_mr                  ? 
_pdbx_database_status.entry_id                        7Z0I 
_pdbx_database_status.recvd_initial_deposition_date   2022-02-23 
_pdbx_database_status.SG_entry                        N 
_pdbx_database_status.deposit_site                    PDBE 
_pdbx_database_status.process_site                    PDBE 
_pdbx_database_status.status_code_cs                  ? 
_pdbx_database_status.status_code_nmr_data            ? 
_pdbx_database_status.methods_development_category    ? 
_pdbx_database_status.pdb_format_compatible           Y 
# 
_pdbx_contact_author.id                 3 
_pdbx_contact_author.email              michael.sattler@tum.de 
_pdbx_contact_author.name_first         Michael 
_pdbx_contact_author.name_last          Sattler 
_pdbx_contact_author.name_mi            ? 
_pdbx_contact_author.role               'principal investigator/group leader' 
_pdbx_contact_author.identifier_ORCID   0000-0002-1594-0527 
# 
loop_
_audit_author.name 
_audit_author.pdbx_ordinal 
_audit_author.identifier_ORCID 
'Gaussmann, S.' 1 0000-0003-0225-5165 
'Zak, K.'       2 0000-0001-5844-6599 
'Sattler, M.'   3 0000-0002-1594-0527 
# 
loop_
_citation.abstract 
_citation.abstract_id_CAS 
_citation.book_id_ISBN 
_citation.book_publisher 
_citation.book_publisher_city 
_citation.book_title 
_citation.coordinate_linkage 
_citation.country 
_citation.database_id_Medline 
_citation.details 
_citation.id 
_citation.journal_abbrev 
_citation.journal_id_ASTM 
_citation.journal_id_CSD 
_citation.journal_id_ISSN 
_citation.journal_full 
_citation.journal_issue 
_citation.journal_volume 
_citation.language 
_citation.page_first 
_citation.page_last 
_citation.title 
_citation.year 
_citation.database_id_CSD 
_citation.pdbx_database_id_DOI 
_citation.pdbx_database_id_PubMed 
_citation.pdbx_database_id_patent 
_citation.unpublished_flag 
? ? ? ? ? ? ? UK ? ? primary 'Nat Commun' ? ? 2041-1723 ? ? 15 ? 3317 3317 
'Modulation of peroxisomal import by the PEX13 SH3 domain and a proximal FxxxF binding motif.' 2024 ? 10.1038/s41467-024-47605-w 
38632234 ? ? 
? ? ? ? ? ? ? US ? ? 1       Biorxiv      ? ? 2692-8205 ? ? ?  ? ?    ?    
'Intramolecular autoinhibition of human PEX13 modulates peroxisomal import'                    2022 ? 10.1101/2022.12.19.520972  ? 
? ? 
# 
loop_
_citation_author.citation_id 
_citation_author.name 
_citation_author.ordinal 
_citation_author.identifier_ORCID 
primary 'Gaussmann, S.'  1  0000-0003-0225-5165 
primary 'Peschel, R.'    2  0000-0003-0041-5268 
primary 'Ott, J.'        3  ?                   
primary 'Zak, K.M.'      4  ?                   
primary 'Sastre, J.'     5  ?                   
primary 'Delhommel, F.'  6  0000-0001-7021-087X 
primary 'Popowicz, G.M.' 7  0000-0003-2818-7498 
primary 'Boekhoven, J.'  8  0000-0002-9126-2430 
primary 'Schliebs, W.'   9  ?                   
primary 'Erdmann, R.'    10 0000-0001-8380-0342 
primary 'Sattler, M.'    11 0000-0002-1594-0527 
1       'Gaussmann, S.'  12 ?                   
1       'Ott, J.'        13 ?                   
1       'Zak, K.M.'      14 ?                   
1       'Delhommel, F.'  15 ?                   
1       'Popowicz, G.M.' 16 ?                   
1       'Schliebs, W.'   17 ?                   
1       'Erdmann, R.'    18 ?                   
1       'Sattler, M.'    19 ?                   
# 
loop_
_entity.id 
_entity.type 
_entity.src_method 
_entity.pdbx_description 
_entity.formula_weight 
_entity.pdbx_number_of_molecules 
_entity.pdbx_ec 
_entity.pdbx_mutation 
_entity.pdbx_fragment 
_entity.details 
1 polymer     man 'Peroxisomal membrane protein PEX13' 9461.601 1  ? ? ? ? 
2 non-polymer syn 'ZINC ION'                           65.409   1  ? ? ? ? 
3 non-polymer nat 1,2-ETHANEDIOL                       62.068   1  ? ? ? ? 
4 water       nat water                                18.015   51 ? ? ? ? 
# 
_entity_name_com.entity_id   1 
_entity_name_com.name        Peroxin-13 
# 
_entity_poly.entity_id                      1 
_entity_poly.type                           'polypeptide(L)' 
_entity_poly.nstd_linkage                   no 
_entity_poly.nstd_monomer                   no 
_entity_poly.pdbx_seq_one_letter_code       
;VTDSINWASGEDDHVVARAEYDFAAVSEEEISFRAGDMLNLALKEQQPKVRGWLLASLDGQTTGLIPANYVKILGKRKGR
KTVESS
;
_entity_poly.pdbx_seq_one_letter_code_can   
;VTDSINWASGEDDHVVARAEYDFAAVSEEEISFRAGDMLNLALKEQQPKVRGWLLASLDGQTTGLIPANYVKILGKRKGR
KTVESS
;
_entity_poly.pdbx_strand_id                 A 
_entity_poly.pdbx_target_identifier         ? 
# 
loop_
_pdbx_entity_nonpoly.entity_id 
_pdbx_entity_nonpoly.name 
_pdbx_entity_nonpoly.comp_id 
2 'ZINC ION'     ZN  
3 1,2-ETHANEDIOL EDO 
4 water          HOH 
# 
loop_
_entity_poly_seq.entity_id 
_entity_poly_seq.num 
_entity_poly_seq.mon_id 
_entity_poly_seq.hetero 
1 1  VAL n 
1 2  THR n 
1 3  ASP n 
1 4  SER n 
1 5  ILE n 
1 6  ASN n 
1 7  TRP n 
1 8  ALA n 
1 9  SER n 
1 10 GLY n 
1 11 GLU n 
1 12 ASP n 
1 13 ASP n 
1 14 HIS n 
1 15 VAL n 
1 16 VAL n 
1 17 ALA n 
1 18 ARG n 
1 19 ALA n 
1 20 GLU n 
1 21 TYR n 
1 22 ASP n 
1 23 PHE n 
1 24 ALA n 
1 25 ALA n 
1 26 VAL n 
1 27 SER n 
1 28 GLU n 
1 29 GLU n 
1 30 GLU n 
1 31 ILE n 
1 32 SER n 
1 33 PHE n 
1 34 ARG n 
1 35 ALA n 
1 36 GLY n 
1 37 ASP n 
1 38 MET n 
1 39 LEU n 
1 40 ASN n 
1 41 LEU n 
1 42 ALA n 
1 43 LEU n 
1 44 LYS n 
1 45 GLU n 
1 46 GLN n 
1 47 GLN n 
1 48 PRO n 
1 49 LYS n 
1 50 VAL n 
1 51 ARG n 
1 52 GLY n 
1 53 TRP n 
1 54 LEU n 
1 55 LEU n 
1 56 ALA n 
1 57 SER n 
1 58 LEU n 
1 59 ASP n 
1 60 GLY n 
1 61 GLN n 
1 62 THR n 
1 63 THR n 
1 64 GLY n 
1 65 LEU n 
1 66 ILE n 
1 67 PRO n 
1 68 ALA n 
1 69 ASN n 
1 70 TYR n 
1 71 VAL n 
1 72 LYS n 
1 73 ILE n 
1 74 LEU n 
1 75 GLY n 
1 76 LYS n 
1 77 ARG n 
1 78 LYS n 
1 79 GLY n 
1 80 ARG n 
1 81 LYS n 
1 82 THR n 
1 83 VAL n 
1 84 GLU n 
1 85 SER n 
1 86 SER n 
# 
_entity_src_gen.entity_id                          1 
_entity_src_gen.pdbx_src_id                        1 
_entity_src_gen.pdbx_alt_source_flag               sample 
_entity_src_gen.pdbx_seq_type                      'Biological sequence' 
_entity_src_gen.pdbx_beg_seq_num                   1 
_entity_src_gen.pdbx_end_seq_num                   86 
_entity_src_gen.gene_src_common_name               human 
_entity_src_gen.gene_src_genus                     ? 
_entity_src_gen.pdbx_gene_src_gene                 PEX13 
_entity_src_gen.gene_src_species                   ? 
_entity_src_gen.gene_src_strain                    ? 
_entity_src_gen.gene_src_tissue                    ? 
_entity_src_gen.gene_src_tissue_fraction           ? 
_entity_src_gen.gene_src_details                   ? 
_entity_src_gen.pdbx_gene_src_fragment             ? 
_entity_src_gen.pdbx_gene_src_scientific_name      'Homo sapiens' 
_entity_src_gen.pdbx_gene_src_ncbi_taxonomy_id     9606 
_entity_src_gen.pdbx_gene_src_variant              ? 
_entity_src_gen.pdbx_gene_src_cell_line            ? 
_entity_src_gen.pdbx_gene_src_atcc                 ? 
_entity_src_gen.pdbx_gene_src_organ                ? 
_entity_src_gen.pdbx_gene_src_organelle            ? 
_entity_src_gen.pdbx_gene_src_cell                 ? 
_entity_src_gen.pdbx_gene_src_cellular_location    ? 
_entity_src_gen.host_org_common_name               ? 
_entity_src_gen.pdbx_host_org_scientific_name      'Escherichia coli BL21(DE3)' 
_entity_src_gen.pdbx_host_org_ncbi_taxonomy_id     469008 
_entity_src_gen.host_org_genus                     ? 
_entity_src_gen.pdbx_host_org_gene                 ? 
_entity_src_gen.pdbx_host_org_organ                ? 
_entity_src_gen.host_org_species                   ? 
_entity_src_gen.pdbx_host_org_tissue               ? 
_entity_src_gen.pdbx_host_org_tissue_fraction      ? 
_entity_src_gen.pdbx_host_org_strain               ? 
_entity_src_gen.pdbx_host_org_variant              ? 
_entity_src_gen.pdbx_host_org_cell_line            ? 
_entity_src_gen.pdbx_host_org_atcc                 ? 
_entity_src_gen.pdbx_host_org_culture_collection   ? 
_entity_src_gen.pdbx_host_org_cell                 ? 
_entity_src_gen.pdbx_host_org_organelle            ? 
_entity_src_gen.pdbx_host_org_cellular_location    ? 
_entity_src_gen.pdbx_host_org_vector_type          ? 
_entity_src_gen.pdbx_host_org_vector               ? 
_entity_src_gen.host_org_details                   ? 
_entity_src_gen.expression_system_id               ? 
_entity_src_gen.plasmid_name                       ? 
_entity_src_gen.plasmid_details                    ? 
_entity_src_gen.pdbx_description                   ? 
# 
loop_
_chem_comp.id 
_chem_comp.type 
_chem_comp.mon_nstd_flag 
_chem_comp.name 
_chem_comp.pdbx_synonyms 
_chem_comp.formula 
_chem_comp.formula_weight 
ALA 'L-peptide linking' y ALANINE         ?                 'C3 H7 N O2'     89.093  
ARG 'L-peptide linking' y ARGININE        ?                 'C6 H15 N4 O2 1' 175.209 
ASN 'L-peptide linking' y ASPARAGINE      ?                 'C4 H8 N2 O3'    132.118 
ASP 'L-peptide linking' y 'ASPARTIC ACID' ?                 'C4 H7 N O4'     133.103 
EDO non-polymer         . 1,2-ETHANEDIOL  'ETHYLENE GLYCOL' 'C2 H6 O2'       62.068  
GLN 'L-peptide linking' y GLUTAMINE       ?                 'C5 H10 N2 O3'   146.144 
GLU 'L-peptide linking' y 'GLUTAMIC ACID' ?                 'C5 H9 N O4'     147.129 
GLY 'peptide linking'   y GLYCINE         ?                 'C2 H5 N O2'     75.067  
HIS 'L-peptide linking' y HISTIDINE       ?                 'C6 H10 N3 O2 1' 156.162 
HOH non-polymer         . WATER           ?                 'H2 O'           18.015  
ILE 'L-peptide linking' y ISOLEUCINE      ?                 'C6 H13 N O2'    131.173 
LEU 'L-peptide linking' y LEUCINE         ?                 'C6 H13 N O2'    131.173 
LYS 'L-peptide linking' y LYSINE          ?                 'C6 H15 N2 O2 1' 147.195 
MET 'L-peptide linking' y METHIONINE      ?                 'C5 H11 N O2 S'  149.211 
PHE 'L-peptide linking' y PHENYLALANINE   ?                 'C9 H11 N O2'    165.189 
PRO 'L-peptide linking' y PROLINE         ?                 'C5 H9 N O2'     115.130 
SER 'L-peptide linking' y SERINE          ?                 'C3 H7 N O3'     105.093 
THR 'L-peptide linking' y THREONINE       ?                 'C4 H9 N O3'     119.119 
TRP 'L-peptide linking' y TRYPTOPHAN      ?                 'C11 H12 N2 O2'  204.225 
TYR 'L-peptide linking' y TYROSINE        ?                 'C9 H11 N O3'    181.189 
VAL 'L-peptide linking' y VALINE          ?                 'C5 H11 N O2'    117.146 
ZN  non-polymer         . 'ZINC ION'      ?                 'Zn 2'           65.409  
# 
loop_
_pdbx_poly_seq_scheme.asym_id 
_pdbx_poly_seq_scheme.entity_id 
_pdbx_poly_seq_scheme.seq_id 
_pdbx_poly_seq_scheme.mon_id 
_pdbx_poly_seq_scheme.ndb_seq_num 
_pdbx_poly_seq_scheme.pdb_seq_num 
_pdbx_poly_seq_scheme.auth_seq_num 
_pdbx_poly_seq_scheme.pdb_mon_id 
_pdbx_poly_seq_scheme.auth_mon_id 
_pdbx_poly_seq_scheme.pdb_strand_id 
_pdbx_poly_seq_scheme.pdb_ins_code 
_pdbx_poly_seq_scheme.hetero 
A 1 1  VAL 1  261 ?   ?   ?   A . n 
A 1 2  THR 2  262 ?   ?   ?   A . n 
A 1 3  ASP 3  263 ?   ?   ?   A . n 
A 1 4  SER 4  264 264 SER SER A . n 
A 1 5  ILE 5  265 265 ILE ILE A . n 
A 1 6  ASN 6  266 266 ASN ASN A . n 
A 1 7  TRP 7  267 267 TRP TRP A . n 
A 1 8  ALA 8  268 268 ALA ALA A . n 
A 1 9  SER 9  269 269 SER SER A . n 
A 1 10 GLY 10 270 270 GLY GLY A . n 
A 1 11 GLU 11 271 271 GLU GLU A . n 
A 1 12 ASP 12 272 272 ASP ASP A . n 
A 1 13 ASP 13 273 273 ASP ASP A . n 
A 1 14 HIS 14 274 274 HIS HIS A . n 
A 1 15 VAL 15 275 275 VAL VAL A . n 
A 1 16 VAL 16 276 276 VAL VAL A . n 
A 1 17 ALA 17 277 277 ALA ALA A . n 
A 1 18 ARG 18 278 278 ARG ARG A . n 
A 1 19 ALA 19 279 279 ALA ALA A . n 
A 1 20 GLU 20 280 280 GLU GLU A . n 
A 1 21 TYR 21 281 281 TYR TYR A . n 
A 1 22 ASP 22 282 282 ASP ASP A . n 
A 1 23 PHE 23 283 283 PHE PHE A . n 
A 1 24 ALA 24 284 284 ALA ALA A . n 
A 1 25 ALA 25 285 285 ALA ALA A . n 
A 1 26 VAL 26 286 286 VAL VAL A . n 
A 1 27 SER 27 287 287 SER SER A . n 
A 1 28 GLU 28 288 288 GLU GLU A . n 
A 1 29 GLU 29 289 289 GLU GLU A . n 
A 1 30 GLU 30 290 290 GLU GLU A . n 
A 1 31 ILE 31 291 291 ILE ILE A . n 
A 1 32 SER 32 292 292 SER SER A . n 
A 1 33 PHE 33 293 293 PHE PHE A . n 
A 1 34 ARG 34 294 294 ARG ARG A . n 
A 1 35 ALA 35 295 295 ALA ALA A . n 
A 1 36 GLY 36 296 296 GLY GLY A . n 
A 1 37 ASP 37 297 297 ASP ASP A . n 
A 1 38 MET 38 298 298 MET MET A . n 
A 1 39 LEU 39 299 299 LEU LEU A . n 
A 1 40 ASN 40 300 300 ASN ASN A . n 
A 1 41 LEU 41 301 301 LEU LEU A . n 
A 1 42 ALA 42 302 302 ALA ALA A . n 
A 1 43 LEU 43 303 303 LEU LEU A . n 
A 1 44 LYS 44 304 304 LYS LYS A . n 
A 1 45 GLU 45 305 305 GLU GLU A . n 
A 1 46 GLN 46 306 306 GLN GLN A . n 
A 1 47 GLN 47 307 307 GLN GLN A . n 
A 1 48 PRO 48 308 308 PRO PRO A . n 
A 1 49 LYS 49 309 309 LYS LYS A . n 
A 1 50 VAL 50 310 310 VAL VAL A . n 
A 1 51 ARG 51 311 311 ARG ARG A . n 
A 1 52 GLY 52 312 312 GLY GLY A . n 
A 1 53 TRP 53 313 313 TRP TRP A . n 
A 1 54 LEU 54 314 314 LEU LEU A . n 
A 1 55 LEU 55 315 315 LEU LEU A . n 
A 1 56 ALA 56 316 316 ALA ALA A . n 
A 1 57 SER 57 317 317 SER SER A . n 
A 1 58 LEU 58 318 318 LEU LEU A . n 
A 1 59 ASP 59 319 319 ASP ASP A . n 
A 1 60 GLY 60 320 320 GLY GLY A . n 
A 1 61 GLN 61 321 321 GLN GLN A . n 
A 1 62 THR 62 322 322 THR THR A . n 
A 1 63 THR 63 323 323 THR THR A . n 
A 1 64 GLY 64 324 324 GLY GLY A . n 
A 1 65 LEU 65 325 325 LEU LEU A . n 
A 1 66 ILE 66 326 326 ILE ILE A . n 
A 1 67 PRO 67 327 327 PRO PRO A . n 
A 1 68 ALA 68 328 328 ALA ALA A . n 
A 1 69 ASN 69 329 329 ASN ASN A . n 
A 1 70 TYR 70 330 330 TYR TYR A . n 
A 1 71 VAL 71 331 331 VAL VAL A . n 
A 1 72 LYS 72 332 332 LYS LYS A . n 
A 1 73 ILE 73 333 333 ILE ILE A . n 
A 1 74 LEU 74 334 334 LEU LEU A . n 
A 1 75 GLY 75 335 335 GLY GLY A . n 
A 1 76 LYS 76 336 336 LYS LYS A . n 
A 1 77 ARG 77 337 337 ARG ARG A . n 
A 1 78 LYS 78 338 338 LYS LYS A . n 
A 1 79 GLY 79 339 339 GLY GLY A . n 
A 1 80 ARG 80 340 340 ARG ARG A . n 
A 1 81 LYS 81 341 341 LYS LYS A . n 
A 1 82 THR 82 342 ?   ?   ?   A . n 
A 1 83 VAL 83 343 ?   ?   ?   A . n 
A 1 84 GLU 84 344 ?   ?   ?   A . n 
A 1 85 SER 85 345 ?   ?   ?   A . n 
A 1 86 SER 86 346 ?   ?   ?   A . n 
# 
loop_
_pdbx_nonpoly_scheme.asym_id 
_pdbx_nonpoly_scheme.entity_id 
_pdbx_nonpoly_scheme.mon_id 
_pdbx_nonpoly_scheme.ndb_seq_num 
_pdbx_nonpoly_scheme.pdb_seq_num 
_pdbx_nonpoly_scheme.auth_seq_num 
_pdbx_nonpoly_scheme.pdb_mon_id 
_pdbx_nonpoly_scheme.auth_mon_id 
_pdbx_nonpoly_scheme.pdb_strand_id 
_pdbx_nonpoly_scheme.pdb_ins_code 
B 2 ZN  1  401 1  ZN  ZN  A . 
C 3 EDO 1  402 2  EDO EDO A . 
D 4 HOH 1  501 22 HOH HOH A . 
D 4 HOH 2  502 38 HOH HOH A . 
D 4 HOH 3  503 1  HOH HOH A . 
D 4 HOH 4  504 59 HOH HOH A . 
D 4 HOH 5  505 7  HOH HOH A . 
D 4 HOH 6  506 49 HOH HOH A . 
D 4 HOH 7  507 52 HOH HOH A . 
D 4 HOH 8  508 55 HOH HOH A . 
D 4 HOH 9  509 2  HOH HOH A . 
D 4 HOH 10 510 12 HOH HOH A . 
D 4 HOH 11 511 4  HOH HOH A . 
D 4 HOH 12 512 56 HOH HOH A . 
D 4 HOH 13 513 8  HOH HOH A . 
D 4 HOH 14 514 50 HOH HOH A . 
D 4 HOH 15 515 14 HOH HOH A . 
D 4 HOH 16 516 27 HOH HOH A . 
D 4 HOH 17 517 16 HOH HOH A . 
D 4 HOH 18 518 61 HOH HOH A . 
D 4 HOH 19 519 13 HOH HOH A . 
D 4 HOH 20 520 29 HOH HOH A . 
D 4 HOH 21 521 11 HOH HOH A . 
D 4 HOH 22 522 6  HOH HOH A . 
D 4 HOH 23 523 9  HOH HOH A . 
D 4 HOH 24 524 5  HOH HOH A . 
D 4 HOH 25 525 10 HOH HOH A . 
D 4 HOH 26 526 48 HOH HOH A . 
D 4 HOH 27 527 57 HOH HOH A . 
D 4 HOH 28 528 17 HOH HOH A . 
D 4 HOH 29 529 26 HOH HOH A . 
D 4 HOH 30 530 28 HOH HOH A . 
D 4 HOH 31 531 41 HOH HOH A . 
D 4 HOH 32 532 20 HOH HOH A . 
D 4 HOH 33 533 35 HOH HOH A . 
D 4 HOH 34 534 44 HOH HOH A . 
D 4 HOH 35 535 54 HOH HOH A . 
D 4 HOH 36 536 24 HOH HOH A . 
D 4 HOH 37 537 25 HOH HOH A . 
D 4 HOH 38 538 23 HOH HOH A . 
D 4 HOH 39 539 19 HOH HOH A . 
D 4 HOH 40 540 30 HOH HOH A . 
D 4 HOH 41 541 47 HOH HOH A . 
D 4 HOH 42 542 15 HOH HOH A . 
D 4 HOH 43 543 33 HOH HOH A . 
D 4 HOH 44 544 60 HOH HOH A . 
D 4 HOH 45 545 62 HOH HOH A . 
D 4 HOH 46 546 3  HOH HOH A . 
D 4 HOH 47 547 45 HOH HOH A . 
D 4 HOH 48 548 64 HOH HOH A . 
D 4 HOH 49 549 53 HOH HOH A . 
D 4 HOH 50 550 63 HOH HOH A . 
D 4 HOH 51 551 18 HOH HOH A . 
# 
loop_
_software.citation_id 
_software.classification 
_software.compiler_name 
_software.compiler_version 
_software.contact_author 
_software.contact_author_email 
_software.date 
_software.description 
_software.dependencies 
_software.hardware 
_software.language 
_software.location 
_software.mods 
_software.name 
_software.os 
_software.os_version 
_software.type 
_software.version 
_software.pdbx_ordinal 
? refinement        ? ? ? ? ? ? ? ? ? ? ? REFMAC      ? ? ? 5.8.0267 1 
? 'data scaling'    ? ? ? ? ? ? ? ? ? ? ? Aimless     ? ? ? .        2 
? 'data extraction' ? ? ? ? ? ? ? ? ? ? ? PDB_EXTRACT ? ? ? 3.27     3 
? 'data reduction'  ? ? ? ? ? ? ? ? ? ? ? XDS         ? ? ? .        4 
? phasing           ? ? ? ? ? ? ? ? ? ? ? MOLREP      ? ? ? .        5 
? phasing           ? ? ? ? ? ? ? ? ? ? ? BUCCANEER   ? ? ? .        6 
# 
_cell.angle_alpha                  90.000 
_cell.angle_alpha_esd              ? 
_cell.angle_beta                   90.000 
_cell.angle_beta_esd               ? 
_cell.angle_gamma                  90.000 
_cell.angle_gamma_esd              ? 
_cell.entry_id                     7Z0I 
_cell.details                      ? 
_cell.formula_units_Z              ? 
_cell.length_a                     43.949 
_cell.length_a_esd                 ? 
_cell.length_b                     43.949 
_cell.length_b_esd                 ? 
_cell.length_c                     86.780 
_cell.length_c_esd                 ? 
_cell.volume                       ? 
_cell.volume_esd                   ? 
_cell.Z_PDB                        8 
_cell.reciprocal_angle_alpha       ? 
_cell.reciprocal_angle_beta        ? 
_cell.reciprocal_angle_gamma       ? 
_cell.reciprocal_angle_alpha_esd   ? 
_cell.reciprocal_angle_beta_esd    ? 
_cell.reciprocal_angle_gamma_esd   ? 
_cell.reciprocal_length_a          ? 
_cell.reciprocal_length_b          ? 
_cell.reciprocal_length_c          ? 
_cell.reciprocal_length_a_esd      ? 
_cell.reciprocal_length_b_esd      ? 
_cell.reciprocal_length_c_esd      ? 
_cell.pdbx_unique_axis             ? 
# 
_symmetry.entry_id                         7Z0I 
_symmetry.cell_setting                     ? 
_symmetry.Int_Tables_number                80 
_symmetry.space_group_name_Hall            ? 
_symmetry.space_group_name_H-M             'I 41' 
_symmetry.pdbx_full_space_group_name_H-M   ? 
# 
_exptl.absorpt_coefficient_mu     ? 
_exptl.absorpt_correction_T_max   ? 
_exptl.absorpt_correction_T_min   ? 
_exptl.absorpt_correction_type    ? 
_exptl.absorpt_process_details    ? 
_exptl.entry_id                   7Z0I 
_exptl.crystals_number            1 
_exptl.details                    ? 
_exptl.method                     'X-RAY DIFFRACTION' 
_exptl.method_details             ? 
# 
_exptl_crystal.colour                      ? 
_exptl_crystal.density_diffrn              ? 
_exptl_crystal.density_Matthews            2.36 
_exptl_crystal.density_method              ? 
_exptl_crystal.density_percent_sol         48 
_exptl_crystal.description                 ? 
_exptl_crystal.F_000                       ? 
_exptl_crystal.id                          1 
_exptl_crystal.preparation                 ? 
_exptl_crystal.size_max                    ? 
_exptl_crystal.size_mid                    ? 
_exptl_crystal.size_min                    ? 
_exptl_crystal.size_rad                    ? 
_exptl_crystal.colour_lustre               ? 
_exptl_crystal.colour_modifier             ? 
_exptl_crystal.colour_primary              ? 
_exptl_crystal.density_meas                ? 
_exptl_crystal.density_meas_esd            ? 
_exptl_crystal.density_meas_gt             ? 
_exptl_crystal.density_meas_lt             ? 
_exptl_crystal.density_meas_temp           ? 
_exptl_crystal.density_meas_temp_esd       ? 
_exptl_crystal.density_meas_temp_gt        ? 
_exptl_crystal.density_meas_temp_lt        ? 
_exptl_crystal.pdbx_crystal_image_url      ? 
_exptl_crystal.pdbx_crystal_image_format   ? 
_exptl_crystal.pdbx_mosaicity              ? 
_exptl_crystal.pdbx_mosaicity_esd          ? 
# 
_exptl_crystal_grow.apparatus       ? 
_exptl_crystal_grow.atmosphere      ? 
_exptl_crystal_grow.crystal_id      1 
_exptl_crystal_grow.details         ? 
_exptl_crystal_grow.method          'VAPOR DIFFUSION, SITTING DROP' 
_exptl_crystal_grow.method_ref      ? 
_exptl_crystal_grow.pH              5 
_exptl_crystal_grow.pressure        ? 
_exptl_crystal_grow.pressure_esd    ? 
_exptl_crystal_grow.seeding         ? 
_exptl_crystal_grow.seeding_ref     ? 
_exptl_crystal_grow.temp            293 
_exptl_crystal_grow.temp_details    ? 
_exptl_crystal_grow.temp_esd        ? 
_exptl_crystal_grow.time            ? 
_exptl_crystal_grow.pdbx_details    '0.01M Zinc chloride, 0.1M Sodium acetate, 20% w/v PEG 6000' 
_exptl_crystal_grow.pdbx_pH_range   ? 
# 
_diffrn.ambient_environment              ? 
_diffrn.ambient_temp                     100 
_diffrn.ambient_temp_details             ? 
_diffrn.ambient_temp_esd                 ? 
_diffrn.crystal_id                       1 
_diffrn.crystal_support                  ? 
_diffrn.crystal_treatment                ? 
_diffrn.details                          ? 
_diffrn.id                               1 
_diffrn.ambient_pressure                 ? 
_diffrn.ambient_pressure_esd             ? 
_diffrn.ambient_pressure_gt              ? 
_diffrn.ambient_pressure_lt              ? 
_diffrn.ambient_temp_gt                  ? 
_diffrn.ambient_temp_lt                  ? 
_diffrn.pdbx_serial_crystal_experiment   N 
# 
_diffrn_detector.details                      ? 
_diffrn_detector.detector                     PIXEL 
_diffrn_detector.diffrn_id                    1 
_diffrn_detector.type                         'DECTRIS PILATUS 2M-F' 
_diffrn_detector.area_resol_mean              ? 
_diffrn_detector.dtime                        ? 
_diffrn_detector.pdbx_frames_total            ? 
_diffrn_detector.pdbx_collection_time_total   ? 
_diffrn_detector.pdbx_collection_date         2020-02-08 
_diffrn_detector.pdbx_frequency               ? 
# 
_diffrn_radiation.collimation                      ? 
_diffrn_radiation.diffrn_id                        1 
_diffrn_radiation.filter_edge                      ? 
_diffrn_radiation.inhomogeneity                    ? 
_diffrn_radiation.monochromator                    ? 
_diffrn_radiation.polarisn_norm                    ? 
_diffrn_radiation.polarisn_ratio                   ? 
_diffrn_radiation.probe                            ? 
_diffrn_radiation.type                             ? 
_diffrn_radiation.xray_symbol                      ? 
_diffrn_radiation.wavelength_id                    1 
_diffrn_radiation.pdbx_monochromatic_or_laue_m_l   M 
_diffrn_radiation.pdbx_wavelength_list             ? 
_diffrn_radiation.pdbx_wavelength                  ? 
_diffrn_radiation.pdbx_diffrn_protocol             'SINGLE WAVELENGTH' 
_diffrn_radiation.pdbx_analyzer                    ? 
_diffrn_radiation.pdbx_scattering_type             x-ray 
# 
_diffrn_radiation_wavelength.id           1 
_diffrn_radiation_wavelength.wavelength   0.999995 
_diffrn_radiation_wavelength.wt           1.0 
# 
_diffrn_source.current                     ? 
_diffrn_source.details                     ? 
_diffrn_source.diffrn_id                   1 
_diffrn_source.power                       ? 
_diffrn_source.size                        ? 
_diffrn_source.source                      SYNCHROTRON 
_diffrn_source.target                      ? 
_diffrn_source.type                        'SLS BEAMLINE X06DA' 
_diffrn_source.voltage                     ? 
_diffrn_source.take-off_angle              ? 
_diffrn_source.pdbx_wavelength_list        0.999995 
_diffrn_source.pdbx_wavelength             ? 
_diffrn_source.pdbx_synchrotron_beamline   X06DA 
_diffrn_source.pdbx_synchrotron_site       SLS 
# 
_reflns.B_iso_Wilson_estimate                          ? 
_reflns.entry_id                                       7Z0I 
_reflns.data_reduction_details                         ? 
_reflns.data_reduction_method                          ? 
_reflns.d_resolution_high                              1.80 
_reflns.d_resolution_low                               43.39 
_reflns.details                                        ? 
_reflns.limit_h_max                                    ? 
_reflns.limit_h_min                                    ? 
_reflns.limit_k_max                                    ? 
_reflns.limit_k_min                                    ? 
_reflns.limit_l_max                                    ? 
_reflns.limit_l_min                                    ? 
_reflns.number_all                                     ? 
_reflns.number_obs                                     7660 
_reflns.observed_criterion                             ? 
_reflns.observed_criterion_F_max                       ? 
_reflns.observed_criterion_F_min                       ? 
_reflns.observed_criterion_I_max                       ? 
_reflns.observed_criterion_I_min                       ? 
_reflns.observed_criterion_sigma_F                     ? 
_reflns.observed_criterion_sigma_I                     ? 
_reflns.percent_possible_obs                           99.9 
_reflns.R_free_details                                 ? 
_reflns.Rmerge_F_all                                   ? 
_reflns.Rmerge_F_obs                                   ? 
_reflns.Friedel_coverage                               ? 
_reflns.number_gt                                      ? 
_reflns.threshold_expression                           ? 
_reflns.pdbx_redundancy                                13.6 
_reflns.pdbx_Rmerge_I_obs                              0.082 
_reflns.pdbx_Rmerge_I_all                              ? 
_reflns.pdbx_Rsym_value                                ? 
_reflns.pdbx_netI_over_av_sigmaI                       ? 
_reflns.pdbx_netI_over_sigmaI                          19.7 
_reflns.pdbx_res_netI_over_av_sigmaI_2                 ? 
_reflns.pdbx_res_netI_over_sigmaI_2                    ? 
_reflns.pdbx_chi_squared                               ? 
_reflns.pdbx_scaling_rejects                           ? 
_reflns.pdbx_d_res_high_opt                            ? 
_reflns.pdbx_d_res_low_opt                             ? 
_reflns.pdbx_d_res_opt_method                          ? 
_reflns.phase_calculation_details                      ? 
_reflns.pdbx_Rrim_I_all                                0.089 
_reflns.pdbx_Rpim_I_all                                0.034 
_reflns.pdbx_d_opt                                     ? 
_reflns.pdbx_number_measured_all                       ? 
_reflns.pdbx_diffrn_id                                 1 
_reflns.pdbx_ordinal                                   1 
_reflns.pdbx_CC_half                                   1.000 
_reflns.pdbx_CC_star                                   ? 
_reflns.pdbx_R_split                                   ? 
_reflns.pdbx_aniso_diffraction_limit_axis_1_ortho[1]   ? 
_reflns.pdbx_aniso_diffraction_limit_axis_1_ortho[2]   ? 
_reflns.pdbx_aniso_diffraction_limit_axis_1_ortho[3]   ? 
_reflns.pdbx_aniso_diffraction_limit_axis_2_ortho[1]   ? 
_reflns.pdbx_aniso_diffraction_limit_axis_2_ortho[2]   ? 
_reflns.pdbx_aniso_diffraction_limit_axis_2_ortho[3]   ? 
_reflns.pdbx_aniso_diffraction_limit_axis_3_ortho[1]   ? 
_reflns.pdbx_aniso_diffraction_limit_axis_3_ortho[2]   ? 
_reflns.pdbx_aniso_diffraction_limit_axis_3_ortho[3]   ? 
_reflns.pdbx_aniso_diffraction_limit_1                 ? 
_reflns.pdbx_aniso_diffraction_limit_2                 ? 
_reflns.pdbx_aniso_diffraction_limit_3                 ? 
_reflns.pdbx_aniso_B_tensor_eigenvector_1_ortho[1]     ? 
_reflns.pdbx_aniso_B_tensor_eigenvector_1_ortho[2]     ? 
_reflns.pdbx_aniso_B_tensor_eigenvector_1_ortho[3]     ? 
_reflns.pdbx_aniso_B_tensor_eigenvector_2_ortho[1]     ? 
_reflns.pdbx_aniso_B_tensor_eigenvector_2_ortho[2]     ? 
_reflns.pdbx_aniso_B_tensor_eigenvector_2_ortho[3]     ? 
_reflns.pdbx_aniso_B_tensor_eigenvector_3_ortho[1]     ? 
_reflns.pdbx_aniso_B_tensor_eigenvector_3_ortho[2]     ? 
_reflns.pdbx_aniso_B_tensor_eigenvector_3_ortho[3]     ? 
_reflns.pdbx_aniso_B_tensor_eigenvalue_1               ? 
_reflns.pdbx_aniso_B_tensor_eigenvalue_2               ? 
_reflns.pdbx_aniso_B_tensor_eigenvalue_3               ? 
_reflns.pdbx_orthogonalization_convention              ? 
_reflns.pdbx_percent_possible_ellipsoidal              ? 
_reflns.pdbx_percent_possible_spherical                ? 
_reflns.pdbx_percent_possible_ellipsoidal_anomalous    ? 
_reflns.pdbx_percent_possible_spherical_anomalous      ? 
_reflns.pdbx_redundancy_anomalous                      ? 
_reflns.pdbx_CC_half_anomalous                         ? 
_reflns.pdbx_absDiff_over_sigma_anomalous              ? 
_reflns.pdbx_percent_possible_anomalous                ? 
_reflns.pdbx_observed_signal_threshold                 ? 
_reflns.pdbx_signal_type                               ? 
_reflns.pdbx_signal_details                            ? 
_reflns.pdbx_signal_software_id                        ? 
# 
loop_
_reflns_shell.d_res_high 
_reflns_shell.d_res_low 
_reflns_shell.meanI_over_sigI_all 
_reflns_shell.meanI_over_sigI_obs 
_reflns_shell.number_measured_all 
_reflns_shell.number_measured_obs 
_reflns_shell.number_possible 
_reflns_shell.number_unique_all 
_reflns_shell.number_unique_obs 
_reflns_shell.percent_possible_all 
_reflns_shell.percent_possible_obs 
_reflns_shell.Rmerge_F_all 
_reflns_shell.Rmerge_F_obs 
_reflns_shell.Rmerge_I_all 
_reflns_shell.Rmerge_I_obs 
_reflns_shell.meanI_over_sigI_gt 
_reflns_shell.meanI_over_uI_all 
_reflns_shell.meanI_over_uI_gt 
_reflns_shell.number_measured_gt 
_reflns_shell.number_unique_gt 
_reflns_shell.percent_possible_gt 
_reflns_shell.Rmerge_F_gt 
_reflns_shell.Rmerge_I_gt 
_reflns_shell.pdbx_redundancy 
_reflns_shell.pdbx_Rsym_value 
_reflns_shell.pdbx_chi_squared 
_reflns_shell.pdbx_netI_over_sigmaI_all 
_reflns_shell.pdbx_netI_over_sigmaI_obs 
_reflns_shell.pdbx_Rrim_I_all 
_reflns_shell.pdbx_Rpim_I_all 
_reflns_shell.pdbx_rejects 
_reflns_shell.pdbx_ordinal 
_reflns_shell.pdbx_diffrn_id 
_reflns_shell.pdbx_CC_half 
_reflns_shell.pdbx_CC_star 
_reflns_shell.pdbx_R_split 
_reflns_shell.pdbx_percent_possible_ellipsoidal 
_reflns_shell.pdbx_percent_possible_spherical 
_reflns_shell.pdbx_percent_possible_ellipsoidal_anomalous 
_reflns_shell.pdbx_percent_possible_spherical_anomalous 
_reflns_shell.pdbx_redundancy_anomalous 
_reflns_shell.pdbx_CC_half_anomalous 
_reflns_shell.pdbx_absDiff_over_sigma_anomalous 
_reflns_shell.pdbx_percent_possible_anomalous 
9.00 43.39 ? ? ? ? ? ? 64  99.1 ? ? ? ? 0.031 ? ? ? ? ? ? ? ? 13.0 ? ? ? ? 0.033 0.013 ? 1 1 1.000 ? ? ? ? ? ? ? ? ? ? 
1.80 1.84  ? ? ? ? ? ? 462 99.5 ? ? ? ? 1.443 ? ? ? ? ? ? ? ? 13.4 ? ? ? ? 1.559 0.588 ? 2 1 0.738 ? ? ? ? ? ? ? ? ? ? 
# 
_refine.aniso_B[1][1]                            1.568 
_refine.aniso_B[1][2]                            0.000 
_refine.aniso_B[1][3]                            -0.000 
_refine.aniso_B[2][2]                            1.568 
_refine.aniso_B[2][3]                            -0.000 
_refine.aniso_B[3][3]                            -3.137 
_refine.B_iso_max                                ? 
_refine.B_iso_mean                               34.564 
_refine.B_iso_min                                ? 
_refine.correlation_coeff_Fo_to_Fc               0.967 
_refine.correlation_coeff_Fo_to_Fc_free          0.946 
_refine.details                                  'Hydrogens have been added in their riding positions' 
_refine.diff_density_max                         ? 
_refine.diff_density_max_esd                     ? 
_refine.diff_density_min                         ? 
_refine.diff_density_min_esd                     ? 
_refine.diff_density_rms                         ? 
_refine.diff_density_rms_esd                     ? 
_refine.entry_id                                 7Z0I 
_refine.pdbx_refine_id                           'X-RAY DIFFRACTION' 
_refine.ls_abs_structure_details                 ? 
_refine.ls_abs_structure_Flack                   ? 
_refine.ls_abs_structure_Flack_esd               ? 
_refine.ls_abs_structure_Rogers                  ? 
_refine.ls_abs_structure_Rogers_esd              ? 
_refine.ls_d_res_high                            1.800 
_refine.ls_d_res_low                             39.238 
_refine.ls_extinction_coef                       ? 
_refine.ls_extinction_coef_esd                   ? 
_refine.ls_extinction_expression                 ? 
_refine.ls_extinction_method                     ? 
_refine.ls_goodness_of_fit_all                   ? 
_refine.ls_goodness_of_fit_all_esd               ? 
_refine.ls_goodness_of_fit_obs                   ? 
_refine.ls_goodness_of_fit_obs_esd               ? 
_refine.ls_hydrogen_treatment                    ? 
_refine.ls_matrix_type                           ? 
_refine.ls_number_constraints                    ? 
_refine.ls_number_parameters                     ? 
_refine.ls_number_reflns_all                     ? 
_refine.ls_number_reflns_obs                     7649 
_refine.ls_number_reflns_R_free                  387 
_refine.ls_number_reflns_R_work                  7262 
_refine.ls_number_restraints                     ? 
_refine.ls_percent_reflns_obs                    99.830 
_refine.ls_percent_reflns_R_free                 5.059 
_refine.ls_R_factor_all                          0.184 
_refine.ls_R_factor_obs                          ? 
_refine.ls_R_factor_R_free                       0.2292 
_refine.ls_R_factor_R_free_error                 ? 
_refine.ls_R_factor_R_free_error_details         ? 
_refine.ls_R_factor_R_work                       0.1817 
_refine.ls_R_Fsqd_factor_obs                     ? 
_refine.ls_R_I_factor_obs                        ? 
_refine.ls_redundancy_reflns_all                 ? 
_refine.ls_redundancy_reflns_obs                 ? 
_refine.ls_restrained_S_all                      ? 
_refine.ls_restrained_S_obs                      ? 
_refine.ls_shift_over_esd_max                    ? 
_refine.ls_shift_over_esd_mean                   ? 
_refine.ls_structure_factor_coef                 ? 
_refine.ls_weighting_details                     ? 
_refine.ls_weighting_scheme                      ? 
_refine.ls_wR_factor_all                         ? 
_refine.ls_wR_factor_obs                         ? 
_refine.ls_wR_factor_R_free                      0.219 
_refine.ls_wR_factor_R_work                      0.172 
_refine.occupancy_max                            ? 
_refine.occupancy_min                            ? 
_refine.solvent_model_details                    'MASK BULK SOLVENT' 
_refine.solvent_model_param_bsol                 ? 
_refine.solvent_model_param_ksol                 ? 
_refine.pdbx_R_complete                          ? 
_refine.ls_R_factor_gt                           ? 
_refine.ls_goodness_of_fit_gt                    ? 
_refine.ls_goodness_of_fit_ref                   ? 
_refine.ls_shift_over_su_max                     ? 
_refine.ls_shift_over_su_max_lt                  ? 
_refine.ls_shift_over_su_mean                    ? 
_refine.ls_shift_over_su_mean_lt                 ? 
_refine.pdbx_ls_sigma_I                          ? 
_refine.pdbx_ls_sigma_F                          ? 
_refine.pdbx_ls_sigma_Fsqd                       ? 
_refine.pdbx_data_cutoff_high_absF               ? 
_refine.pdbx_data_cutoff_high_rms_absF           ? 
_refine.pdbx_data_cutoff_low_absF                ? 
_refine.pdbx_isotropic_thermal_model             ? 
_refine.pdbx_ls_cross_valid_method               THROUGHOUT 
_refine.pdbx_method_to_determine_struct          'MOLECULAR REPLACEMENT' 
_refine.pdbx_starting_model                      1wxu 
_refine.pdbx_stereochemistry_target_values       ? 
_refine.pdbx_R_Free_selection_details            RANDOM 
_refine.pdbx_stereochem_target_val_spec_case     ? 
_refine.pdbx_overall_ESU_R                       0.128 
_refine.pdbx_overall_ESU_R_Free                  0.128 
_refine.pdbx_solvent_vdw_probe_radii             1.200 
_refine.pdbx_solvent_ion_probe_radii             0.800 
_refine.pdbx_solvent_shrinkage_radii             0.800 
_refine.pdbx_real_space_R                        ? 
_refine.pdbx_density_correlation                 ? 
_refine.pdbx_pd_number_of_powder_patterns        ? 
_refine.pdbx_pd_number_of_points                 ? 
_refine.pdbx_pd_meas_number_of_points            ? 
_refine.pdbx_pd_proc_ls_prof_R_factor            ? 
_refine.pdbx_pd_proc_ls_prof_wR_factor           ? 
_refine.pdbx_pd_Marquardt_correlation_coeff      ? 
_refine.pdbx_pd_Fsqrd_R_factor                   ? 
_refine.pdbx_pd_ls_matrix_band_width             ? 
_refine.pdbx_overall_phase_error                 ? 
_refine.pdbx_overall_SU_R_free_Cruickshank_DPI   ? 
_refine.pdbx_overall_SU_R_free_Blow_DPI          ? 
_refine.pdbx_overall_SU_R_Blow_DPI               ? 
_refine.pdbx_TLS_residual_ADP_flag               ? 
_refine.pdbx_diffrn_id                           1 
_refine.overall_SU_B                             3.501 
_refine.overall_SU_ML                            0.105 
_refine.overall_SU_R_Cruickshank_DPI             ? 
_refine.overall_SU_R_free                        ? 
_refine.overall_FOM_free_R_set                   ? 
_refine.overall_FOM_work_R_set                   ? 
_refine.pdbx_average_fsc_overall                 ? 
_refine.pdbx_average_fsc_work                    0.9082 
_refine.pdbx_average_fsc_free                    0.8961 
# 
_refine_hist.pdbx_refine_id                   'X-RAY DIFFRACTION' 
_refine_hist.cycle_id                         LAST 
_refine_hist.details                          ? 
_refine_hist.d_res_high                       1.800 
_refine_hist.d_res_low                        39.238 
_refine_hist.number_atoms_solvent             51 
_refine_hist.number_atoms_total               664 
_refine_hist.number_reflns_all                ? 
_refine_hist.number_reflns_obs                ? 
_refine_hist.number_reflns_R_free             ? 
_refine_hist.number_reflns_R_work             ? 
_refine_hist.R_factor_all                     ? 
_refine_hist.R_factor_obs                     ? 
_refine_hist.R_factor_R_free                  ? 
_refine_hist.R_factor_R_work                  ? 
_refine_hist.pdbx_number_residues_total       ? 
_refine_hist.pdbx_B_iso_mean_ligand           ? 
_refine_hist.pdbx_B_iso_mean_solvent          ? 
_refine_hist.pdbx_number_atoms_protein        608 
_refine_hist.pdbx_number_atoms_nucleic_acid   0 
_refine_hist.pdbx_number_atoms_ligand         5 
_refine_hist.pdbx_number_atoms_lipid          ? 
_refine_hist.pdbx_number_atoms_carb           ? 
_refine_hist.pdbx_pseudo_atom_details         ? 
# 
loop_
_refine_ls_restr.pdbx_refine_id 
_refine_ls_restr.criterion 
_refine_ls_restr.dev_ideal 
_refine_ls_restr.dev_ideal_target 
_refine_ls_restr.number 
_refine_ls_restr.rejects 
_refine_ls_restr.type 
_refine_ls_restr.weight 
_refine_ls_restr.pdbx_restraint_function 
'X-RAY DIFFRACTION' ? 0.009  0.013  633  ? r_bond_refined_d               ? ? 
'X-RAY DIFFRACTION' ? 0.001  0.015  619  ? r_bond_other_d                 ? ? 
'X-RAY DIFFRACTION' ? 1.498  1.638  851  ? r_angle_refined_deg            ? ? 
'X-RAY DIFFRACTION' ? 1.282  1.595  1420 ? r_angle_other_deg              ? ? 
'X-RAY DIFFRACTION' ? 6.882  5.000  79   ? r_dihedral_angle_1_deg         ? ? 
'X-RAY DIFFRACTION' ? 27.720 21.389 36   ? r_dihedral_angle_2_deg         ? ? 
'X-RAY DIFFRACTION' ? 14.498 15.000 114  ? r_dihedral_angle_3_deg         ? ? 
'X-RAY DIFFRACTION' ? 11.799 15.000 6    ? r_dihedral_angle_4_deg         ? ? 
'X-RAY DIFFRACTION' ? 0.062  0.200  78   ? r_chiral_restr                 ? ? 
'X-RAY DIFFRACTION' ? 0.007  0.020  721  ? r_gen_planes_refined           ? ? 
'X-RAY DIFFRACTION' ? 0.001  0.020  151  ? r_gen_planes_other             ? ? 
'X-RAY DIFFRACTION' ? 0.180  0.200  100  ? r_nbd_refined                  ? ? 
'X-RAY DIFFRACTION' ? 0.171  0.200  538  ? r_symmetry_nbd_other           ? ? 
'X-RAY DIFFRACTION' ? 0.158  0.200  282  ? r_nbtor_refined                ? ? 
'X-RAY DIFFRACTION' ? 0.077  0.200  321  ? r_symmetry_nbtor_other         ? ? 
'X-RAY DIFFRACTION' ? 0.174  0.200  26   ? r_xyhbond_nbd_refined          ? ? 
'X-RAY DIFFRACTION' ? 0.201  0.200  13   ? r_symmetry_nbd_refined         ? ? 
'X-RAY DIFFRACTION' ? 0.254  0.200  38   ? r_nbd_other                    ? ? 
'X-RAY DIFFRACTION' ? 0.147  0.200  14   ? r_symmetry_xyhbond_nbd_refined ? ? 
'X-RAY DIFFRACTION' ? 0.074  0.200  2    ? r_symmetry_metal_ion_refined   ? ? 
'X-RAY DIFFRACTION' ? 2.681  3.261  316  ? r_mcbond_it                    ? ? 
'X-RAY DIFFRACTION' ? 2.676  3.254  315  ? r_mcbond_other                 ? ? 
'X-RAY DIFFRACTION' ? 3.851  4.858  395  ? r_mcangle_it                   ? ? 
'X-RAY DIFFRACTION' ? 3.848  4.868  396  ? r_mcangle_other                ? ? 
'X-RAY DIFFRACTION' ? 3.561  3.780  315  ? r_scbond_it                    ? ? 
'X-RAY DIFFRACTION' ? 3.556  3.782  316  ? r_scbond_other                 ? ? 
'X-RAY DIFFRACTION' ? 5.525  5.431  456  ? r_scangle_it                   ? ? 
'X-RAY DIFFRACTION' ? 5.519  5.434  457  ? r_scangle_other                ? ? 
'X-RAY DIFFRACTION' ? 7.488  37.495 661  ? r_lrange_it                    ? ? 
'X-RAY DIFFRACTION' ? 7.482  37.542 662  ? r_lrange_other                 ? ? 
# 
loop_
_refine_ls_shell.pdbx_refine_id 
_refine_ls_shell.d_res_high 
_refine_ls_shell.d_res_low 
_refine_ls_shell.number_reflns_all 
_refine_ls_shell.number_reflns_obs 
_refine_ls_shell.number_reflns_R_free 
_refine_ls_shell.number_reflns_R_work 
_refine_ls_shell.percent_reflns_obs 
_refine_ls_shell.percent_reflns_R_free 
_refine_ls_shell.R_factor_all 
_refine_ls_shell.R_factor_obs 
_refine_ls_shell.R_factor_R_free 
_refine_ls_shell.R_factor_R_free_error 
_refine_ls_shell.R_factor_R_work 
_refine_ls_shell.redundancy_reflns_all 
_refine_ls_shell.redundancy_reflns_obs 
_refine_ls_shell.wR_factor_all 
_refine_ls_shell.wR_factor_obs 
_refine_ls_shell.wR_factor_R_free 
_refine_ls_shell.wR_factor_R_work 
_refine_ls_shell.pdbx_R_complete 
_refine_ls_shell.pdbx_total_number_of_bins_used 
_refine_ls_shell.pdbx_phase_error 
_refine_ls_shell.pdbx_fsc_work 
_refine_ls_shell.pdbx_fsc_free 
'X-RAY DIFFRACTION' 1.800 1.847  . . 20 555 99.1379  . . . 0.279 . 0.306 . . . . . . . . . . . 
'X-RAY DIFFRACTION' 1.847 1.897  . . 32 510 99.8158  . . . 0.298 . 0.252 . . . . . . . . . . . 
'X-RAY DIFFRACTION' 1.897 1.952  . . 21 511 99.8124  . . . 0.314 . 0.230 . . . . . . . . . . . 
'X-RAY DIFFRACTION' 1.952 2.012  . . 19 494 99.8055  . . . 0.291 . 0.213 . . . . . . . . . . . 
'X-RAY DIFFRACTION' 2.012 2.078  . . 33 470 99.8016  . . . 0.203 . 0.187 . . . . . . . . . . . 
'X-RAY DIFFRACTION' 2.078 2.151  . . 27 461 99.7955  . . . 0.189 . 0.186 . . . . . . . . . . . 
'X-RAY DIFFRACTION' 2.151 2.232  . . 33 445 99.7912  . . . 0.336 . 0.176 . . . . . . . . . . . 
'X-RAY DIFFRACTION' 2.232 2.322  . . 26 415 100.0000 . . . 0.271 . 0.181 . . . . . . . . . . . 
'X-RAY DIFFRACTION' 2.322 2.425  . . 17 423 99.7732  . . . 0.247 . 0.176 . . . . . . . . . . . 
'X-RAY DIFFRACTION' 2.425 2.543  . . 17 393 100.0000 . . . 0.225 . 0.169 . . . . . . . . . . . 
'X-RAY DIFFRACTION' 2.543 2.680  . . 22 374 100.0000 . . . 0.266 . 0.173 . . . . . . . . . . . 
'X-RAY DIFFRACTION' 2.680 2.842  . . 17 350 100.0000 . . . 0.137 . 0.176 . . . . . . . . . . . 
'X-RAY DIFFRACTION' 2.842 3.038  . . 15 338 100.0000 . . . 0.227 . 0.179 . . . . . . . . . . . 
'X-RAY DIFFRACTION' 3.038 3.280  . . 18 314 100.0000 . . . 0.275 . 0.174 . . . . . . . . . . . 
'X-RAY DIFFRACTION' 3.280 3.591  . . 20 281 100.0000 . . . 0.251 . 0.175 . . . . . . . . . . . 
'X-RAY DIFFRACTION' 3.591 4.011  . . 8  263 100.0000 . . . 0.202 . 0.170 . . . . . . . . . . . 
'X-RAY DIFFRACTION' 4.011 4.625  . . 8  236 100.0000 . . . 0.196 . 0.162 . . . . . . . . . . . 
'X-RAY DIFFRACTION' 4.625 5.648  . . 20 184 100.0000 . . . 0.215 . 0.166 . . . . . . . . . . . 
'X-RAY DIFFRACTION' 5.648 7.921  . . 6  159 100.0000 . . . 0.167 . 0.196 . . . . . . . . . . . 
'X-RAY DIFFRACTION' 7.921 39.238 . . 8  86  98.9474  . . . 0.203 . 0.170 . . . . . . . . . . . 
# 
_struct.entry_id                     7Z0I 
_struct.title                        'human PEX13 SH3 domain' 
_struct.pdbx_model_details           ? 
_struct.pdbx_formula_weight          ? 
_struct.pdbx_formula_weight_method   ? 
_struct.pdbx_model_type_details      ? 
_struct.pdbx_CASP_flag               N 
# 
_struct_keywords.entry_id        7Z0I 
_struct_keywords.text            'PROTEIN TRANSPORT' 
_struct_keywords.pdbx_keywords   'PROTEIN TRANSPORT' 
# 
loop_
_struct_asym.id 
_struct_asym.pdbx_blank_PDB_chainid_flag 
_struct_asym.pdbx_modified 
_struct_asym.entity_id 
_struct_asym.details 
A N N 1 ? 
B N N 2 ? 
C N N 3 ? 
D N N 4 ? 
# 
_struct_ref.id                         1 
_struct_ref.db_name                    UNP 
_struct_ref.db_code                    PEX13_HUMAN 
_struct_ref.pdbx_db_accession          Q92968 
_struct_ref.pdbx_db_isoform            ? 
_struct_ref.entity_id                  1 
_struct_ref.pdbx_seq_one_letter_code   
;VTDSINWASGEDDHVVARAEYDFAAVSEEEISFRAGDMLNLALKEQQPKVRGWLLASLDGQTTGLIPANYVKILGKRKGR
KTVESS
;
_struct_ref.pdbx_align_begin           261 
# 
_struct_ref_seq.align_id                      1 
_struct_ref_seq.ref_id                        1 
_struct_ref_seq.pdbx_PDB_id_code              7Z0I 
_struct_ref_seq.pdbx_strand_id                A 
_struct_ref_seq.seq_align_beg                 1 
_struct_ref_seq.pdbx_seq_align_beg_ins_code   ? 
_struct_ref_seq.seq_align_end                 86 
_struct_ref_seq.pdbx_seq_align_end_ins_code   ? 
_struct_ref_seq.pdbx_db_accession             Q92968 
_struct_ref_seq.db_align_beg                  261 
_struct_ref_seq.pdbx_db_align_beg_ins_code    ? 
_struct_ref_seq.db_align_end                  346 
_struct_ref_seq.pdbx_db_align_end_ins_code    ? 
_struct_ref_seq.pdbx_auth_seq_align_beg       261 
_struct_ref_seq.pdbx_auth_seq_align_end       346 
# 
_pdbx_struct_assembly.id                   1 
_pdbx_struct_assembly.details              author_and_software_defined_assembly 
_pdbx_struct_assembly.method_details       PISA 
_pdbx_struct_assembly.oligomeric_details   monomeric 
_pdbx_struct_assembly.oligomeric_count     1 
# 
loop_
_pdbx_struct_assembly_prop.biol_id 
_pdbx_struct_assembly_prop.type 
_pdbx_struct_assembly_prop.value 
_pdbx_struct_assembly_prop.details 
1 'ABSA (A^2)' 230  ? 
1 MORE         -22  ? 
1 'SSA (A^2)'  5300 ? 
# 
_pdbx_struct_assembly_gen.assembly_id       1 
_pdbx_struct_assembly_gen.oper_expression   1 
_pdbx_struct_assembly_gen.asym_id_list      A,B,C,D 
# 
_pdbx_struct_assembly_auth_evidence.id                     1 
_pdbx_struct_assembly_auth_evidence.assembly_id            1 
_pdbx_struct_assembly_auth_evidence.experimental_support   'light scattering' 
_pdbx_struct_assembly_auth_evidence.details                ? 
# 
_pdbx_struct_oper_list.id                   1 
_pdbx_struct_oper_list.type                 'identity operation' 
_pdbx_struct_oper_list.name                 1_555 
_pdbx_struct_oper_list.symmetry_operation   x,y,z 
_pdbx_struct_oper_list.matrix[1][1]         1.0000000000 
_pdbx_struct_oper_list.matrix[1][2]         0.0000000000 
_pdbx_struct_oper_list.matrix[1][3]         0.0000000000 
_pdbx_struct_oper_list.vector[1]            0.0000000000 
_pdbx_struct_oper_list.matrix[2][1]         0.0000000000 
_pdbx_struct_oper_list.matrix[2][2]         1.0000000000 
_pdbx_struct_oper_list.matrix[2][3]         0.0000000000 
_pdbx_struct_oper_list.vector[2]            0.0000000000 
_pdbx_struct_oper_list.matrix[3][1]         0.0000000000 
_pdbx_struct_oper_list.matrix[3][2]         0.0000000000 
_pdbx_struct_oper_list.matrix[3][3]         1.0000000000 
_pdbx_struct_oper_list.vector[3]            0.0000000000 
# 
_struct_conf.conf_type_id            HELX_P 
_struct_conf.id                      HELX_P1 
_struct_conf.pdbx_PDB_helix_id       AA1 
_struct_conf.beg_label_comp_id       LEU 
_struct_conf.beg_label_asym_id       A 
_struct_conf.beg_label_seq_id        43 
_struct_conf.pdbx_beg_PDB_ins_code   ? 
_struct_conf.end_label_comp_id       GLN 
_struct_conf.end_label_asym_id       A 
_struct_conf.end_label_seq_id        47 
_struct_conf.pdbx_end_PDB_ins_code   ? 
_struct_conf.beg_auth_comp_id        LEU 
_struct_conf.beg_auth_asym_id        A 
_struct_conf.beg_auth_seq_id         303 
_struct_conf.end_auth_comp_id        GLN 
_struct_conf.end_auth_asym_id        A 
_struct_conf.end_auth_seq_id         307 
_struct_conf.pdbx_PDB_helix_class    5 
_struct_conf.details                 ? 
_struct_conf.pdbx_PDB_helix_length   5 
# 
_struct_conf_type.id          HELX_P 
_struct_conf_type.criteria    ? 
_struct_conf_type.reference   ? 
# 
loop_
_struct_conn.id 
_struct_conn.conn_type_id 
_struct_conn.pdbx_leaving_atom_flag 
_struct_conn.pdbx_PDB_id 
_struct_conn.ptnr1_label_asym_id 
_struct_conn.ptnr1_label_comp_id 
_struct_conn.ptnr1_label_seq_id 
_struct_conn.ptnr1_label_atom_id 
_struct_conn.pdbx_ptnr1_label_alt_id 
_struct_conn.pdbx_ptnr1_PDB_ins_code 
_struct_conn.pdbx_ptnr1_standard_comp_id 
_struct_conn.ptnr1_symmetry 
_struct_conn.ptnr2_label_asym_id 
_struct_conn.ptnr2_label_comp_id 
_struct_conn.ptnr2_label_seq_id 
_struct_conn.ptnr2_label_atom_id 
_struct_conn.pdbx_ptnr2_label_alt_id 
_struct_conn.pdbx_ptnr2_PDB_ins_code 
_struct_conn.ptnr1_auth_asym_id 
_struct_conn.ptnr1_auth_comp_id 
_struct_conn.ptnr1_auth_seq_id 
_struct_conn.ptnr2_auth_asym_id 
_struct_conn.ptnr2_auth_comp_id 
_struct_conn.ptnr2_auth_seq_id 
_struct_conn.ptnr2_symmetry 
_struct_conn.pdbx_ptnr3_label_atom_id 
_struct_conn.pdbx_ptnr3_label_seq_id 
_struct_conn.pdbx_ptnr3_label_comp_id 
_struct_conn.pdbx_ptnr3_label_asym_id 
_struct_conn.pdbx_ptnr3_label_alt_id 
_struct_conn.pdbx_ptnr3_PDB_ins_code 
_struct_conn.details 
_struct_conn.pdbx_dist_value 
_struct_conn.pdbx_value_order 
_struct_conn.pdbx_role 
metalc1 metalc ? ? A HIS 14 NE2 ? ? ? 1_555 B ZN  . ZN ? ? A HIS 274 A ZN  401 1_555 ? ? ? ? ? ? ? 2.081 ? ? 
metalc2 metalc ? ? A GLU 28 OE1 ? ? ? 1_555 B ZN  . ZN ? ? A GLU 288 A ZN  401 3_555 ? ? ? ? ? ? ? 2.609 ? ? 
metalc3 metalc ? ? A GLU 28 OE2 ? ? ? 1_555 B ZN  . ZN ? ? A GLU 288 A ZN  401 3_555 ? ? ? ? ? ? ? 1.959 ? ? 
metalc4 metalc ? ? B ZN  .  ZN  ? ? ? 1_555 D HOH . O  ? ? A ZN  401 A HOH 511 1_555 ? ? ? ? ? ? ? 1.935 ? ? 
metalc5 metalc ? ? B ZN  .  ZN  ? ? ? 1_555 D HOH . O  ? ? A ZN  401 A HOH 538 4_454 ? ? ? ? ? ? ? 2.504 ? ? 
metalc6 metalc ? ? B ZN  .  ZN  ? ? ? 1_555 D HOH . O  ? ? A ZN  401 A HOH 546 1_555 ? ? ? ? ? ? ? 2.044 ? ? 
# 
_struct_conn_type.id          metalc 
_struct_conn_type.criteria    ? 
_struct_conn_type.reference   ? 
# 
loop_
_pdbx_struct_conn_angle.id 
_pdbx_struct_conn_angle.ptnr1_label_atom_id 
_pdbx_struct_conn_angle.ptnr1_label_alt_id 
_pdbx_struct_conn_angle.ptnr1_label_asym_id 
_pdbx_struct_conn_angle.ptnr1_label_comp_id 
_pdbx_struct_conn_angle.ptnr1_label_seq_id 
_pdbx_struct_conn_angle.ptnr1_auth_atom_id 
_pdbx_struct_conn_angle.ptnr1_auth_asym_id 
_pdbx_struct_conn_angle.ptnr1_auth_comp_id 
_pdbx_struct_conn_angle.ptnr1_auth_seq_id 
_pdbx_struct_conn_angle.ptnr1_PDB_ins_code 
_pdbx_struct_conn_angle.ptnr1_symmetry 
_pdbx_struct_conn_angle.ptnr2_label_atom_id 
_pdbx_struct_conn_angle.ptnr2_label_alt_id 
_pdbx_struct_conn_angle.ptnr2_label_asym_id 
_pdbx_struct_conn_angle.ptnr2_label_comp_id 
_pdbx_struct_conn_angle.ptnr2_label_seq_id 
_pdbx_struct_conn_angle.ptnr2_auth_atom_id 
_pdbx_struct_conn_angle.ptnr2_auth_asym_id 
_pdbx_struct_conn_angle.ptnr2_auth_comp_id 
_pdbx_struct_conn_angle.ptnr2_auth_seq_id 
_pdbx_struct_conn_angle.ptnr2_PDB_ins_code 
_pdbx_struct_conn_angle.ptnr2_symmetry 
_pdbx_struct_conn_angle.ptnr3_label_atom_id 
_pdbx_struct_conn_angle.ptnr3_label_alt_id 
_pdbx_struct_conn_angle.ptnr3_label_asym_id 
_pdbx_struct_conn_angle.ptnr3_label_comp_id 
_pdbx_struct_conn_angle.ptnr3_label_seq_id 
_pdbx_struct_conn_angle.ptnr3_auth_atom_id 
_pdbx_struct_conn_angle.ptnr3_auth_asym_id 
_pdbx_struct_conn_angle.ptnr3_auth_comp_id 
_pdbx_struct_conn_angle.ptnr3_auth_seq_id 
_pdbx_struct_conn_angle.ptnr3_PDB_ins_code 
_pdbx_struct_conn_angle.ptnr3_symmetry 
_pdbx_struct_conn_angle.value 
_pdbx_struct_conn_angle.value_esd 
1  NE2 ? A HIS 14 ? A HIS 274 ? 1_555 ZN ? B ZN . ? A ZN 401 ? 1_555 OE1 ? A GLU 28 ? A GLU 288 ? 1_555 75.6  ? 
2  NE2 ? A HIS 14 ? A HIS 274 ? 1_555 ZN ? B ZN . ? A ZN 401 ? 1_555 OE2 ? A GLU 28 ? A GLU 288 ? 1_555 74.6  ? 
3  OE1 ? A GLU 28 ? A GLU 288 ? 1_555 ZN ? B ZN . ? A ZN 401 ? 1_555 OE2 ? A GLU 28 ? A GLU 288 ? 1_555 3.4   ? 
4  NE2 ? A HIS 14 ? A HIS 274 ? 1_555 ZN ? B ZN . ? A ZN 401 ? 1_555 O   ? D HOH .  ? A HOH 511 ? 1_555 105.2 ? 
5  OE1 ? A GLU 28 ? A GLU 288 ? 1_555 ZN ? B ZN . ? A ZN 401 ? 1_555 O   ? D HOH .  ? A HOH 511 ? 1_555 31.5  ? 
6  OE2 ? A GLU 28 ? A GLU 288 ? 1_555 ZN ? B ZN . ? A ZN 401 ? 1_555 O   ? D HOH .  ? A HOH 511 ? 1_555 33.6  ? 
7  NE2 ? A HIS 14 ? A HIS 274 ? 1_555 ZN ? B ZN . ? A ZN 401 ? 1_555 O   ? D HOH .  ? A HOH 538 ? 4_454 83.0  ? 
8  OE1 ? A GLU 28 ? A GLU 288 ? 1_555 ZN ? B ZN . ? A ZN 401 ? 1_555 O   ? D HOH .  ? A HOH 538 ? 4_454 145.0 ? 
9  OE2 ? A GLU 28 ? A GLU 288 ? 1_555 ZN ? B ZN . ? A ZN 401 ? 1_555 O   ? D HOH .  ? A HOH 538 ? 4_454 141.8 ? 
10 O   ? D HOH .  ? A HOH 511 ? 1_555 ZN ? B ZN . ? A ZN 401 ? 1_555 O   ? D HOH .  ? A HOH 538 ? 4_454 161.2 ? 
11 NE2 ? A HIS 14 ? A HIS 274 ? 1_555 ZN ? B ZN . ? A ZN 401 ? 1_555 O   ? D HOH .  ? A HOH 546 ? 1_555 107.0 ? 
12 OE1 ? A GLU 28 ? A GLU 288 ? 1_555 ZN ? B ZN . ? A ZN 401 ? 1_555 O   ? D HOH .  ? A HOH 546 ? 1_555 99.1  ? 
13 OE2 ? A GLU 28 ? A GLU 288 ? 1_555 ZN ? B ZN . ? A ZN 401 ? 1_555 O   ? D HOH .  ? A HOH 546 ? 1_555 96.1  ? 
14 O   ? D HOH .  ? A HOH 511 ? 1_555 ZN ? B ZN . ? A ZN 401 ? 1_555 O   ? D HOH .  ? A HOH 546 ? 1_555 100.1 ? 
15 O   ? D HOH .  ? A HOH 538 ? 4_454 ZN ? B ZN . ? A ZN 401 ? 1_555 O   ? D HOH .  ? A HOH 546 ? 1_555 61.1  ? 
# 
_struct_sheet.id               AA1 
_struct_sheet.type             ? 
_struct_sheet.number_strands   5 
_struct_sheet.details          ? 
# 
loop_
_struct_sheet_order.sheet_id 
_struct_sheet_order.range_id_1 
_struct_sheet_order.range_id_2 
_struct_sheet_order.offset 
_struct_sheet_order.sense 
AA1 1 2 ? anti-parallel 
AA1 2 3 ? anti-parallel 
AA1 3 4 ? anti-parallel 
AA1 4 5 ? anti-parallel 
# 
loop_
_struct_sheet_range.sheet_id 
_struct_sheet_range.id 
_struct_sheet_range.beg_label_comp_id 
_struct_sheet_range.beg_label_asym_id 
_struct_sheet_range.beg_label_seq_id 
_struct_sheet_range.pdbx_beg_PDB_ins_code 
_struct_sheet_range.end_label_comp_id 
_struct_sheet_range.end_label_asym_id 
_struct_sheet_range.end_label_seq_id 
_struct_sheet_range.pdbx_end_PDB_ins_code 
_struct_sheet_range.beg_auth_comp_id 
_struct_sheet_range.beg_auth_asym_id 
_struct_sheet_range.beg_auth_seq_id 
_struct_sheet_range.end_auth_comp_id 
_struct_sheet_range.end_auth_asym_id 
_struct_sheet_range.end_auth_seq_id 
AA1 1 THR A 63 ? PRO A 67 ? THR A 323 PRO A 327 
AA1 2 TRP A 53 ? SER A 57 ? TRP A 313 SER A 317 
AA1 3 MET A 38 ? LEU A 41 ? MET A 298 LEU A 301 
AA1 4 HIS A 14 ? ALA A 19 ? HIS A 274 ALA A 279 
AA1 5 VAL A 71 ? ARG A 77 ? VAL A 331 ARG A 337 
# 
loop_
_pdbx_struct_sheet_hbond.sheet_id 
_pdbx_struct_sheet_hbond.range_id_1 
_pdbx_struct_sheet_hbond.range_id_2 
_pdbx_struct_sheet_hbond.range_1_label_atom_id 
_pdbx_struct_sheet_hbond.range_1_label_comp_id 
_pdbx_struct_sheet_hbond.range_1_label_asym_id 
_pdbx_struct_sheet_hbond.range_1_label_seq_id 
_pdbx_struct_sheet_hbond.range_1_PDB_ins_code 
_pdbx_struct_sheet_hbond.range_1_auth_atom_id 
_pdbx_struct_sheet_hbond.range_1_auth_comp_id 
_pdbx_struct_sheet_hbond.range_1_auth_asym_id 
_pdbx_struct_sheet_hbond.range_1_auth_seq_id 
_pdbx_struct_sheet_hbond.range_2_label_atom_id 
_pdbx_struct_sheet_hbond.range_2_label_comp_id 
_pdbx_struct_sheet_hbond.range_2_label_asym_id 
_pdbx_struct_sheet_hbond.range_2_label_seq_id 
_pdbx_struct_sheet_hbond.range_2_PDB_ins_code 
_pdbx_struct_sheet_hbond.range_2_auth_atom_id 
_pdbx_struct_sheet_hbond.range_2_auth_comp_id 
_pdbx_struct_sheet_hbond.range_2_auth_asym_id 
_pdbx_struct_sheet_hbond.range_2_auth_seq_id 
AA1 1 2 O GLY A 64 ? O GLY A 324 N ALA A 56 ? N ALA A 316 
AA1 2 3 O SER A 57 ? O SER A 317 N ASN A 40 ? N ASN A 300 
AA1 3 4 O LEU A 41 ? O LEU A 301 N VAL A 15 ? N VAL A 275 
AA1 4 5 N HIS A 14 ? N HIS A 274 O ARG A 77 ? O ARG A 337 
# 
_pdbx_entry_details.entry_id                   7Z0I 
_pdbx_entry_details.has_ligand_of_interest     N 
_pdbx_entry_details.compound_details           ? 
_pdbx_entry_details.source_details             ? 
_pdbx_entry_details.nonpolymer_details         ? 
_pdbx_entry_details.sequence_details           ? 
_pdbx_entry_details.has_protein_modification   N 
# 
_pdbx_validate_close_contact.id               1 
_pdbx_validate_close_contact.PDB_model_num    1 
_pdbx_validate_close_contact.auth_atom_id_1   HE2 
_pdbx_validate_close_contact.auth_asym_id_1   A 
_pdbx_validate_close_contact.auth_comp_id_1   HIS 
_pdbx_validate_close_contact.auth_seq_id_1    274 
_pdbx_validate_close_contact.PDB_ins_code_1   ? 
_pdbx_validate_close_contact.label_alt_id_1   ? 
_pdbx_validate_close_contact.auth_atom_id_2   ZN 
_pdbx_validate_close_contact.auth_asym_id_2   A 
_pdbx_validate_close_contact.auth_comp_id_2   ZN 
_pdbx_validate_close_contact.auth_seq_id_2    401 
_pdbx_validate_close_contact.PDB_ins_code_2   ? 
_pdbx_validate_close_contact.label_alt_id_2   ? 
_pdbx_validate_close_contact.dist             1.26 
# 
loop_
_pdbx_validate_torsion.id 
_pdbx_validate_torsion.PDB_model_num 
_pdbx_validate_torsion.auth_comp_id 
_pdbx_validate_torsion.auth_asym_id 
_pdbx_validate_torsion.auth_seq_id 
_pdbx_validate_torsion.PDB_ins_code 
_pdbx_validate_torsion.label_alt_id 
_pdbx_validate_torsion.phi 
_pdbx_validate_torsion.psi 
1 1 ASN A 266 ? ? -100.36 53.63  
2 1 ALA A 295 ? ? -39.36  124.50 
# 
_pdbx_struct_special_symmetry.id              1 
_pdbx_struct_special_symmetry.PDB_model_num   1 
_pdbx_struct_special_symmetry.auth_asym_id    A 
_pdbx_struct_special_symmetry.auth_comp_id    HOH 
_pdbx_struct_special_symmetry.auth_seq_id     551 
_pdbx_struct_special_symmetry.PDB_ins_code    ? 
_pdbx_struct_special_symmetry.label_asym_id   D 
_pdbx_struct_special_symmetry.label_comp_id   HOH 
_pdbx_struct_special_symmetry.label_seq_id    . 
# 
loop_
_pdbx_unobs_or_zero_occ_residues.id 
_pdbx_unobs_or_zero_occ_residues.PDB_model_num 
_pdbx_unobs_or_zero_occ_residues.polymer_flag 
_pdbx_unobs_or_zero_occ_residues.occupancy_flag 
_pdbx_unobs_or_zero_occ_residues.auth_asym_id 
_pdbx_unobs_or_zero_occ_residues.auth_comp_id 
_pdbx_unobs_or_zero_occ_residues.auth_seq_id 
_pdbx_unobs_or_zero_occ_residues.PDB_ins_code 
_pdbx_unobs_or_zero_occ_residues.label_asym_id 
_pdbx_unobs_or_zero_occ_residues.label_comp_id 
_pdbx_unobs_or_zero_occ_residues.label_seq_id 
1 1 Y 1 A VAL 261 ? A VAL 1  
2 1 Y 1 A THR 262 ? A THR 2  
3 1 Y 1 A ASP 263 ? A ASP 3  
4 1 Y 1 A THR 342 ? A THR 82 
5 1 Y 1 A VAL 343 ? A VAL 83 
6 1 Y 1 A GLU 344 ? A GLU 84 
7 1 Y 1 A SER 345 ? A SER 85 
8 1 Y 1 A SER 346 ? A SER 86 
# 
loop_
_chem_comp_atom.comp_id 
_chem_comp_atom.atom_id 
_chem_comp_atom.type_symbol 
_chem_comp_atom.pdbx_aromatic_flag 
_chem_comp_atom.pdbx_stereo_config 
_chem_comp_atom.pdbx_ordinal 
ALA N    N  N N 1   
ALA CA   C  N S 2   
ALA C    C  N N 3   
ALA O    O  N N 4   
ALA CB   C  N N 5   
ALA OXT  O  N N 6   
ALA H    H  N N 7   
ALA H2   H  N N 8   
ALA HA   H  N N 9   
ALA HB1  H  N N 10  
ALA HB2  H  N N 11  
ALA HB3  H  N N 12  
ALA HXT  H  N N 13  
ARG N    N  N N 14  
ARG CA   C  N S 15  
ARG C    C  N N 16  
ARG O    O  N N 17  
ARG CB   C  N N 18  
ARG CG   C  N N 19  
ARG CD   C  N N 20  
ARG NE   N  N N 21  
ARG CZ   C  N N 22  
ARG NH1  N  N N 23  
ARG NH2  N  N N 24  
ARG OXT  O  N N 25  
ARG H    H  N N 26  
ARG H2   H  N N 27  
ARG HA   H  N N 28  
ARG HB2  H  N N 29  
ARG HB3  H  N N 30  
ARG HG2  H  N N 31  
ARG HG3  H  N N 32  
ARG HD2  H  N N 33  
ARG HD3  H  N N 34  
ARG HE   H  N N 35  
ARG HH11 H  N N 36  
ARG HH12 H  N N 37  
ARG HH21 H  N N 38  
ARG HH22 H  N N 39  
ARG HXT  H  N N 40  
ASN N    N  N N 41  
ASN CA   C  N S 42  
ASN C    C  N N 43  
ASN O    O  N N 44  
ASN CB   C  N N 45  
ASN CG   C  N N 46  
ASN OD1  O  N N 47  
ASN ND2  N  N N 48  
ASN OXT  O  N N 49  
ASN H    H  N N 50  
ASN H2   H  N N 51  
ASN HA   H  N N 52  
ASN HB2  H  N N 53  
ASN HB3  H  N N 54  
ASN HD21 H  N N 55  
ASN HD22 H  N N 56  
ASN HXT  H  N N 57  
ASP N    N  N N 58  
ASP CA   C  N S 59  
ASP C    C  N N 60  
ASP O    O  N N 61  
ASP CB   C  N N 62  
ASP CG   C  N N 63  
ASP OD1  O  N N 64  
ASP OD2  O  N N 65  
ASP OXT  O  N N 66  
ASP H    H  N N 67  
ASP H2   H  N N 68  
ASP HA   H  N N 69  
ASP HB2  H  N N 70  
ASP HB3  H  N N 71  
ASP HD2  H  N N 72  
ASP HXT  H  N N 73  
EDO C1   C  N N 74  
EDO O1   O  N N 75  
EDO C2   C  N N 76  
EDO O2   O  N N 77  
EDO H11  H  N N 78  
EDO H12  H  N N 79  
EDO HO1  H  N N 80  
EDO H21  H  N N 81  
EDO H22  H  N N 82  
EDO HO2  H  N N 83  
GLN N    N  N N 84  
GLN CA   C  N S 85  
GLN C    C  N N 86  
GLN O    O  N N 87  
GLN CB   C  N N 88  
GLN CG   C  N N 89  
GLN CD   C  N N 90  
GLN OE1  O  N N 91  
GLN NE2  N  N N 92  
GLN OXT  O  N N 93  
GLN H    H  N N 94  
GLN H2   H  N N 95  
GLN HA   H  N N 96  
GLN HB2  H  N N 97  
GLN HB3  H  N N 98  
GLN HG2  H  N N 99  
GLN HG3  H  N N 100 
GLN HE21 H  N N 101 
GLN HE22 H  N N 102 
GLN HXT  H  N N 103 
GLU N    N  N N 104 
GLU CA   C  N S 105 
GLU C    C  N N 106 
GLU O    O  N N 107 
GLU CB   C  N N 108 
GLU CG   C  N N 109 
GLU CD   C  N N 110 
GLU OE1  O  N N 111 
GLU OE2  O  N N 112 
GLU OXT  O  N N 113 
GLU H    H  N N 114 
GLU H2   H  N N 115 
GLU HA   H  N N 116 
GLU HB2  H  N N 117 
GLU HB3  H  N N 118 
GLU HG2  H  N N 119 
GLU HG3  H  N N 120 
GLU HE2  H  N N 121 
GLU HXT  H  N N 122 
GLY N    N  N N 123 
GLY CA   C  N N 124 
GLY C    C  N N 125 
GLY O    O  N N 126 
GLY OXT  O  N N 127 
GLY H    H  N N 128 
GLY H2   H  N N 129 
GLY HA2  H  N N 130 
GLY HA3  H  N N 131 
GLY HXT  H  N N 132 
HIS N    N  N N 133 
HIS CA   C  N S 134 
HIS C    C  N N 135 
HIS O    O  N N 136 
HIS CB   C  N N 137 
HIS CG   C  Y N 138 
HIS ND1  N  Y N 139 
HIS CD2  C  Y N 140 
HIS CE1  C  Y N 141 
HIS NE2  N  Y N 142 
HIS OXT  O  N N 143 
HIS H    H  N N 144 
HIS H2   H  N N 145 
HIS HA   H  N N 146 
HIS HB2  H  N N 147 
HIS HB3  H  N N 148 
HIS HD1  H  N N 149 
HIS HD2  H  N N 150 
HIS HE1  H  N N 151 
HIS HE2  H  N N 152 
HIS HXT  H  N N 153 
HOH O    O  N N 154 
HOH H1   H  N N 155 
HOH H2   H  N N 156 
ILE N    N  N N 157 
ILE CA   C  N S 158 
ILE C    C  N N 159 
ILE O    O  N N 160 
ILE CB   C  N S 161 
ILE CG1  C  N N 162 
ILE CG2  C  N N 163 
ILE CD1  C  N N 164 
ILE OXT  O  N N 165 
ILE H    H  N N 166 
ILE H2   H  N N 167 
ILE HA   H  N N 168 
ILE HB   H  N N 169 
ILE HG12 H  N N 170 
ILE HG13 H  N N 171 
ILE HG21 H  N N 172 
ILE HG22 H  N N 173 
ILE HG23 H  N N 174 
ILE HD11 H  N N 175 
ILE HD12 H  N N 176 
ILE HD13 H  N N 177 
ILE HXT  H  N N 178 
LEU N    N  N N 179 
LEU CA   C  N S 180 
LEU C    C  N N 181 
LEU O    O  N N 182 
LEU CB   C  N N 183 
LEU CG   C  N N 184 
LEU CD1  C  N N 185 
LEU CD2  C  N N 186 
LEU OXT  O  N N 187 
LEU H    H  N N 188 
LEU H2   H  N N 189 
LEU HA   H  N N 190 
LEU HB2  H  N N 191 
LEU HB3  H  N N 192 
LEU HG   H  N N 193 
LEU HD11 H  N N 194 
LEU HD12 H  N N 195 
LEU HD13 H  N N 196 
LEU HD21 H  N N 197 
LEU HD22 H  N N 198 
LEU HD23 H  N N 199 
LEU HXT  H  N N 200 
LYS N    N  N N 201 
LYS CA   C  N S 202 
LYS C    C  N N 203 
LYS O    O  N N 204 
LYS CB   C  N N 205 
LYS CG   C  N N 206 
LYS CD   C  N N 207 
LYS CE   C  N N 208 
LYS NZ   N  N N 209 
LYS OXT  O  N N 210 
LYS H    H  N N 211 
LYS H2   H  N N 212 
LYS HA   H  N N 213 
LYS HB2  H  N N 214 
LYS HB3  H  N N 215 
LYS HG2  H  N N 216 
LYS HG3  H  N N 217 
LYS HD2  H  N N 218 
LYS HD3  H  N N 219 
LYS HE2  H  N N 220 
LYS HE3  H  N N 221 
LYS HZ1  H  N N 222 
LYS HZ2  H  N N 223 
LYS HZ3  H  N N 224 
LYS HXT  H  N N 225 
MET N    N  N N 226 
MET CA   C  N S 227 
MET C    C  N N 228 
MET O    O  N N 229 
MET CB   C  N N 230 
MET CG   C  N N 231 
MET SD   S  N N 232 
MET CE   C  N N 233 
MET OXT  O  N N 234 
MET H    H  N N 235 
MET H2   H  N N 236 
MET HA   H  N N 237 
MET HB2  H  N N 238 
MET HB3  H  N N 239 
MET HG2  H  N N 240 
MET HG3  H  N N 241 
MET HE1  H  N N 242 
MET HE2  H  N N 243 
MET HE3  H  N N 244 
MET HXT  H  N N 245 
PHE N    N  N N 246 
PHE CA   C  N S 247 
PHE C    C  N N 248 
PHE O    O  N N 249 
PHE CB   C  N N 250 
PHE CG   C  Y N 251 
PHE CD1  C  Y N 252 
PHE CD2  C  Y N 253 
PHE CE1  C  Y N 254 
PHE CE2  C  Y N 255 
PHE CZ   C  Y N 256 
PHE OXT  O  N N 257 
PHE H    H  N N 258 
PHE H2   H  N N 259 
PHE HA   H  N N 260 
PHE HB2  H  N N 261 
PHE HB3  H  N N 262 
PHE HD1  H  N N 263 
PHE HD2  H  N N 264 
PHE HE1  H  N N 265 
PHE HE2  H  N N 266 
PHE HZ   H  N N 267 
PHE HXT  H  N N 268 
PRO N    N  N N 269 
PRO CA   C  N S 270 
PRO C    C  N N 271 
PRO O    O  N N 272 
PRO CB   C  N N 273 
PRO CG   C  N N 274 
PRO CD   C  N N 275 
PRO OXT  O  N N 276 
PRO H    H  N N 277 
PRO HA   H  N N 278 
PRO HB2  H  N N 279 
PRO HB3  H  N N 280 
PRO HG2  H  N N 281 
PRO HG3  H  N N 282 
PRO HD2  H  N N 283 
PRO HD3  H  N N 284 
PRO HXT  H  N N 285 
SER N    N  N N 286 
SER CA   C  N S 287 
SER C    C  N N 288 
SER O    O  N N 289 
SER CB   C  N N 290 
SER OG   O  N N 291 
SER OXT  O  N N 292 
SER H    H  N N 293 
SER H2   H  N N 294 
SER HA   H  N N 295 
SER HB2  H  N N 296 
SER HB3  H  N N 297 
SER HG   H  N N 298 
SER HXT  H  N N 299 
THR N    N  N N 300 
THR CA   C  N S 301 
THR C    C  N N 302 
THR O    O  N N 303 
THR CB   C  N R 304 
THR OG1  O  N N 305 
THR CG2  C  N N 306 
THR OXT  O  N N 307 
THR H    H  N N 308 
THR H2   H  N N 309 
THR HA   H  N N 310 
THR HB   H  N N 311 
THR HG1  H  N N 312 
THR HG21 H  N N 313 
THR HG22 H  N N 314 
THR HG23 H  N N 315 
THR HXT  H  N N 316 
TRP N    N  N N 317 
TRP CA   C  N S 318 
TRP C    C  N N 319 
TRP O    O  N N 320 
TRP CB   C  N N 321 
TRP CG   C  Y N 322 
TRP CD1  C  Y N 323 
TRP CD2  C  Y N 324 
TRP NE1  N  Y N 325 
TRP CE2  C  Y N 326 
TRP CE3  C  Y N 327 
TRP CZ2  C  Y N 328 
TRP CZ3  C  Y N 329 
TRP CH2  C  Y N 330 
TRP OXT  O  N N 331 
TRP H    H  N N 332 
TRP H2   H  N N 333 
TRP HA   H  N N 334 
TRP HB2  H  N N 335 
TRP HB3  H  N N 336 
TRP HD1  H  N N 337 
TRP HE1  H  N N 338 
TRP HE3  H  N N 339 
TRP HZ2  H  N N 340 
TRP HZ3  H  N N 341 
TRP HH2  H  N N 342 
TRP HXT  H  N N 343 
TYR N    N  N N 344 
TYR CA   C  N S 345 
TYR C    C  N N 346 
TYR O    O  N N 347 
TYR CB   C  N N 348 
TYR CG   C  Y N 349 
TYR CD1  C  Y N 350 
TYR CD2  C  Y N 351 
TYR CE1  C  Y N 352 
TYR CE2  C  Y N 353 
TYR CZ   C  Y N 354 
TYR OH   O  N N 355 
TYR OXT  O  N N 356 
TYR H    H  N N 357 
TYR H2   H  N N 358 
TYR HA   H  N N 359 
TYR HB2  H  N N 360 
TYR HB3  H  N N 361 
TYR HD1  H  N N 362 
TYR HD2  H  N N 363 
TYR HE1  H  N N 364 
TYR HE2  H  N N 365 
TYR HH   H  N N 366 
TYR HXT  H  N N 367 
VAL N    N  N N 368 
VAL CA   C  N S 369 
VAL C    C  N N 370 
VAL O    O  N N 371 
VAL CB   C  N N 372 
VAL CG1  C  N N 373 
VAL CG2  C  N N 374 
VAL OXT  O  N N 375 
VAL H    H  N N 376 
VAL H2   H  N N 377 
VAL HA   H  N N 378 
VAL HB   H  N N 379 
VAL HG11 H  N N 380 
VAL HG12 H  N N 381 
VAL HG13 H  N N 382 
VAL HG21 H  N N 383 
VAL HG22 H  N N 384 
VAL HG23 H  N N 385 
VAL HXT  H  N N 386 
ZN  ZN   ZN N N 387 
# 
loop_
_chem_comp_bond.comp_id 
_chem_comp_bond.atom_id_1 
_chem_comp_bond.atom_id_2 
_chem_comp_bond.value_order 
_chem_comp_bond.pdbx_aromatic_flag 
_chem_comp_bond.pdbx_stereo_config 
_chem_comp_bond.pdbx_ordinal 
ALA N   CA   sing N N 1   
ALA N   H    sing N N 2   
ALA N   H2   sing N N 3   
ALA CA  C    sing N N 4   
ALA CA  CB   sing N N 5   
ALA CA  HA   sing N N 6   
ALA C   O    doub N N 7   
ALA C   OXT  sing N N 8   
ALA CB  HB1  sing N N 9   
ALA CB  HB2  sing N N 10  
ALA CB  HB3  sing N N 11  
ALA OXT HXT  sing N N 12  
ARG N   CA   sing N N 13  
ARG N   H    sing N N 14  
ARG N   H2   sing N N 15  
ARG CA  C    sing N N 16  
ARG CA  CB   sing N N 17  
ARG CA  HA   sing N N 18  
ARG C   O    doub N N 19  
ARG C   OXT  sing N N 20  
ARG CB  CG   sing N N 21  
ARG CB  HB2  sing N N 22  
ARG CB  HB3  sing N N 23  
ARG CG  CD   sing N N 24  
ARG CG  HG2  sing N N 25  
ARG CG  HG3  sing N N 26  
ARG CD  NE   sing N N 27  
ARG CD  HD2  sing N N 28  
ARG CD  HD3  sing N N 29  
ARG NE  CZ   sing N N 30  
ARG NE  HE   sing N N 31  
ARG CZ  NH1  sing N N 32  
ARG CZ  NH2  doub N N 33  
ARG NH1 HH11 sing N N 34  
ARG NH1 HH12 sing N N 35  
ARG NH2 HH21 sing N N 36  
ARG NH2 HH22 sing N N 37  
ARG OXT HXT  sing N N 38  
ASN N   CA   sing N N 39  
ASN N   H    sing N N 40  
ASN N   H2   sing N N 41  
ASN CA  C    sing N N 42  
ASN CA  CB   sing N N 43  
ASN CA  HA   sing N N 44  
ASN C   O    doub N N 45  
ASN C   OXT  sing N N 46  
ASN CB  CG   sing N N 47  
ASN CB  HB2  sing N N 48  
ASN CB  HB3  sing N N 49  
ASN CG  OD1  doub N N 50  
ASN CG  ND2  sing N N 51  
ASN ND2 HD21 sing N N 52  
ASN ND2 HD22 sing N N 53  
ASN OXT HXT  sing N N 54  
ASP N   CA   sing N N 55  
ASP N   H    sing N N 56  
ASP N   H2   sing N N 57  
ASP CA  C    sing N N 58  
ASP CA  CB   sing N N 59  
ASP CA  HA   sing N N 60  
ASP C   O    doub N N 61  
ASP C   OXT  sing N N 62  
ASP CB  CG   sing N N 63  
ASP CB  HB2  sing N N 64  
ASP CB  HB3  sing N N 65  
ASP CG  OD1  doub N N 66  
ASP CG  OD2  sing N N 67  
ASP OD2 HD2  sing N N 68  
ASP OXT HXT  sing N N 69  
EDO C1  O1   sing N N 70  
EDO C1  C2   sing N N 71  
EDO C1  H11  sing N N 72  
EDO C1  H12  sing N N 73  
EDO O1  HO1  sing N N 74  
EDO C2  O2   sing N N 75  
EDO C2  H21  sing N N 76  
EDO C2  H22  sing N N 77  
EDO O2  HO2  sing N N 78  
GLN N   CA   sing N N 79  
GLN N   H    sing N N 80  
GLN N   H2   sing N N 81  
GLN CA  C    sing N N 82  
GLN CA  CB   sing N N 83  
GLN CA  HA   sing N N 84  
GLN C   O    doub N N 85  
GLN C   OXT  sing N N 86  
GLN CB  CG   sing N N 87  
GLN CB  HB2  sing N N 88  
GLN CB  HB3  sing N N 89  
GLN CG  CD   sing N N 90  
GLN CG  HG2  sing N N 91  
GLN CG  HG3  sing N N 92  
GLN CD  OE1  doub N N 93  
GLN CD  NE2  sing N N 94  
GLN NE2 HE21 sing N N 95  
GLN NE2 HE22 sing N N 96  
GLN OXT HXT  sing N N 97  
GLU N   CA   sing N N 98  
GLU N   H    sing N N 99  
GLU N   H2   sing N N 100 
GLU CA  C    sing N N 101 
GLU CA  CB   sing N N 102 
GLU CA  HA   sing N N 103 
GLU C   O    doub N N 104 
GLU C   OXT  sing N N 105 
GLU CB  CG   sing N N 106 
GLU CB  HB2  sing N N 107 
GLU CB  HB3  sing N N 108 
GLU CG  CD   sing N N 109 
GLU CG  HG2  sing N N 110 
GLU CG  HG3  sing N N 111 
GLU CD  OE1  doub N N 112 
GLU CD  OE2  sing N N 113 
GLU OE2 HE2  sing N N 114 
GLU OXT HXT  sing N N 115 
GLY N   CA   sing N N 116 
GLY N   H    sing N N 117 
GLY N   H2   sing N N 118 
GLY CA  C    sing N N 119 
GLY CA  HA2  sing N N 120 
GLY CA  HA3  sing N N 121 
GLY C   O    doub N N 122 
GLY C   OXT  sing N N 123 
GLY OXT HXT  sing N N 124 
HIS N   CA   sing N N 125 
HIS N   H    sing N N 126 
HIS N   H2   sing N N 127 
HIS CA  C    sing N N 128 
HIS CA  CB   sing N N 129 
HIS CA  HA   sing N N 130 
HIS C   O    doub N N 131 
HIS C   OXT  sing N N 132 
HIS CB  CG   sing N N 133 
HIS CB  HB2  sing N N 134 
HIS CB  HB3  sing N N 135 
HIS CG  ND1  sing Y N 136 
HIS CG  CD2  doub Y N 137 
HIS ND1 CE1  doub Y N 138 
HIS ND1 HD1  sing N N 139 
HIS CD2 NE2  sing Y N 140 
HIS CD2 HD2  sing N N 141 
HIS CE1 NE2  sing Y N 142 
HIS CE1 HE1  sing N N 143 
HIS NE2 HE2  sing N N 144 
HIS OXT HXT  sing N N 145 
HOH O   H1   sing N N 146 
HOH O   H2   sing N N 147 
ILE N   CA   sing N N 148 
ILE N   H    sing N N 149 
ILE N   H2   sing N N 150 
ILE CA  C    sing N N 151 
ILE CA  CB   sing N N 152 
ILE CA  HA   sing N N 153 
ILE C   O    doub N N 154 
ILE C   OXT  sing N N 155 
ILE CB  CG1  sing N N 156 
ILE CB  CG2  sing N N 157 
ILE CB  HB   sing N N 158 
ILE CG1 CD1  sing N N 159 
ILE CG1 HG12 sing N N 160 
ILE CG1 HG13 sing N N 161 
ILE CG2 HG21 sing N N 162 
ILE CG2 HG22 sing N N 163 
ILE CG2 HG23 sing N N 164 
ILE CD1 HD11 sing N N 165 
ILE CD1 HD12 sing N N 166 
ILE CD1 HD13 sing N N 167 
ILE OXT HXT  sing N N 168 
LEU N   CA   sing N N 169 
LEU N   H    sing N N 170 
LEU N   H2   sing N N 171 
LEU CA  C    sing N N 172 
LEU CA  CB   sing N N 173 
LEU CA  HA   sing N N 174 
LEU C   O    doub N N 175 
LEU C   OXT  sing N N 176 
LEU CB  CG   sing N N 177 
LEU CB  HB2  sing N N 178 
LEU CB  HB3  sing N N 179 
LEU CG  CD1  sing N N 180 
LEU CG  CD2  sing N N 181 
LEU CG  HG   sing N N 182 
LEU CD1 HD11 sing N N 183 
LEU CD1 HD12 sing N N 184 
LEU CD1 HD13 sing N N 185 
LEU CD2 HD21 sing N N 186 
LEU CD2 HD22 sing N N 187 
LEU CD2 HD23 sing N N 188 
LEU OXT HXT  sing N N 189 
LYS N   CA   sing N N 190 
LYS N   H    sing N N 191 
LYS N   H2   sing N N 192 
LYS CA  C    sing N N 193 
LYS CA  CB   sing N N 194 
LYS CA  HA   sing N N 195 
LYS C   O    doub N N 196 
LYS C   OXT  sing N N 197 
LYS CB  CG   sing N N 198 
LYS CB  HB2  sing N N 199 
LYS CB  HB3  sing N N 200 
LYS CG  CD   sing N N 201 
LYS CG  HG2  sing N N 202 
LYS CG  HG3  sing N N 203 
LYS CD  CE   sing N N 204 
LYS CD  HD2  sing N N 205 
LYS CD  HD3  sing N N 206 
LYS CE  NZ   sing N N 207 
LYS CE  HE2  sing N N 208 
LYS CE  HE3  sing N N 209 
LYS NZ  HZ1  sing N N 210 
LYS NZ  HZ2  sing N N 211 
LYS NZ  HZ3  sing N N 212 
LYS OXT HXT  sing N N 213 
MET N   CA   sing N N 214 
MET N   H    sing N N 215 
MET N   H2   sing N N 216 
MET CA  C    sing N N 217 
MET CA  CB   sing N N 218 
MET CA  HA   sing N N 219 
MET C   O    doub N N 220 
MET C   OXT  sing N N 221 
MET CB  CG   sing N N 222 
MET CB  HB2  sing N N 223 
MET CB  HB3  sing N N 224 
MET CG  SD   sing N N 225 
MET CG  HG2  sing N N 226 
MET CG  HG3  sing N N 227 
MET SD  CE   sing N N 228 
MET CE  HE1  sing N N 229 
MET CE  HE2  sing N N 230 
MET CE  HE3  sing N N 231 
MET OXT HXT  sing N N 232 
PHE N   CA   sing N N 233 
PHE N   H    sing N N 234 
PHE N   H2   sing N N 235 
PHE CA  C    sing N N 236 
PHE CA  CB   sing N N 237 
PHE CA  HA   sing N N 238 
PHE C   O    doub N N 239 
PHE C   OXT  sing N N 240 
PHE CB  CG   sing N N 241 
PHE CB  HB2  sing N N 242 
PHE CB  HB3  sing N N 243 
PHE CG  CD1  doub Y N 244 
PHE CG  CD2  sing Y N 245 
PHE CD1 CE1  sing Y N 246 
PHE CD1 HD1  sing N N 247 
PHE CD2 CE2  doub Y N 248 
PHE CD2 HD2  sing N N 249 
PHE CE1 CZ   doub Y N 250 
PHE CE1 HE1  sing N N 251 
PHE CE2 CZ   sing Y N 252 
PHE CE2 HE2  sing N N 253 
PHE CZ  HZ   sing N N 254 
PHE OXT HXT  sing N N 255 
PRO N   CA   sing N N 256 
PRO N   CD   sing N N 257 
PRO N   H    sing N N 258 
PRO CA  C    sing N N 259 
PRO CA  CB   sing N N 260 
PRO CA  HA   sing N N 261 
PRO C   O    doub N N 262 
PRO C   OXT  sing N N 263 
PRO CB  CG   sing N N 264 
PRO CB  HB2  sing N N 265 
PRO CB  HB3  sing N N 266 
PRO CG  CD   sing N N 267 
PRO CG  HG2  sing N N 268 
PRO CG  HG3  sing N N 269 
PRO CD  HD2  sing N N 270 
PRO CD  HD3  sing N N 271 
PRO OXT HXT  sing N N 272 
SER N   CA   sing N N 273 
SER N   H    sing N N 274 
SER N   H2   sing N N 275 
SER CA  C    sing N N 276 
SER CA  CB   sing N N 277 
SER CA  HA   sing N N 278 
SER C   O    doub N N 279 
SER C   OXT  sing N N 280 
SER CB  OG   sing N N 281 
SER CB  HB2  sing N N 282 
SER CB  HB3  sing N N 283 
SER OG  HG   sing N N 284 
SER OXT HXT  sing N N 285 
THR N   CA   sing N N 286 
THR N   H    sing N N 287 
THR N   H2   sing N N 288 
THR CA  C    sing N N 289 
THR CA  CB   sing N N 290 
THR CA  HA   sing N N 291 
THR C   O    doub N N 292 
THR C   OXT  sing N N 293 
THR CB  OG1  sing N N 294 
THR CB  CG2  sing N N 295 
THR CB  HB   sing N N 296 
THR OG1 HG1  sing N N 297 
THR CG2 HG21 sing N N 298 
THR CG2 HG22 sing N N 299 
THR CG2 HG23 sing N N 300 
THR OXT HXT  sing N N 301 
TRP N   CA   sing N N 302 
TRP N   H    sing N N 303 
TRP N   H2   sing N N 304 
TRP CA  C    sing N N 305 
TRP CA  CB   sing N N 306 
TRP CA  HA   sing N N 307 
TRP C   O    doub N N 308 
TRP C   OXT  sing N N 309 
TRP CB  CG   sing N N 310 
TRP CB  HB2  sing N N 311 
TRP CB  HB3  sing N N 312 
TRP CG  CD1  doub Y N 313 
TRP CG  CD2  sing Y N 314 
TRP CD1 NE1  sing Y N 315 
TRP CD1 HD1  sing N N 316 
TRP CD2 CE2  doub Y N 317 
TRP CD2 CE3  sing Y N 318 
TRP NE1 CE2  sing Y N 319 
TRP NE1 HE1  sing N N 320 
TRP CE2 CZ2  sing Y N 321 
TRP CE3 CZ3  doub Y N 322 
TRP CE3 HE3  sing N N 323 
TRP CZ2 CH2  doub Y N 324 
TRP CZ2 HZ2  sing N N 325 
TRP CZ3 CH2  sing Y N 326 
TRP CZ3 HZ3  sing N N 327 
TRP CH2 HH2  sing N N 328 
TRP OXT HXT  sing N N 329 
TYR N   CA   sing N N 330 
TYR N   H    sing N N 331 
TYR N   H2   sing N N 332 
TYR CA  C    sing N N 333 
TYR CA  CB   sing N N 334 
TYR CA  HA   sing N N 335 
TYR C   O    doub N N 336 
TYR C   OXT  sing N N 337 
TYR CB  CG   sing N N 338 
TYR CB  HB2  sing N N 339 
TYR CB  HB3  sing N N 340 
TYR CG  CD1  doub Y N 341 
TYR CG  CD2  sing Y N 342 
TYR CD1 CE1  sing Y N 343 
TYR CD1 HD1  sing N N 344 
TYR CD2 CE2  doub Y N 345 
TYR CD2 HD2  sing N N 346 
TYR CE1 CZ   doub Y N 347 
TYR CE1 HE1  sing N N 348 
TYR CE2 CZ   sing Y N 349 
TYR CE2 HE2  sing N N 350 
TYR CZ  OH   sing N N 351 
TYR OH  HH   sing N N 352 
TYR OXT HXT  sing N N 353 
VAL N   CA   sing N N 354 
VAL N   H    sing N N 355 
VAL N   H2   sing N N 356 
VAL CA  C    sing N N 357 
VAL CA  CB   sing N N 358 
VAL CA  HA   sing N N 359 
VAL C   O    doub N N 360 
VAL C   OXT  sing N N 361 
VAL CB  CG1  sing N N 362 
VAL CB  CG2  sing N N 363 
VAL CB  HB   sing N N 364 
VAL CG1 HG11 sing N N 365 
VAL CG1 HG12 sing N N 366 
VAL CG1 HG13 sing N N 367 
VAL CG2 HG21 sing N N 368 
VAL CG2 HG22 sing N N 369 
VAL CG2 HG23 sing N N 370 
VAL OXT HXT  sing N N 371 
# 
_pdbx_audit_support.funding_organization   'German Research Foundation (DFG)' 
_pdbx_audit_support.country                Germany 
_pdbx_audit_support.grant_number           FOR1905 
_pdbx_audit_support.ordinal                1 
# 
_pdbx_initial_refinement_model.id               1 
_pdbx_initial_refinement_model.entity_id_list   ? 
_pdbx_initial_refinement_model.type             'experimental model' 
_pdbx_initial_refinement_model.source_name      PDB 
_pdbx_initial_refinement_model.accession_code   1WXU 
_pdbx_initial_refinement_model.details          ? 
# 
_atom_sites.entry_id                    7Z0I 
_atom_sites.Cartn_transf_matrix[1][1]   ? 
_atom_sites.Cartn_transf_matrix[1][2]   ? 
_atom_sites.Cartn_transf_matrix[1][3]   ? 
_atom_sites.Cartn_transf_matrix[2][1]   ? 
_atom_sites.Cartn_transf_matrix[2][2]   ? 
_atom_sites.Cartn_transf_matrix[2][3]   ? 
_atom_sites.Cartn_transf_matrix[3][1]   ? 
_atom_sites.Cartn_transf_matrix[3][2]   ? 
_atom_sites.Cartn_transf_matrix[3][3]   ? 
_atom_sites.Cartn_transf_vector[1]      ? 
_atom_sites.Cartn_transf_vector[2]      ? 
_atom_sites.Cartn_transf_vector[3]      ? 
_atom_sites.fract_transf_matrix[1][1]   -0.02222271 
_atom_sites.fract_transf_matrix[1][2]   0.00311968 
_atom_sites.fract_transf_matrix[1][3]   0.00376342 
_atom_sites.fract_transf_matrix[2][1]   0.00479008 
_atom_sites.fract_transf_matrix[2][2]   0.01040292 
_atom_sites.fract_transf_matrix[2][3]   0.01966161 
_atom_sites.fract_transf_matrix[3][1]   0.00049380 
_atom_sites.fract_transf_matrix[3][2]   0.01012569 
_atom_sites.fract_transf_matrix[3][3]   -0.00547778 
_atom_sites.fract_transf_vector[1]      -0.146750 
_atom_sites.fract_transf_vector[2]      0.233298 
_atom_sites.fract_transf_vector[3]      0.010027 
_atom_sites.solution_primary            ? 
_atom_sites.solution_secondary          ? 
_atom_sites.solution_hydrogens          ? 
_atom_sites.special_details             ? 
# 
loop_
_atom_type.symbol 
C  
H  
N  
O  
S  
ZN 
# 
loop_
_atom_site.group_PDB 
_atom_site.id 
_atom_site.type_symbol 
_atom_site.label_atom_id 
_atom_site.label_alt_id 
_atom_site.label_comp_id 
_atom_site.label_asym_id 
_atom_site.label_entity_id 
_atom_site.label_seq_id 
_atom_site.pdbx_PDB_ins_code 
_atom_site.Cartn_x 
_atom_site.Cartn_y 
_atom_site.Cartn_z 
_atom_site.occupancy 
_atom_site.B_iso_or_equiv 
_atom_site.pdbx_formal_charge 
_atom_site.auth_seq_id 
_atom_site.auth_comp_id 
_atom_site.auth_asym_id 
_atom_site.auth_atom_id 
_atom_site.pdbx_PDB_model_num 
ATOM   1    N  N    . SER A 1 4  ? 9.111   5.348   -14.041 1.000 80.671 0 264 SER A N    1 
ATOM   2    C  CA   . SER A 1 4  ? 8.004   5.079   -13.062 1.000 82.824 0 264 SER A CA   1 
ATOM   3    C  C    . SER A 1 4  ? 7.909   3.571   -12.763 1.000 75.961 0 264 SER A C    1 
ATOM   4    O  O    . SER A 1 4  ? 7.668   2.796   -13.702 1.000 73.377 0 264 SER A O    1 
ATOM   5    C  CB   . SER A 1 4  ? 6.690   5.631   -13.571 1.000 83.841 0 264 SER A CB   1 
ATOM   6    O  OG   . SER A 1 4  ? 6.304   4.986   -14.777 1.000 86.905 0 264 SER A OG   1 
ATOM   7    H  H    . SER A 1 4  ? 8.875   5.025   -14.864 1.000 81.328 0 264 SER A H    1 
ATOM   8    H  HA   . SER A 1 4  ? 8.229   5.546   -12.220 1.000 81.220 0 264 SER A HA   1 
ATOM   9    H  HB2  . SER A 1 4  ? 5.989   5.495   -12.887 1.000 84.309 0 264 SER A HB2  1 
ATOM   10   H  HB3  . SER A 1 4  ? 6.782   6.603   -13.732 1.000 84.309 0 264 SER A HB3  1 
ATOM   11   H  HG   . SER A 1 4  ? 5.871   4.449   -15.766 0.000 79.980 0 264 SER A HG   1 
ATOM   12   N  N    . ILE A 1 5  ? 8.100   3.175   -11.499 1.000 75.768 0 265 ILE A N    1 
ATOM   13   C  CA   . ILE A 1 5  ? 7.938   1.769   -11.015 1.000 68.574 0 265 ILE A CA   1 
ATOM   14   C  C    . ILE A 1 5  ? 6.441   1.537   -10.756 1.000 61.039 0 265 ILE A C    1 
ATOM   15   O  O    . ILE A 1 5  ? 5.840   2.289   -9.938  1.000 59.092 0 265 ILE A O    1 
ATOM   16   C  CB   . ILE A 1 5  ? 8.805   1.492   -9.770  1.000 69.185 0 265 ILE A CB   1 
ATOM   17   C  CG1  . ILE A 1 5  ? 10.278  1.863   -9.981  1.000 73.179 0 265 ILE A CG1  1 
ATOM   18   C  CG2  . ILE A 1 5  ? 8.662   0.044   -9.336  1.000 71.960 0 265 ILE A CG2  1 
ATOM   19   C  CD1  . ILE A 1 5  ? 10.977  1.080   -11.085 1.000 71.670 0 265 ILE A CD1  1 
ATOM   20   H  H    . ILE A 1 5  ? 8.335   3.756   -10.838 1.000 74.053 0 265 ILE A H    1 
ATOM   21   H  HA   . ILE A 1 5  ? 8.224   1.167   -11.725 1.000 68.406 0 265 ILE A HA   1 
ATOM   22   H  HB   . ILE A 1 5  ? 8.459   2.059   -9.036  1.000 70.335 0 265 ILE A HB   1 
ATOM   23   H  HG12 . ILE A 1 5  ? 10.335  2.819   -10.192 1.000 71.878 0 265 ILE A HG12 1 
ATOM   24   H  HG13 . ILE A 1 5  ? 10.760  1.714   -9.140  1.000 71.866 0 265 ILE A HG13 1 
ATOM   25   H  HG21 . ILE A 1 5  ? 7.835   -0.065  -8.835  1.000 70.960 0 265 ILE A HG21 1 
ATOM   26   H  HG22 . ILE A 1 5  ? 9.416   -0.204  -8.772  1.000 70.983 0 265 ILE A HG22 1 
ATOM   27   H  HG23 . ILE A 1 5  ? 8.643   -0.532  -10.121 1.000 71.037 0 265 ILE A HG23 1 
ATOM   28   H  HD11 . ILE A 1 5  ? 10.928  0.128   -10.893 1.000 72.127 0 265 ILE A HD11 1 
ATOM   29   H  HD12 . ILE A 1 5  ? 11.911  1.350   -11.133 1.000 72.127 0 265 ILE A HD12 1 
ATOM   30   H  HD13 . ILE A 1 5  ? 10.546  1.261   -11.938 1.000 72.115 0 265 ILE A HD13 1 
ATOM   31   N  N    . ASN A 1 6  ? 5.854   0.555   -11.447 1.000 47.280 0 266 ASN A N    1 
ATOM   32   C  CA   . ASN A 1 6  ? 4.384   0.344   -11.513 1.000 46.823 0 266 ASN A CA   1 
ATOM   33   C  C    . ASN A 1 6  ? 4.014   -0.786  -10.537 1.000 39.164 0 266 ASN A C    1 
ATOM   34   O  O    . ASN A 1 6  ? 3.404   -1.761  -10.951 1.000 38.442 0 266 ASN A O    1 
ATOM   35   C  CB   . ASN A 1 6  ? 3.936   0.092   -12.954 1.000 52.072 0 266 ASN A CB   1 
ATOM   36   C  CG   . ASN A 1 6  ? 4.337   1.210   -13.900 1.000 55.896 0 266 ASN A CG   1 
ATOM   37   O  OD1  . ASN A 1 6  ? 4.171   2.388   -13.595 1.000 60.131 0 266 ASN A OD1  1 
ATOM   38   N  ND2  . ASN A 1 6  ? 4.886   0.848   -15.047 1.000 57.134 0 266 ASN A ND2  1 
ATOM   39   H  H    . ASN A 1 6  ? 6.329   -0.055  -11.926 1.000 50.167 0 266 ASN A H    1 
ATOM   40   H  HA   . ASN A 1 6  ? 3.943   1.170   -11.209 1.000 46.299 0 266 ASN A HA   1 
ATOM   41   H  HB2  . ASN A 1 6  ? 4.331   -0.748  -13.266 1.000 51.630 0 266 ASN A HB2  1 
ATOM   42   H  HB3  . ASN A 1 6  ? 2.963   -0.006  -12.971 1.000 51.618 0 266 ASN A HB3  1 
ATOM   43   H  HD21 . ASN A 1 6  ? 5.560   1.315   -15.380 1.000 56.746 0 266 ASN A HD21 1 
ATOM   44   H  HD22 . ASN A 1 6  ? 4.582   0.142   -15.480 1.000 56.734 0 266 ASN A HD22 1 
ATOM   45   N  N    . TRP A 1 7  ? 4.419   -0.657  -9.278  1.000 33.832 0 267 TRP A N    1 
ATOM   46   C  CA   . TRP A 1 7  ? 4.025   -1.576  -8.176  1.000 32.542 0 267 TRP A CA   1 
ATOM   47   C  C    . TRP A 1 7  ? 2.532   -1.389  -7.866  1.000 32.051 0 267 TRP A C    1 
ATOM   48   O  O    . TRP A 1 7  ? 1.892   -2.382  -7.517  1.000 33.578 0 267 TRP A O    1 
ATOM   49   C  CB   . TRP A 1 7  ? 4.888   -1.329  -6.929  1.000 33.012 0 267 TRP A CB   1 
ATOM   50   C  CG   . TRP A 1 7  ? 4.797   0.073   -6.415  1.000 32.633 0 267 TRP A CG   1 
ATOM   51   C  CD1  . TRP A 1 7  ? 5.678   1.089   -6.650  1.000 31.339 0 267 TRP A CD1  1 
ATOM   52   C  CD2  . TRP A 1 7  ? 3.779   0.611   -5.542  1.000 32.337 0 267 TRP A CD2  1 
ATOM   53   N  NE1  . TRP A 1 7  ? 5.277   2.229   -5.999  1.000 31.808 0 267 TRP A NE1  1 
ATOM   54   C  CE2  . TRP A 1 7  ? 4.109   1.970   -5.317  1.000 34.190 0 267 TRP A CE2  1 
ATOM   55   C  CE3  . TRP A 1 7  ? 2.613   0.094   -4.957  1.000 32.612 0 267 TRP A CE3  1 
ATOM   56   C  CZ2  . TRP A 1 7  ? 3.319   2.810   -4.532  1.000 32.670 0 267 TRP A CZ2  1 
ATOM   57   C  CZ3  . TRP A 1 7  ? 1.833   0.928   -4.184  1.000 28.780 0 267 TRP A CZ3  1 
ATOM   58   C  CH2  . TRP A 1 7  ? 2.188   2.265   -3.972  1.000 30.328 0 267 TRP A CH2  1 
ATOM   59   H  H    . TRP A 1 7  ? 4.973   0.010   -9.009  1.000 34.773 0 267 TRP A H    1 
ATOM   60   H  HA   . TRP A 1 7  ? 4.178   -2.501  -8.479  1.000 32.787 0 267 TRP A HA   1 
ATOM   61   H  HB2  . TRP A 1 7  ? 4.604   -1.949  -6.227  1.000 32.806 0 267 TRP A HB2  1 
ATOM   62   H  HB3  . TRP A 1 7  ? 5.820   -1.532  -7.151  1.000 32.810 0 267 TRP A HB3  1 
ATOM   63   H  HD1  . TRP A 1 7  ? 6.458   1.022   -7.178  1.000 31.746 0 267 TRP A HD1  1 
ATOM   64   H  HE1  . TRP A 1 7  ? 5.694   2.994   -6.023  1.000 32.190 0 267 TRP A HE1  1 
ATOM   65   H  HE3  . TRP A 1 7  ? 2.363   -0.805  -5.097  1.000 31.639 0 267 TRP A HE3  1 
ATOM   66   H  HZ2  . TRP A 1 7  ? 3.558   3.710   -4.387  1.000 32.344 0 267 TRP A HZ2  1 
ATOM   67   H  HZ3  . TRP A 1 7  ? 1.052   0.587   -3.777  1.000 30.249 0 267 TRP A HZ3  1 
ATOM   68   H  HH2  . TRP A 1 7  ? 1.640   2.805   -3.429  1.000 30.673 0 267 TRP A HH2  1 
ATOM   69   N  N    . ALA A 1 8  ? 1.981   -0.178  -8.006  1.000 33.906 0 268 ALA A N    1 
ATOM   70   C  CA   . ALA A 1 8  ? 0.590   0.121   -7.571  1.000 31.956 0 268 ALA A CA   1 
ATOM   71   C  C    . ALA A 1 8  ? -0.389  -0.698  -8.409  1.000 34.981 0 268 ALA A C    1 
ATOM   72   O  O    . ALA A 1 8  ? -1.306  -1.272  -7.823  1.000 30.926 0 268 ALA A O    1 
ATOM   73   C  CB   . ALA A 1 8  ? 0.255   1.581   -7.661  1.000 34.962 0 268 ALA A CB   1 
ATOM   74   H  H    . ALA A 1 8  ? 2.406   0.544   -8.366  1.000 33.006 0 268 ALA A H    1 
ATOM   75   H  HA   . ALA A 1 8  ? 0.496   -0.161  -6.631  1.000 33.441 0 268 ALA A HA   1 
ATOM   76   H  HB1  . ALA A 1 8  ? -0.574  1.755   -7.185  1.000 33.996 0 268 ALA A HB1  1 
ATOM   77   H  HB2  . ALA A 1 8  ? 0.972   2.103   -7.263  1.000 33.999 0 268 ALA A HB2  1 
ATOM   78   H  HB3  . ALA A 1 8  ? 0.151   1.835   -8.594  1.000 34.018 0 268 ALA A HB3  1 
ATOM   79   N  N    . SER A 1 9  ? -0.185  -0.726  -9.731  1.000 32.534 0 269 SER A N    1 
ATOM   80   C  CA   . SER A 1 9  ? -0.985  -1.515  -10.699 1.000 38.343 0 269 SER A CA   1 
ATOM   81   C  C    . SER A 1 9  ? -0.707  -3.013  -10.551 1.000 38.259 0 269 SER A C    1 
ATOM   82   O  O    . SER A 1 9  ? -1.455  -3.779  -11.180 1.000 38.037 0 269 SER A O    1 
ATOM   83   C  CB   . SER A 1 9  ? -0.701  -1.087  -12.123 1.000 38.176 0 269 SER A CB   1 
ATOM   84   O  OG   . SER A 1 9  ? 0.631   -1.447  -12.498 1.000 39.421 0 269 SER A OG   1 
ATOM   85   H  H    . SER A 1 9  ? 0.476   -0.246  -10.141 1.000 34.401 0 269 SER A H    1 
ATOM   86   H  HA   . SER A 1 9  ? -1.942  -1.356  -10.507 1.000 37.113 0 269 SER A HA   1 
ATOM   87   H  HB2  . SER A 1 9  ? -1.346  -1.523  -12.733 1.000 38.505 0 269 SER A HB2  1 
ATOM   88   H  HB3  . SER A 1 9  ? -0.813  -0.108  -12.202 1.000 38.505 0 269 SER A HB3  1 
ATOM   89   H  HG   . SER A 1 9  ? 0.746   -1.207  -13.286 0.000 39.730 0 269 SER A HG   1 
ATOM   90   N  N    . GLY A 1 10 ? 0.374   -3.404  -9.856  1.000 37.545 0 270 GLY A N    1 
ATOM   91   C  CA   . GLY A 1 10 ? 0.884   -4.791  -9.827  1.000 37.275 0 270 GLY A CA   1 
ATOM   92   C  C    . GLY A 1 10 ? 1.551   -5.209  -11.138 1.000 36.789 0 270 GLY A C    1 
ATOM   93   O  O    . GLY A 1 10 ? 1.821   -6.452  -11.307 1.000 36.505 0 270 GLY A O    1 
ATOM   94   H  H    . GLY A 1 10 ? 0.869   -2.827  -9.363  1.000 37.613 0 270 GLY A H    1 
ATOM   95   H  HA2  . GLY A 1 10 ? 1.538   -4.874  -9.089  1.000 37.215 0 270 GLY A HA2  1 
ATOM   96   H  HA3  . GLY A 1 10 ? 0.131   -5.405  -9.635  1.000 37.221 0 270 GLY A HA3  1 
ATOM   97   N  N    . GLU A 1 11 ? 1.848   -4.261  -12.038 1.000 37.622 0 271 GLU A N    1 
ATOM   98   C  CA   . GLU A 1 11 ? 2.540   -4.580  -13.325 1.000 36.688 0 271 GLU A CA   1 
ATOM   99   C  C    . GLU A 1 11 ? 3.994   -4.928  -12.995 1.000 34.267 0 271 GLU A C    1 
ATOM   100  O  O    . GLU A 1 11 ? 4.546   -5.855  -13.617 1.000 38.174 0 271 GLU A O    1 
ATOM   101  C  CB   . GLU A 1 11 ? 2.438   -3.441  -14.342 1.000 42.916 0 271 GLU A CB   1 
ATOM   102  C  CG   . GLU A 1 11 ? 1.123   -3.420  -15.112 1.000 49.212 0 271 GLU A CG   1 
ATOM   103  C  CD   . GLU A 1 11 ? 0.857   -4.654  -15.964 1.000 53.530 0 271 GLU A CD   1 
ATOM   104  O  OE1  . GLU A 1 11 ? 1.764   -5.050  -16.729 1.000 60.212 0 271 GLU A OE1  1 
ATOM   105  O  OE2  . GLU A 1 11 ? -0.250  -5.227  -15.856 1.000 49.599 0 271 GLU A OE2  1 
ATOM   106  H  H    . GLU A 1 11 ? 1.664   -3.378  -11.917 1.000 37.234 0 271 GLU A H    1 
ATOM   107  H  HA   . GLU A 1 11 ? 2.112   -5.380  -13.708 1.000 37.513 0 271 GLU A HA   1 
ATOM   108  H  HB2  . GLU A 1 11 ? 2.546   -2.589  -13.872 1.000 42.695 0 271 GLU A HB2  1 
ATOM   109  H  HB3  . GLU A 1 11 ? 3.175   -3.527  -14.981 1.000 42.718 0 271 GLU A HB3  1 
ATOM   110  H  HG2  . GLU A 1 11 ? 0.385   -3.321  -14.472 1.000 48.604 0 271 GLU A HG2  1 
ATOM   111  H  HG3  . GLU A 1 11 ? 1.112   -2.633  -15.697 1.000 48.603 0 271 GLU A HG3  1 
ATOM   112  N  N    . ASP A 1 12 ? 4.598   -4.224  -12.037 1.000 33.645 0 272 ASP A N    1 
ATOM   113  C  CA   . ASP A 1 12 ? 5.953   -4.559  -11.522 1.000 35.941 0 272 ASP A CA   1 
ATOM   114  C  C    . ASP A 1 12 ? 5.818   -5.287  -10.179 1.000 38.130 0 272 ASP A C    1 
ATOM   115  O  O    . ASP A 1 12 ? 4.691   -5.382  -9.666  1.000 35.687 0 272 ASP A O    1 
ATOM   116  C  CB   . ASP A 1 12 ? 6.825   -3.307  -11.405 1.000 37.494 0 272 ASP A CB   1 
ATOM   117  C  CG   . ASP A 1 12 ? 7.103   -2.682  -12.765 1.000 38.698 0 272 ASP A CG   1 
ATOM   118  O  OD1  . ASP A 1 12 ? 7.284   -3.445  -13.712 1.000 47.028 0 272 ASP A OD1  1 
ATOM   119  O  OD2  . ASP A 1 12 ? 7.093   -1.453  -12.862 1.000 39.439 0 272 ASP A OD2  1 
ATOM   120  H  H    . ASP A 1 12 ? 4.223   -3.489  -11.649 1.000 34.335 0 272 ASP A H    1 
ATOM   121  H  HA   . ASP A 1 12 ? 6.383   -5.172  -12.161 1.000 36.203 0 272 ASP A HA   1 
ATOM   122  H  HB2  . ASP A 1 12 ? 6.372   -2.647  -10.842 1.000 37.402 0 272 ASP A HB2  1 
ATOM   123  H  HB3  . ASP A 1 12 ? 7.678   -3.539  -10.985 1.000 37.393 0 272 ASP A HB3  1 
ATOM   124  N  N    . ASP A 1 13 ? 6.928   -5.809  -9.661  1.000 33.380 0 273 ASP A N    1 
ATOM   125  C  CA   . ASP A 1 13 ? 6.978   -6.540  -8.368  1.000 34.556 0 273 ASP A CA   1 
ATOM   126  C  C    . ASP A 1 13 ? 6.454   -5.601  -7.284  1.000 33.891 0 273 ASP A C    1 
ATOM   127  O  O    . ASP A 1 13 ? 6.706   -4.385  -7.356  1.000 31.350 0 273 ASP A O    1 
ATOM   128  C  CB   . ASP A 1 13 ? 8.383   -7.043  -8.015  1.000 32.605 0 273 ASP A CB   1 
ATOM   129  C  CG   . ASP A 1 13 ? 8.927   -8.052  -9.007  1.000 36.535 0 273 ASP A CG   1 
ATOM   130  O  OD1  . ASP A 1 13 ? 8.155   -8.530  -9.861  1.000 36.292 0 273 ASP A OD1  1 
ATOM   131  O  OD2  . ASP A 1 13 ? 10.127  -8.361  -8.914  1.000 43.312 0 273 ASP A OD2  1 
ATOM   132  H  H    . ASP A 1 13 ? 7.736   -5.742  -10.076 1.000 34.732 0 273 ASP A H    1 
ATOM   133  H  HA   . ASP A 1 13 ? 6.375   -7.316  -8.430  1.000 33.827 0 273 ASP A HA   1 
ATOM   134  H  HB2  . ASP A 1 13 ? 8.996   -6.281  -7.987  1.000 33.970 0 273 ASP A HB2  1 
ATOM   135  H  HB3  . ASP A 1 13 ? 8.364   -7.457  -7.129  1.000 33.955 0 273 ASP A HB3  1 
ATOM   136  N  N    . HIS A 1 14 ? 5.792   -6.170  -6.281  1.000 32.645 0 274 HIS A N    1 
ATOM   137  C  CA   . HIS A 1 14 ? 5.033   -5.416  -5.262  1.000 31.231 0 274 HIS A CA   1 
ATOM   138  C  C    . HIS A 1 14 ? 4.863   -6.308  -4.034  1.000 30.794 0 274 HIS A C    1 
ATOM   139  O  O    . HIS A 1 14 ? 5.087   -7.519  -4.144  1.000 35.666 0 274 HIS A O    1 
ATOM   140  C  CB   . HIS A 1 14 ? 3.685   -4.934  -5.821  1.000 30.165 0 274 HIS A CB   1 
ATOM   141  C  CG   . HIS A 1 14 ? 2.886   -5.992  -6.501  1.000 32.143 0 274 HIS A CG   1 
ATOM   142  N  ND1  . HIS A 1 14 ? 3.248   -6.489  -7.741  1.000 32.921 0 274 HIS A ND1  1 
ATOM   143  C  CD2  . HIS A 1 14 ? 1.766   -6.667  -6.129  1.000 32.412 0 274 HIS A CD2  1 
ATOM   144  C  CE1  . HIS A 1 14 ? 2.387   -7.422  -8.100  1.000 37.269 0 274 HIS A CE1  1 
ATOM   145  N  NE2  . HIS A 1 14 ? 1.480   -7.569  -7.126  1.000 33.220 0 274 HIS A NE2  1 
ATOM   146  H  H    . HIS A 1 14 ? 5.755   -7.072  -6.152  1.000 32.595 0 274 HIS A H    1 
ATOM   147  H  HA   . HIS A 1 14 ? 5.568   -4.630  -5.001  1.000 31.209 0 274 HIS A HA   1 
ATOM   148  H  HB2  . HIS A 1 14 ? 3.153   -4.563  -5.083  1.000 30.871 0 274 HIS A HB2  1 
ATOM   149  H  HB3  . HIS A 1 14 ? 3.852   -4.206  -6.461  1.000 30.874 0 274 HIS A HB3  1 
ATOM   150  H  HD1  . HIS A 1 14 ? 3.949   -6.237  -8.207  0.000 32.400 0 274 HIS A HD1  1 
ATOM   151  H  HD2  . HIS A 1 14 ? 1.291   -6.562  -5.326  1.000 32.586 0 274 HIS A HD2  1 
ATOM   152  H  HE1  . HIS A 1 14 ? 2.415   -7.911  -8.905  1.000 35.113 0 274 HIS A HE1  1 
ATOM   153  H  HE2  . HIS A 1 14 ? 0.810   -8.143  -7.158  0.000 33.160 0 274 HIS A HE2  1 
ATOM   154  N  N    . VAL A 1 15 ? 4.543   -5.690  -2.908  1.000 28.742 0 275 VAL A N    1 
ATOM   155  C  CA   . VAL A 1 15 ? 4.189   -6.386  -1.645  1.000 28.373 0 275 VAL A CA   1 
ATOM   156  C  C    . VAL A 1 15 ? 2.665   -6.298  -1.503  1.000 28.150 0 275 VAL A C    1 
ATOM   157  O  O    . VAL A 1 15 ? 2.076   -5.304  -1.939  1.000 28.892 0 275 VAL A O    1 
ATOM   158  C  CB   . VAL A 1 15 ? 4.978   -5.789  -0.468  1.000 31.332 0 275 VAL A CB   1 
ATOM   159  C  CG1  . VAL A 1 15 ? 4.417   -6.186  0.882   1.000 31.900 0 275 VAL A CG1  1 
ATOM   160  C  CG2  . VAL A 1 15 ? 6.453   -6.172  -0.566  1.000 33.185 0 275 VAL A CG2  1 
ATOM   161  H  H    . VAL A 1 15 ? 4.520   -4.783  -2.840  1.000 29.134 0 275 VAL A H    1 
ATOM   162  H  HA   . VAL A 1 15 ? 4.433   -7.323  -1.733  1.000 28.970 0 275 VAL A HA   1 
ATOM   163  H  HB   . VAL A 1 15 ? 4.917   -4.805  -0.540  1.000 31.185 0 275 VAL A HB   1 
ATOM   164  H  HG11 . VAL A 1 15 ? 3.652   -5.624  1.096   1.000 31.717 0 275 VAL A HG11 1 
ATOM   165  H  HG12 . VAL A 1 15 ? 5.101   -6.073  1.565   1.000 31.726 0 275 VAL A HG12 1 
ATOM   166  H  HG13 . VAL A 1 15 ? 4.137   -7.118  0.858   1.000 31.717 0 275 VAL A HG13 1 
ATOM   167  H  HG21 . VAL A 1 15 ? 6.548   -7.134  -0.454  1.000 32.605 0 275 VAL A HG21 1 
ATOM   168  H  HG22 . VAL A 1 15 ? 6.955   -5.714  0.131   1.000 32.603 0 275 VAL A HG22 1 
ATOM   169  H  HG23 . VAL A 1 15 ? 6.800   -5.913  -1.438  1.000 32.612 0 275 VAL A HG23 1 
ATOM   170  N  N    . VAL A 1 16 ? 2.030   -7.314  -0.940  1.000 27.845 0 276 VAL A N    1 
ATOM   171  C  CA   . VAL A 1 16 ? 0.565   -7.242  -0.672  1.000 28.134 0 276 VAL A CA   1 
ATOM   172  C  C    . VAL A 1 16 ? 0.367   -7.288  0.840   1.000 26.146 0 276 VAL A C    1 
ATOM   173  O  O    . VAL A 1 16 ? 1.148   -7.949  1.550   1.000 26.933 0 276 VAL A O    1 
ATOM   174  C  CB   . VAL A 1 16 ? -0.253  -8.318  -1.403  1.000 29.306 0 276 VAL A CB   1 
ATOM   175  C  CG1  . VAL A 1 16 ? -0.209  -8.084  -2.902  1.000 29.857 0 276 VAL A CG1  1 
ATOM   176  C  CG2  . VAL A 1 16 ? 0.176   -9.740  -1.044  1.000 32.663 0 276 VAL A CG2  1 
ATOM   177  H  H    . VAL A 1 16 ? 2.434   -8.087  -0.679  1.000 28.005 0 276 VAL A H    1 
ATOM   178  H  HA   . VAL A 1 16 ? 0.251   -6.377  -0.982  1.000 27.887 0 276 VAL A HA   1 
ATOM   179  H  HB   . VAL A 1 16 ? -1.193  -8.211  -1.116  1.000 29.792 0 276 VAL A HB   1 
ATOM   180  H  HG11 . VAL A 1 16 ? -0.585  -7.211  -3.106  1.000 29.683 0 276 VAL A HG11 1 
ATOM   181  H  HG12 . VAL A 1 16 ? -0.726  -8.773  -3.354  1.000 29.685 0 276 VAL A HG12 1 
ATOM   182  H  HG13 . VAL A 1 16 ? 0.714   -8.119  -3.210  1.000 29.682 0 276 VAL A HG13 1 
ATOM   183  H  HG21 . VAL A 1 16 ? 1.119   -9.857  -1.245  1.000 31.568 0 276 VAL A HG21 1 
ATOM   184  H  HG22 . VAL A 1 16 ? -0.347  -10.376 -1.562  1.000 31.581 0 276 VAL A HG22 1 
ATOM   185  H  HG23 . VAL A 1 16 ? 0.024   -9.897  -0.095  1.000 31.566 0 276 VAL A HG23 1 
ATOM   186  N  N    . ALA A 1 17 ? -0.679  -6.610  1.294   1.000 24.655 0 277 ALA A N    1 
ATOM   187  C  CA   . ALA A 1 17 ? -1.027  -6.493  2.718   1.000 24.746 0 277 ALA A CA   1 
ATOM   188  C  C    . ALA A 1 17 ? -2.541  -6.599  2.813   1.000 22.865 0 277 ALA A C    1 
ATOM   189  O  O    . ALA A 1 17 ? -3.204  -6.268  1.811   1.000 27.033 0 277 ALA A O    1 
ATOM   190  C  CB   . ALA A 1 17 ? -0.551  -5.198  3.294   1.000 25.365 0 277 ALA A CB   1 
ATOM   191  H  H    . ALA A 1 17 ? -1.260  -6.159  0.753   1.000 25.028 0 277 ALA A H    1 
ATOM   192  H  HA   . ALA A 1 17 ? -0.621  -7.242  3.212   1.000 24.479 0 277 ALA A HA   1 
ATOM   193  H  HB1  . ALA A 1 17 ? -0.761  -5.167  4.243   1.000 25.174 0 277 ALA A HB1  1 
ATOM   194  H  HB2  . ALA A 1 17 ? 0.410   -5.122  3.174   1.000 25.172 0 277 ALA A HB2  1 
ATOM   195  H  HB3  . ALA A 1 17 ? -0.993  -4.459  2.843   1.000 25.168 0 277 ALA A HB3  1 
ATOM   196  N  N    . ARG A 1 18 ? -3.029  -7.139  3.918   1.000 22.783 0 278 ARG A N    1 
ATOM   197  C  CA   . ARG A 1 18 ? -4.472  -7.204  4.221   1.000 23.826 0 278 ARG A CA   1 
ATOM   198  C  C    . ARG A 1 18 ? -4.828  -6.195  5.321   1.000 25.268 0 278 ARG A C    1 
ATOM   199  O  O    . ARG A 1 18 ? -4.233  -6.263  6.397   1.000 27.093 0 278 ARG A O    1 
ATOM   200  C  CB   . ARG A 1 18 ? -4.847  -8.606  4.701   1.000 25.607 0 278 ARG A CB   1 
ATOM   201  C  CG   . ARG A 1 18 ? -6.336  -8.769  4.985   1.000 26.411 0 278 ARG A CG   1 
ATOM   202  C  CD   . ARG A 1 18 ? -6.681  -10.176 5.480   1.000 29.470 0 278 ARG A CD   1 
ATOM   203  N  NE   . ARG A 1 18 ? -8.107  -10.281 5.752   1.000 30.519 0 278 ARG A NE   1 
ATOM   204  C  CZ   . ARG A 1 18 ? -8.677  -9.896  6.890   1.000 36.320 0 278 ARG A CZ   1 
ATOM   205  N  NH1  . ARG A 1 18 ? -7.937  -9.349  7.842   1.000 34.714 0 278 ARG A NH1  1 
ATOM   206  N  NH2  . ARG A 1 18 ? -9.989  -10.004 7.061   1.000 36.889 0 278 ARG A NH2  1 
ATOM   207  H  H    . ARG A 1 18 ? -2.498  -7.505  4.565   1.000 23.057 0 278 ARG A H    1 
ATOM   208  H  HA   . ARG A 1 18 ? -4.985  -6.991  3.402   1.000 24.231 0 278 ARG A HA   1 
ATOM   209  H  HB2  . ARG A 1 18 ? -4.580  -9.260  4.009   1.000 25.375 0 278 ARG A HB2  1 
ATOM   210  H  HB3  . ARG A 1 18 ? -4.337  -8.807  5.524   1.000 25.366 0 278 ARG A HB3  1 
ATOM   211  H  HG2  . ARG A 1 18 ? -6.613  -8.112  5.672   1.000 26.907 0 278 ARG A HG2  1 
ATOM   212  H  HG3  . ARG A 1 18 ? -6.849  -8.582  4.161   1.000 26.905 0 278 ARG A HG3  1 
ATOM   213  H  HD2  . ARG A 1 18 ? -6.430  -10.837 4.788   1.000 28.964 0 278 ARG A HD2  1 
ATOM   214  H  HD3  . ARG A 1 18 ? -6.166  -10.380 6.298   1.000 28.996 0 278 ARG A HD3  1 
ATOM   215  H  HE   . ARG A 1 18 ? -8.634  -10.641 5.118   1.000 31.777 0 278 ARG A HE   1 
ATOM   216  H  HH11 . ARG A 1 18 ? -7.049  -9.257  7.736   1.000 35.007 0 278 ARG A HH11 1 
ATOM   217  H  HH12 . ARG A 1 18 ? -8.324  -9.081  8.608   1.000 35.047 0 278 ARG A HH12 1 
ATOM   218  H  HH21 . ARG A 1 18 ? -10.496 -10.371 6.415   1.000 36.378 0 278 ARG A HH21 1 
ATOM   219  H  HH22 . ARG A 1 18 ? -10.366 -9.737  7.832   1.000 36.378 0 278 ARG A HH22 1 
ATOM   220  N  N    . ALA A 1 19 ? -5.877  -5.413  5.088   1.000 26.291 0 279 ALA A N    1 
ATOM   221  C  CA   . ALA A 1 19 ? -6.362  -4.386  6.026   1.000 26.932 0 279 ALA A CA   1 
ATOM   222  C  C    . ALA A 1 19 ? -7.064  -5.093  7.182   1.000 30.314 0 279 ALA A C    1 
ATOM   223  O  O    . ALA A 1 19 ? -7.964  -5.916  6.917   1.000 28.381 0 279 ALA A O    1 
ATOM   224  C  CB   . ALA A 1 19 ? -7.245  -3.426  5.306   1.000 27.630 0 279 ALA A CB   1 
ATOM   225  H  H    . ALA A 1 19 ? -6.379  -5.459  4.330   1.000 26.190 0 279 ALA A H    1 
ATOM   226  H  HA   . ALA A 1 19 ? -5.584  -3.896  6.382   1.000 27.553 0 279 ALA A HA   1 
ATOM   227  H  HB1  . ALA A 1 19 ? -7.552  -2.740  5.923   1.000 27.413 0 279 ALA A HB1  1 
ATOM   228  H  HB2  . ALA A 1 19 ? -6.750  -3.011  4.580   1.000 27.413 0 279 ALA A HB2  1 
ATOM   229  H  HB3  . ALA A 1 19 ? -8.011  -3.901  4.944   1.000 27.413 0 279 ALA A HB3  1 
ATOM   230  N  N    . GLU A 1 20 ? -6.668  -4.765  8.417   1.000 28.303 0 280 GLU A N    1 
ATOM   231  C  CA   . GLU A 1 20 ? -7.301  -5.299  9.636   1.000 31.190 0 280 GLU A CA   1 
ATOM   232  C  C    . GLU A 1 20 ? -8.533  -4.460  9.944   1.000 33.171 0 280 GLU A C    1 
ATOM   233  O  O    . GLU A 1 20 ? -9.495  -5.017  10.488  1.000 32.135 0 280 GLU A O    1 
ATOM   234  C  CB   . GLU A 1 20 ? -6.410  -5.162  10.866  1.000 38.444 0 280 GLU A CB   1 
ATOM   235  C  CG   . GLU A 1 20 ? -4.958  -5.520  10.668  1.000 43.700 0 280 GLU A CG   1 
ATOM   236  C  CD   . GLU A 1 20 ? -4.260  -5.358  12.000  1.000 54.537 0 280 GLU A CD   1 
ATOM   237  O  OE1  . GLU A 1 20 ? -3.177  -4.730  12.035  1.000 54.540 0 280 GLU A OE1  1 
ATOM   238  O  OE2  . GLU A 1 20 ? -4.860  -5.805  13.021  1.000 61.973 0 280 GLU A OE2  1 
ATOM   239  H  H    . GLU A 1 20 ? -5.999  -4.169  8.575   1.000 29.507 0 280 GLU A H    1 
ATOM   240  H  HA   . GLU A 1 20 ? -7.555  -6.241  9.500   1.000 32.231 0 280 GLU A HA   1 
ATOM   241  H  HB2  . GLU A 1 20 ? -6.461  -4.236  11.181  1.000 37.723 0 280 GLU A HB2  1 
ATOM   242  H  HB3  . GLU A 1 20 ? -6.779  -5.734  11.571  1.000 37.784 0 280 GLU A HB3  1 
ATOM   243  H  HG2  . GLU A 1 20 ? -4.874  -6.447  10.360  1.000 44.656 0 280 GLU A HG2  1 
ATOM   244  H  HG3  . GLU A 1 20 ? -4.545  -4.927  10.005  1.000 44.558 0 280 GLU A HG3  1 
ATOM   245  N  N    . TYR A 1 21 ? -8.471  -3.149  9.678   1.000 30.828 0 281 TYR A N    1 
ATOM   246  C  CA   . TYR A 1 21 ? -9.552  -2.182  10.022  1.000 31.343 0 281 TYR A CA   1 
ATOM   247  C  C    . TYR A 1 21 ? -9.854  -1.245  8.867   1.000 30.403 0 281 TYR A C    1 
ATOM   248  O  O    . TYR A 1 21 ? -8.992  -1.038  7.966   1.000 28.694 0 281 TYR A O    1 
ATOM   249  C  CB   . TYR A 1 21 ? -9.136  -1.253  11.165  1.000 31.508 0 281 TYR A CB   1 
ATOM   250  C  CG   . TYR A 1 21 ? -8.437  -1.915  12.307  1.000 29.437 0 281 TYR A CG   1 
ATOM   251  C  CD1  . TYR A 1 21 ? -9.131  -2.636  13.256  1.000 33.955 0 281 TYR A CD1  1 
ATOM   252  C  CD2  . TYR A 1 21 ? -7.070  -1.760  12.471  1.000 33.736 0 281 TYR A CD2  1 
ATOM   253  C  CE1  . TYR A 1 21 ? -8.469  -3.241  14.310  1.000 35.230 0 281 TYR A CE1  1 
ATOM   254  C  CE2  . TYR A 1 21 ? -6.396  -2.365  13.505  1.000 35.199 0 281 TYR A CE2  1 
ATOM   255  C  CZ   . TYR A 1 21 ? -7.098  -3.105  14.430  1.000 37.308 0 281 TYR A CZ   1 
ATOM   256  O  OH   . TYR A 1 21 ? -6.400  -3.671  15.449  1.000 48.501 0 281 TYR A OH   1 
ATOM   257  H  H    . TYR A 1 21 ? -7.760  -2.748  9.276   1.000 31.470 0 281 TYR A H    1 
ATOM   258  H  HA   . TYR A 1 21 ? -10.376 -2.672  10.274  1.000 31.096 0 281 TYR A HA   1 
ATOM   259  H  HB2  . TYR A 1 21 ? -8.548  -0.559  10.799  1.000 30.969 0 281 TYR A HB2  1 
ATOM   260  H  HB3  . TYR A 1 21 ? -9.939  -0.809  11.506  1.000 30.969 0 281 TYR A HB3  1 
ATOM   261  H  HD1  . TYR A 1 21 ? -10.063 -2.745  13.169  1.000 33.338 0 281 TYR A HD1  1 
ATOM   262  H  HD2  . TYR A 1 21 ? -6.583  -1.270  11.830  1.000 33.197 0 281 TYR A HD2  1 
ATOM   263  H  HE1  . TYR A 1 21 ? -8.949  -3.749  14.943  1.000 35.342 0 281 TYR A HE1  1 
ATOM   264  H  HE2  . TYR A 1 21 ? -5.463  -2.264  13.589  1.000 35.281 0 281 TYR A HE2  1 
ATOM   265  H  HH   . TYR A 1 21 ? -6.924  -4.098  15.952  0.000 48.250 0 281 TYR A HH   1 
ATOM   266  N  N    . ASP A 1 22 ? -11.027 -0.632  8.918   1.000 29.007 0 282 ASP A N    1 
ATOM   267  C  CA   . ASP A 1 22 ? -11.385 0.493   8.028   1.000 29.518 0 282 ASP A CA   1 
ATOM   268  C  C    . ASP A 1 22 ? -10.461 1.682   8.300   1.000 27.491 0 282 ASP A C    1 
ATOM   269  O  O    . ASP A 1 22 ? -9.999  1.870   9.447   1.000 31.244 0 282 ASP A O    1 
ATOM   270  C  CB   . ASP A 1 22 ? -12.826 0.966   8.211   1.000 30.506 0 282 ASP A CB   1 
ATOM   271  C  CG   . ASP A 1 22 ? -13.898 -0.050  7.864   1.000 35.802 0 282 ASP A CG   1 
ATOM   272  O  OD1  . ASP A 1 22 ? -13.595 -1.052  7.180   1.000 29.917 0 282 ASP A OD1  1 
ATOM   273  O  OD2  . ASP A 1 22 ? -15.032 0.168   8.315   1.000 37.585 0 282 ASP A OD2  1 
ATOM   274  H  H    . ASP A 1 22 ? -11.682 -0.864  9.509   1.000 29.472 0 282 ASP A H    1 
ATOM   275  H  HA   . ASP A 1 22 ? -11.262 0.204   7.096   1.000 29.214 0 282 ASP A HA   1 
ATOM   276  H  HB2  . ASP A 1 22 ? -12.951 1.230   9.146   1.000 31.433 0 282 ASP A HB2  1 
ATOM   277  H  HB3  . ASP A 1 22 ? -12.970 1.758   7.653   1.000 31.427 0 282 ASP A HB3  1 
ATOM   278  N  N    . PHE A 1 23 ? -10.219 2.484   7.277   1.000 28.510 0 283 PHE A N    1 
ATOM   279  C  CA   . PHE A 1 23 ? -9.431  3.736   7.396   1.000 26.682 0 283 PHE A CA   1 
ATOM   280  C  C    . PHE A 1 23 ? -9.970  4.767   6.424   1.000 28.402 0 283 PHE A C    1 
ATOM   281  O  O    . PHE A 1 23 ? -9.956  4.509   5.218   1.000 26.886 0 283 PHE A O    1 
ATOM   282  C  CB   . PHE A 1 23 ? -7.938  3.472   7.200   1.000 24.930 0 283 PHE A CB   1 
ATOM   283  C  CG   . PHE A 1 23 ? -7.068  4.703   7.270   1.000 25.884 0 283 PHE A CG   1 
ATOM   284  C  CD1  . PHE A 1 23 ? -6.798  5.302   8.491   1.000 26.163 0 283 PHE A CD1  1 
ATOM   285  C  CD2  . PHE A 1 23 ? -6.516  5.267   6.127   1.000 25.073 0 283 PHE A CD2  1 
ATOM   286  C  CE1  . PHE A 1 23 ? -5.985  6.420   8.566   1.000 25.165 0 283 PHE A CE1  1 
ATOM   287  C  CE2  . PHE A 1 23 ? -5.706  6.400   6.198   1.000 27.213 0 283 PHE A CE2  1 
ATOM   288  C  CZ   . PHE A 1 23 ? -5.466  6.995   7.421   1.000 28.719 0 283 PHE A CZ   1 
ATOM   289  H  H    . PHE A 1 23 ? -10.512 2.327   6.428   1.000 27.838 0 283 PHE A H    1 
ATOM   290  H  HA   . PHE A 1 23 ? -9.559  4.090   8.312   1.000 27.007 0 283 PHE A HA   1 
ATOM   291  H  HB2  . PHE A 1 23 ? -7.643  2.838   7.887   1.000 25.557 0 283 PHE A HB2  1 
ATOM   292  H  HB3  . PHE A 1 23 ? -7.813  3.046   6.327   1.000 25.556 0 283 PHE A HB3  1 
ATOM   293  H  HD1  . PHE A 1 23 ? -7.158  4.930   9.281   1.000 25.910 0 283 PHE A HD1  1 
ATOM   294  H  HD2  . PHE A 1 23 ? -6.693  4.874   5.288   1.000 25.805 0 283 PHE A HD2  1 
ATOM   295  H  HE1  . PHE A 1 23 ? -5.820  6.819   9.405   1.000 26.193 0 283 PHE A HE1  1 
ATOM   296  H  HE2  . PHE A 1 23 ? -5.349  6.775   5.409   1.000 26.932 0 283 PHE A HE2  1 
ATOM   297  H  HZ   . PHE A 1 23 ? -4.909  7.755   7.480   1.000 27.355 0 283 PHE A HZ   1 
ATOM   298  N  N    . ALA A 1 24 ? -10.292 5.956   6.929   1.000 28.008 0 284 ALA A N    1 
ATOM   299  C  CA   . ALA A 1 24 ? -10.755 7.111   6.126   1.000 29.182 0 284 ALA A CA   1 
ATOM   300  C  C    . ALA A 1 24 ? -9.657  8.166   6.099   1.000 28.165 0 284 ALA A C    1 
ATOM   301  O  O    . ALA A 1 24 ? -9.345  8.680   7.183   1.000 28.041 0 284 ALA A O    1 
ATOM   302  C  CB   . ALA A 1 24 ? -12.042 7.666   6.707   1.000 28.875 0 284 ALA A CB   1 
ATOM   303  H  H    . ALA A 1 24 ? -10.250 6.149   7.818   1.000 28.366 0 284 ALA A H    1 
ATOM   304  H  HA   . ALA A 1 24 ? -10.926 6.810   5.204   1.000 28.684 0 284 ALA A HA   1 
ATOM   305  H  HB1  . ALA A 1 24 ? -12.428 8.309   6.089   1.000 28.967 0 284 ALA A HB1  1 
ATOM   306  H  HB2  . ALA A 1 24 ? -12.673 6.940   6.851   1.000 28.967 0 284 ALA A HB2  1 
ATOM   307  H  HB3  . ALA A 1 24 ? -11.857 8.103   7.555   1.000 28.965 0 284 ALA A HB3  1 
ATOM   308  N  N    . ALA A 1 25 ? -9.084  8.455   4.928   1.000 25.299 0 285 ALA A N    1 
ATOM   309  C  CA   . ALA A 1 25 ? -7.991  9.442   4.734   1.000 26.880 0 285 ALA A CA   1 
ATOM   310  C  C    . ALA A 1 25 ? -8.457  10.816  5.218   1.000 30.921 0 285 ALA A C    1 
ATOM   311  O  O    . ALA A 1 25 ? -9.610  11.195  4.968   1.000 26.330 0 285 ALA A O    1 
ATOM   312  C  CB   . ALA A 1 25 ? -7.577  9.501   3.304   1.000 27.559 0 285 ALA A CB   1 
ATOM   313  H  H    . ALA A 1 25 ? -9.330  8.054   4.146   1.000 26.332 0 285 ALA A H    1 
ATOM   314  H  HA   . ALA A 1 25 ? -7.217  9.161   5.278   1.000 27.425 0 285 ALA A HA   1 
ATOM   315  H  HB1  . ALA A 1 25 ? -6.924  10.210  3.184   1.000 27.347 0 285 ALA A HB1  1 
ATOM   316  H  HB2  . ALA A 1 25 ? -7.182  8.652   3.044   1.000 27.347 0 285 ALA A HB2  1 
ATOM   317  H  HB3  . ALA A 1 25 ? -8.354  9.680   2.748   1.000 27.345 0 285 ALA A HB3  1 
ATOM   318  N  N    . VAL A 1 26 ? -7.649  11.466  6.042   1.000 27.674 0 286 VAL A N    1 
ATOM   319  C  CA   . VAL A 1 26 ? -7.949  12.846  6.508   1.000 29.295 0 286 VAL A CA   1 
ATOM   320  C  C    . VAL A 1 26 ? -7.097  13.803  5.679   1.000 30.316 0 286 VAL A C    1 
ATOM   321  O  O    . VAL A 1 26 ? -7.528  14.946  5.412   1.000 31.215 0 286 VAL A O    1 
ATOM   322  C  CB   . VAL A 1 26 ? -7.756  12.888  8.034   1.000 34.377 0 286 VAL A CB   1 
ATOM   323  C  CG1  . VAL A 1 26 ? -7.204  14.197  8.550   1.000 37.640 0 286 VAL A CG1  1 
ATOM   324  C  CG2  . VAL A 1 26 ? -9.066  12.507  8.719   1.000 33.068 0 286 VAL A CG2  1 
ATOM   325  H  H    . VAL A 1 26 ? -6.883  11.109  6.380   1.000 28.820 0 286 VAL A H    1 
ATOM   326  H  HA   . VAL A 1 26 ? -8.885  13.035  6.317   1.000 30.079 0 286 VAL A HA   1 
ATOM   327  H  HB   . VAL A 1 26 ? -7.096  12.188  8.260   1.000 33.647 0 286 VAL A HB   1 
ATOM   328  H  HG11 . VAL A 1 26 ? -6.237  14.207  8.440   1.000 36.585 0 286 VAL A HG11 1 
ATOM   329  H  HG12 . VAL A 1 26 ? -7.422  14.292  9.493   1.000 36.587 0 286 VAL A HG12 1 
ATOM   330  H  HG13 . VAL A 1 26 ? -7.595  14.933  8.052   1.000 36.574 0 286 VAL A HG13 1 
ATOM   331  H  HG21 . VAL A 1 26 ? -9.732  13.197  8.555   1.000 33.456 0 286 VAL A HG21 1 
ATOM   332  H  HG22 . VAL A 1 26 ? -8.920  12.418  9.676   1.000 33.463 0 286 VAL A HG22 1 
ATOM   333  H  HG23 . VAL A 1 26 ? -9.385  11.660  8.361   1.000 33.463 0 286 VAL A HG23 1 
ATOM   334  N  N    . SER A 1 27 ? -5.911  13.360  5.275   1.000 31.688 0 287 SER A N    1 
ATOM   335  C  CA   . SER A 1 27 ? -4.991  14.118  4.404   1.000 30.518 0 287 SER A CA   1 
ATOM   336  C  C    . SER A 1 27 ? -5.097  13.550  2.995   1.000 30.892 0 287 SER A C    1 
ATOM   337  O  O    . SER A 1 27 ? -5.235  12.309  2.855   1.000 29.858 0 287 SER A O    1 
ATOM   338  C  CB   . SER A 1 27 ? -3.558  14.030  4.897   1.000 30.766 0 287 SER A CB   1 
ATOM   339  O  OG   . SER A 1 27 ? -2.696  14.501  3.890   1.000 27.600 0 287 SER A OG   1 
ATOM   340  H  H    . SER A 1 27 ? -5.567  12.549  5.518   1.000 31.049 0 287 SER A H    1 
ATOM   341  H  HA   . SER A 1 27 ? -5.271  15.067  4.391   1.000 30.851 0 287 SER A HA   1 
ATOM   342  H  HB2  . SER A 1 27 ? -3.451  14.578  5.714   1.000 29.280 0 287 SER A HB2  1 
ATOM   343  H  HB3  . SER A 1 27 ? -3.336  13.091  5.116   1.000 29.805 0 287 SER A HB3  1 
ATOM   344  H  HG   . SER A 1 27 ? -1.906  14.450  4.162   0.000 27.180 0 287 SER A HG   1 
ATOM   345  N  N    . GLU A 1 28 ? -4.836  14.396  2.006   1.000 28.177 0 288 GLU A N    1 
ATOM   346  C  CA   . GLU A 1 28 ? -4.721  13.995  0.591   1.000 27.496 0 288 GLU A CA   1 
ATOM   347  C  C    . GLU A 1 28 ? -3.476  13.133  0.391   1.000 28.166 0 288 GLU A C    1 
ATOM   348  O  O    . GLU A 1 28 ? -3.361  12.434  -0.655  1.000 26.178 0 288 GLU A O    1 
ATOM   349  C  CB   . GLU A 1 28 ? -4.729  15.279  -0.235  1.000 31.275 0 288 GLU A CB   1 
ATOM   350  C  CG   . GLU A 1 28 ? -4.726  15.021  -1.706  1.000 29.867 0 288 GLU A CG   1 
ATOM   351  C  CD   . GLU A 1 28 ? -4.813  16.287  -2.537  1.000 30.189 0 288 GLU A CD   1 
ATOM   352  O  OE1  . GLU A 1 28 ? -5.175  17.357  -1.992  1.000 33.735 0 288 GLU A OE1  1 
ATOM   353  O  OE2  . GLU A 1 28 ? -4.516  16.195  -3.726  1.000 33.088 0 288 GLU A OE2  1 
ATOM   354  H  H    . GLU A 1 28 ? -4.705  15.287  2.147   1.000 28.653 0 288 GLU A H    1 
ATOM   355  H  HA   . GLU A 1 28 ? -5.513  13.460  0.354   1.000 28.481 0 288 GLU A HA   1 
ATOM   356  H  HB2  . GLU A 1 28 ? -5.527  15.798  -0.001  1.000 30.017 0 288 GLU A HB2  1 
ATOM   357  H  HB3  . GLU A 1 28 ? -3.940  15.810  0.000   1.000 30.011 0 288 GLU A HB3  1 
ATOM   358  H  HG2  . GLU A 1 28 ? -3.902  14.548  -1.950  1.000 30.256 0 288 GLU A HG2  1 
ATOM   359  H  HG3  . GLU A 1 28 ? -5.483  14.441  -1.935  1.000 30.266 0 288 GLU A HG3  1 
ATOM   360  N  N    . GLU A 1 29 ? -2.556  13.147  1.352   1.000 24.658 0 289 GLU A N    1 
ATOM   361  C  CA   . GLU A 1 29 ? -1.336  12.296  1.300   1.000 26.025 0 289 GLU A CA   1 
ATOM   362  C  C    . GLU A 1 29 ? -1.706  10.835  1.605   1.000 25.270 0 289 GLU A C    1 
ATOM   363  O  O    . GLU A 1 29 ? -0.911  9.942   1.292   1.000 26.971 0 289 GLU A O    1 
ATOM   364  C  CB   . GLU A 1 29 ? -0.325  12.778  2.332   1.000 26.112 0 289 GLU A CB   1 
ATOM   365  C  CG   . GLU A 1 29 ? 0.297   14.124  2.050   1.000 27.659 0 289 GLU A CG   1 
ATOM   366  C  CD   . GLU A 1 29 ? 1.278   14.553  3.141   1.000 31.158 0 289 GLU A CD   1 
ATOM   367  O  OE1  . GLU A 1 29 ? 1.794   13.679  3.851   1.000 37.125 0 289 GLU A OE1  1 
ATOM   368  O  OE2  . GLU A 1 29 ? 1.516   15.728  3.266   1.000 36.132 0 289 GLU A OE2  1 
ATOM   369  H  H    . GLU A 1 29 ? -2.600  13.692  2.079   1.000 25.787 0 289 GLU A H    1 
ATOM   370  H  HA   . GLU A 1 29 ? -0.940  12.353  0.400   1.000 25.632 0 289 GLU A HA   1 
ATOM   371  H  HB2  . GLU A 1 29 ? -0.770  12.816  3.204   1.000 26.450 0 289 GLU A HB2  1 
ATOM   372  H  HB3  . GLU A 1 29 ? 0.388   12.110  2.395   1.000 26.463 0 289 GLU A HB3  1 
ATOM   373  H  HG2  . GLU A 1 29 ? 0.770   14.093  1.192   1.000 28.063 0 289 GLU A HG2  1 
ATOM   374  H  HG3  . GLU A 1 29 ? -0.411  14.799  1.979   1.000 28.063 0 289 GLU A HG3  1 
ATOM   375  N  N    . GLU A 1 30 ? -2.854  10.610  2.241   1.000 23.541 0 290 GLU A N    1 
ATOM   376  C  CA   . GLU A 1 30 ? -3.293  9.303   2.766   1.000 23.490 0 290 GLU A CA   1 
ATOM   377  C  C    . GLU A 1 30 ? -4.278  8.708   1.751   1.000 23.752 0 290 GLU A C    1 
ATOM   378  O  O    . GLU A 1 30 ? -4.844  9.501   0.964   1.000 26.102 0 290 GLU A O    1 
ATOM   379  C  CB   . GLU A 1 30 ? -3.984  9.451   4.123   1.000 22.762 0 290 GLU A CB   1 
ATOM   380  C  CG   . GLU A 1 30 ? -3.057  9.974   5.225   1.000 23.289 0 290 GLU A CG   1 
ATOM   381  C  CD   . GLU A 1 30 ? -3.757  10.636  6.393   1.000 27.172 0 290 GLU A CD   1 
ATOM   382  O  OE1  . GLU A 1 30 ? -5.009  10.643  6.429   1.000 24.599 0 290 GLU A OE1  1 
ATOM   383  O  OE2  . GLU A 1 30 ? -3.033  11.160  7.281   1.000 26.263 0 290 GLU A OE2  1 
ATOM   384  H  H    . GLU A 1 30 ? -3.452  11.273  2.408   1.000 23.946 0 290 GLU A H    1 
ATOM   385  H  HA   . GLU A 1 30 ? -2.514  8.711   2.853   1.000 23.424 0 290 GLU A HA   1 
ATOM   386  H  HB2  . GLU A 1 30 ? -4.741  10.064  4.023   1.000 23.090 0 290 GLU A HB2  1 
ATOM   387  H  HB3  . GLU A 1 30 ? -4.336  8.578   4.392   1.000 23.071 0 290 GLU A HB3  1 
ATOM   388  H  HG2  . GLU A 1 30 ? -2.524  9.227   5.571   1.000 24.023 0 290 GLU A HG2  1 
ATOM   389  H  HG3  . GLU A 1 30 ? -2.433  10.622  4.835   1.000 24.020 0 290 GLU A HG3  1 
ATOM   390  N  N    . ILE A 1 31 ? -4.457  7.394   1.756   1.000 24.581 0 291 ILE A N    1 
ATOM   391  C  CA   . ILE A 1 31 ? -5.558  6.747   0.969   1.000 28.266 0 291 ILE A CA   1 
ATOM   392  C  C    . ILE A 1 31 ? -6.487  6.007   1.937   1.000 26.952 0 291 ILE A C    1 
ATOM   393  O  O    . ILE A 1 31 ? -6.021  5.494   3.000   1.000 26.678 0 291 ILE A O    1 
ATOM   394  C  CB   . ILE A 1 31 ? -5.037  5.850   -0.173  1.000 28.443 0 291 ILE A CB   1 
ATOM   395  C  CG1  . ILE A 1 31 ? -4.067  4.791   0.351   1.000 31.016 0 291 ILE A CG1  1 
ATOM   396  C  CG2  . ILE A 1 31 ? -4.425  6.669   -1.303  1.000 29.952 0 291 ILE A CG2  1 
ATOM   397  C  CD1  . ILE A 1 31 ? -3.938  3.562   -0.524  1.000 33.970 0 291 ILE A CD1  1 
ATOM   398  H  H    . ILE A 1 31 ? -3.940  6.816   2.234   1.000 25.210 0 291 ILE A H    1 
ATOM   399  H  HA   . ILE A 1 31 ? -6.079  7.458   0.556   1.000 27.292 0 291 ILE A HA   1 
ATOM   400  H  HB   . ILE A 1 31 ? -5.816  5.370   -0.547  1.000 29.164 0 291 ILE A HB   1 
ATOM   401  H  HG12 . ILE A 1 31 ? -3.181  5.201   0.446   1.000 31.037 0 291 ILE A HG12 1 
ATOM   402  H  HG13 . ILE A 1 31 ? -4.362  4.509   1.242   1.000 30.997 0 291 ILE A HG13 1 
ATOM   403  H  HG21 . ILE A 1 31 ? -5.133  7.047   -1.852  1.000 29.477 0 291 ILE A HG21 1 
ATOM   404  H  HG22 . ILE A 1 31 ? -3.861  6.099   -1.853  1.000 29.492 0 291 ILE A HG22 1 
ATOM   405  H  HG23 . ILE A 1 31 ? -3.889  7.390   -0.928  1.000 29.457 0 291 ILE A HG23 1 
ATOM   406  H  HD11 . ILE A 1 31 ? -4.816  3.167   -0.665  1.000 33.023 0 291 ILE A HD11 1 
ATOM   407  H  HD12 . ILE A 1 31 ? -3.358  2.912   -0.088  1.000 33.023 0 291 ILE A HD12 1 
ATOM   408  H  HD13 . ILE A 1 31 ? -3.554  3.812   -1.381  1.000 32.996 0 291 ILE A HD13 1 
ATOM   409  N  N    . SER A 1 32 ? -7.766  5.893   1.549   1.000 25.077 0 292 SER A N    1 
ATOM   410  C  CA   . SER A 1 32 ? -8.806  5.190   2.336   1.000 24.619 0 292 SER A CA   1 
ATOM   411  C  C    . SER A 1 32 ? -8.865  3.702   1.966   1.000 24.924 0 292 SER A C    1 
ATOM   412  O  O    . SER A 1 32 ? -8.543  3.342   0.800   1.000 24.453 0 292 SER A O    1 
ATOM   413  C  CB   . SER A 1 32 ? -10.152 5.848   2.140   1.000 25.105 0 292 SER A CB   1 
ATOM   414  O  OG   . SER A 1 32 ? -10.089 7.207   2.548   1.000 27.020 0 292 SER A OG   1 
ATOM   415  H  H    . SER A 1 32 ? -8.090  6.238   0.766   1.000 25.406 0 292 SER A H    1 
ATOM   416  H  HA   . SER A 1 32 ? -8.563  5.260   3.291   1.000 24.868 0 292 SER A HA   1 
ATOM   417  H  HB2  . SER A 1 32 ? -10.410 5.798   1.187   1.000 25.425 0 292 SER A HB2  1 
ATOM   418  H  HB3  . SER A 1 32 ? -10.835 5.371   2.673   1.000 25.425 0 292 SER A HB3  1 
ATOM   419  H  HG   . SER A 1 32 ? -10.844 7.557   2.429   0.000 26.920 0 292 SER A HG   1 
ATOM   420  N  N    . PHE A 1 33 ? -9.327  2.877   2.889   1.000 24.846 0 293 PHE A N    1 
ATOM   421  C  CA   . PHE A 1 33 ? -9.622  1.444   2.624   1.000 27.252 0 293 PHE A CA   1 
ATOM   422  C  C    . PHE A 1 33 ? -10.566 0.879   3.687   1.000 30.052 0 293 PHE A C    1 
ATOM   423  O  O    . PHE A 1 33 ? -10.894 1.584   4.654   1.000 26.515 0 293 PHE A O    1 
ATOM   424  C  CB   . PHE A 1 33 ? -8.307  0.677   2.506   1.000 22.036 0 293 PHE A CB   1 
ATOM   425  C  CG   . PHE A 1 33 ? -7.424  0.854   3.710   1.000 23.459 0 293 PHE A CG   1 
ATOM   426  C  CD1  . PHE A 1 33 ? -7.579  0.031   4.814   1.000 22.725 0 293 PHE A CD1  1 
ATOM   427  C  CD2  . PHE A 1 33 ? -6.416  1.813   3.716   1.000 23.819 0 293 PHE A CD2  1 
ATOM   428  C  CE1  . PHE A 1 33 ? -6.773  0.187   5.936   1.000 26.193 0 293 PHE A CE1  1 
ATOM   429  C  CE2  . PHE A 1 33 ? -5.628  1.981   4.848   1.000 24.698 0 293 PHE A CE2  1 
ATOM   430  C  CZ   . PHE A 1 33 ? -5.812  1.169   5.950   1.000 26.106 0 293 PHE A CZ   1 
ATOM   431  H  H    . PHE A 1 33 ? -9.495  3.122   3.751   1.000 25.418 0 293 PHE A H    1 
ATOM   432  H  HA   . PHE A 1 33 ? -10.087 1.386   1.751   1.000 26.190 0 293 PHE A HA   1 
ATOM   433  H  HB2  . PHE A 1 33 ? -8.505  -0.276  2.388   1.000 23.539 0 293 PHE A HB2  1 
ATOM   434  H  HB3  . PHE A 1 33 ? -7.830  0.988   1.708   1.000 23.521 0 293 PHE A HB3  1 
ATOM   435  H  HD1  . PHE A 1 33 ? -8.254  -0.629  4.811   1.000 23.739 0 293 PHE A HD1  1 
ATOM   436  H  HD2  . PHE A 1 33 ? -6.308  2.387   2.975   1.000 23.981 0 293 PHE A HD2  1 
ATOM   437  H  HE1  . PHE A 1 33 ? -6.897  -0.368  6.689   1.000 25.210 0 293 PHE A HE1  1 
ATOM   438  H  HE2  . PHE A 1 33 ? -4.957  2.643   4.857   1.000 24.751 0 293 PHE A HE2  1 
ATOM   439  H  HZ   . PHE A 1 33 ? -5.252  1.269   6.705   1.000 25.614 0 293 PHE A HZ   1 
ATOM   440  N  N    . ARG A 1 34 ? -10.937 -0.399  3.521   1.000 30.138 0 294 ARG A N    1 
ATOM   441  C  CA   . ARG A 1 34 ? -11.841 -1.135  4.431   1.000 32.773 0 294 ARG A CA   1 
ATOM   442  C  C    . ARG A 1 34 ? -11.141 -2.397  4.930   1.000 32.597 0 294 ARG A C    1 
ATOM   443  O  O    . ARG A 1 34 ? -10.272 -2.946  4.209   1.000 29.017 0 294 ARG A O    1 
ATOM   444  C  CB   . ARG A 1 34 ? -13.172 -1.400  3.726   1.000 39.293 0 294 ARG A CB   1 
ATOM   445  C  CG   . ARG A 1 34 ? -13.986 -0.127  3.553   1.000 45.837 0 294 ARG A CG   1 
ATOM   446  C  CD   . ARG A 1 34 ? -14.755 -0.099  2.266   1.000 58.217 0 294 ARG A CD   1 
ATOM   447  N  NE   . ARG A 1 34 ? -15.484 1.154   2.114   1.000 70.543 0 294 ARG A NE   1 
ATOM   448  C  CZ   . ARG A 1 34 ? -16.560 1.497   2.812   1.000 71.468 0 294 ARG A CZ   1 
ATOM   449  N  NH1  . ARG A 1 34 ? -17.054 0.683   3.730   1.000 70.842 0 294 ARG A NH1  1 
ATOM   450  N  NH2  . ARG A 1 34 ? -17.137 2.664   2.589   1.000 77.675 0 294 ARG A NH2  1 
ATOM   451  H  H    . ARG A 1 34 ? -10.651 -0.901  2.813   1.000 30.670 0 294 ARG A H    1 
ATOM   452  H  HA   . ARG A 1 34 ? -12.019 -0.556  5.212   1.000 33.307 0 294 ARG A HA   1 
ATOM   453  H  HB2  . ARG A 1 34 ? -12.993 -1.797  2.838   1.000 39.108 0 294 ARG A HB2  1 
ATOM   454  H  HB3  . ARG A 1 34 ? -13.694 -2.050  4.258   1.000 39.052 0 294 ARG A HB3  1 
ATOM   455  H  HG2  . ARG A 1 34 ? -14.616 -0.043  4.310   1.000 46.880 0 294 ARG A HG2  1 
ATOM   456  H  HG3  . ARG A 1 34 ? -13.379 0.654   3.579   1.000 46.689 0 294 ARG A HG3  1 
ATOM   457  H  HD2  . ARG A 1 34 ? -14.125 -0.201  1.511   1.000 57.526 0 294 ARG A HD2  1 
ATOM   458  H  HD3  . ARG A 1 34 ? -15.388 -0.857  2.242   1.000 57.611 0 294 ARG A HD3  1 
ATOM   459  H  HE   . ARG A 1 34 ? -15.182 1.740   1.504   1.000 67.959 0 294 ARG A HE   1 
ATOM   460  H  HH11 . ARG A 1 34 ? -16.673 -0.117  3.888   1.000 70.769 0 294 ARG A HH11 1 
ATOM   461  H  HH12 . ARG A 1 34 ? -17.785 0.926   4.192   1.000 70.937 0 294 ARG A HH12 1 
ATOM   462  H  HH21 . ARG A 1 34 ? -16.802 3.220   1.967   1.000 75.077 0 294 ARG A HH21 1 
ATOM   463  H  HH22 . ARG A 1 34 ? -17.867 2.900   3.059   1.000 75.077 0 294 ARG A HH22 1 
ATOM   464  N  N    . ALA A 1 35 ? -11.484 -2.794  6.159   1.000 31.237 0 295 ALA A N    1 
ATOM   465  C  CA   . ALA A 1 35 ? -11.201 -4.110  6.764   1.000 29.959 0 295 ALA A CA   1 
ATOM   466  C  C    . ALA A 1 35 ? -11.389 -5.177  5.696   1.000 29.365 0 295 ALA A C    1 
ATOM   467  O  O    . ALA A 1 35 ? -12.448 -5.208  5.082   1.000 26.656 0 295 ALA A O    1 
ATOM   468  C  CB   . ALA A 1 35 ? -12.130 -4.364  7.926   1.000 32.161 0 295 ALA A CB   1 
ATOM   469  H  H    . ALA A 1 35 ? -11.936 -2.251  6.735   1.000 31.255 0 295 ALA A H    1 
ATOM   470  H  HA   . ALA A 1 35 ? -10.267 -4.126  7.081   1.000 30.486 0 295 ALA A HA   1 
ATOM   471  H  HB1  . ALA A 1 35 ? -11.990 -5.264  8.264   1.000 31.462 0 295 ALA A HB1  1 
ATOM   472  H  HB2  . ALA A 1 35 ? -11.949 -3.721  8.633   1.000 31.466 0 295 ALA A HB2  1 
ATOM   473  H  HB3  . ALA A 1 35 ? -13.051 -4.268  7.632   1.000 31.466 0 295 ALA A HB3  1 
ATOM   474  N  N    . GLY A 1 36 ? -10.367 -5.987  5.464   1.000 28.797 0 296 GLY A N    1 
ATOM   475  C  CA   . GLY A 1 36 ? -10.486 -7.105  4.513   1.000 30.156 0 296 GLY A CA   1 
ATOM   476  C  C    . GLY A 1 36 ? -9.850  -6.790  3.178   1.000 29.989 0 296 GLY A C    1 
ATOM   477  O  O    . GLY A 1 36 ? -9.529  -7.766  2.489   1.000 30.804 0 296 GLY A O    1 
ATOM   478  H  H    . GLY A 1 36 ? -9.556  -5.899  5.869   1.000 29.252 0 296 GLY A H    1 
ATOM   479  H  HA2  . GLY A 1 36 ? -10.049 -7.904  4.902   1.000 29.790 0 296 GLY A HA2  1 
ATOM   480  H  HA3  . GLY A 1 36 ? -11.444 -7.318  4.378   1.000 29.783 0 296 GLY A HA3  1 
ATOM   481  N  N    . ASP A 1 37 ? -9.649  -5.501  2.827   1.000 27.789 0 297 ASP A N    1 
ATOM   482  C  CA   . ASP A 1 37 ? -9.083  -5.099  1.516   1.000 25.198 0 297 ASP A CA   1 
ATOM   483  C  C    . ASP A 1 37 ? -7.648  -5.611  1.427   1.000 23.446 0 297 ASP A C    1 
ATOM   484  O  O    . ASP A 1 37 ? -6.907  -5.584  2.434   1.000 23.976 0 297 ASP A O    1 
ATOM   485  C  CB   . ASP A 1 37 ? -9.148  -3.576  1.238   1.000 27.317 0 297 ASP A CB   1 
ATOM   486  C  CG   . ASP A 1 37 ? -10.538 -3.018  0.998   1.000 31.661 0 297 ASP A CG   1 
ATOM   487  O  OD1  . ASP A 1 37 ? -11.421 -3.809  0.674   1.000 31.628 0 297 ASP A OD1  1 
ATOM   488  O  OD2  . ASP A 1 37 ? -10.728 -1.783  1.099   1.000 29.280 0 297 ASP A OD2  1 
ATOM   489  H  H    . ASP A 1 37 ? -9.850  -4.800  3.372   1.000 27.652 0 297 ASP A H    1 
ATOM   490  H  HA   . ASP A 1 37 ? -9.609  -5.550  0.816   1.000 25.716 0 297 ASP A HA   1 
ATOM   491  H  HB2  . ASP A 1 37 ? -8.757  -3.102  1.999   1.000 27.754 0 297 ASP A HB2  1 
ATOM   492  H  HB3  . ASP A 1 37 ? -8.603  -3.381  0.449   1.000 27.754 0 297 ASP A HB3  1 
ATOM   493  N  N    . MET A 1 38 ? -7.266  -6.079  0.246   1.000 23.598 0 298 MET A N    1 
ATOM   494  C  CA   . MET A 1 38 ? -5.857  -6.318  -0.098  1.000 25.033 0 298 MET A CA   1 
ATOM   495  C  C    . MET A 1 38 ? -5.304  -5.019  -0.703  1.000 23.692 0 298 MET A C    1 
ATOM   496  O  O    . MET A 1 38 ? -5.961  -4.420  -1.551  1.000 27.066 0 298 MET A O    1 
ATOM   497  C  CB   . MET A 1 38 ? -5.668  -7.437  -1.129  1.000 25.516 0 298 MET A CB   1 
ATOM   498  C  CG   . MET A 1 38 ? -4.228  -7.905  -1.156  1.000 28.423 0 298 MET A CG   1 
ATOM   499  S  SD   . MET A 1 38 ? -3.982  -9.074  -2.533  1.000 31.450 0 298 MET A SD   1 
ATOM   500  C  CE   . MET A 1 38 ? -4.086  -7.978  -3.945  1.000 30.349 0 298 MET A CE   1 
ATOM   501  H  H    . MET A 1 38 ? -7.851  -6.279  -0.422  1.000 23.904 0 298 MET A H    1 
ATOM   502  H  HA   . MET A 1 38 ? -5.360  -6.532  0.723   1.000 24.590 0 298 MET A HA   1 
ATOM   503  H  HB2  . MET A 1 38 ? -6.253  -8.187  -0.904  1.000 26.057 0 298 MET A HB2  1 
ATOM   504  H  HB3  . MET A 1 38 ? -5.923  -7.106  -2.014  1.000 26.066 0 298 MET A HB3  1 
ATOM   505  H  HG2  . MET A 1 38 ? -3.630  -7.136  -1.270  1.000 28.369 0 298 MET A HG2  1 
ATOM   506  H  HG3  . MET A 1 38 ? -4.008  -8.348  -0.309  1.000 28.377 0 298 MET A HG3  1 
ATOM   507  H  HE1  . MET A 1 38 ? -3.693  -8.407  -4.715  1.000 30.680 0 298 MET A HE1  1 
ATOM   508  H  HE2  . MET A 1 38 ? -5.012  -7.776  -4.127  1.000 30.671 0 298 MET A HE2  1 
ATOM   509  H  HE3  . MET A 1 38 ? -3.610  -7.161  -3.752  1.000 30.680 0 298 MET A HE3  1 
ATOM   510  N  N    . LEU A 1 39 ? -4.134  -4.588  -0.255  1.000 23.923 0 299 LEU A N    1 
ATOM   511  C  CA   . LEU A 1 39 ? -3.485  -3.374  -0.795  1.000 24.653 0 299 LEU A CA   1 
ATOM   512  C  C    . LEU A 1 39 ? -2.156  -3.815  -1.345  1.000 25.552 0 299 LEU A C    1 
ATOM   513  O  O    . LEU A 1 39 ? -1.612  -4.759  -0.769  1.000 24.944 0 299 LEU A O    1 
ATOM   514  C  CB   . LEU A 1 39 ? -3.267  -2.323  0.286   1.000 25.786 0 299 LEU A CB   1 
ATOM   515  C  CG   . LEU A 1 39 ? -4.586  -1.680  0.716   1.000 27.070 0 299 LEU A CG   1 
ATOM   516  C  CD1  . LEU A 1 39 ? -4.962  -2.245  2.060   1.000 27.449 0 299 LEU A CD1  1 
ATOM   517  C  CD2  . LEU A 1 39 ? -4.502  -0.161  0.724   1.000 30.054 0 299 LEU A CD2  1 
ATOM   518  H  H    . LEU A 1 39 ? -3.666  -5.006  0.406   1.000 24.043 0 299 LEU A H    1 
ATOM   519  H  HA   . LEU A 1 39 ? -4.035  -3.005  -1.524  1.000 24.907 0 299 LEU A HA   1 
ATOM   520  H  HB2  . LEU A 1 39 ? -2.840  -2.742  1.060   1.000 25.820 0 299 LEU A HB2  1 
ATOM   521  H  HB3  . LEU A 1 39 ? -2.667  -1.631  -0.058  1.000 25.818 0 299 LEU A HB3  1 
ATOM   522  H  HG   . LEU A 1 39 ? -5.285  -1.944  0.068   1.000 27.421 0 299 LEU A HG   1 
ATOM   523  H  HD11 . LEU A 1 39 ? -4.963  -3.217  2.015   1.000 27.324 0 299 LEU A HD11 1 
ATOM   524  H  HD12 . LEU A 1 39 ? -5.849  -1.932  2.306   1.000 27.329 0 299 LEU A HD12 1 
ATOM   525  H  HD13 . LEU A 1 39 ? -4.318  -1.951  2.728   1.000 27.326 0 299 LEU A HD13 1 
ATOM   526  H  HD21 . LEU A 1 39 ? -3.810  0.124   1.345   1.000 29.102 0 299 LEU A HD21 1 
ATOM   527  H  HD22 . LEU A 1 39 ? -5.358  0.211   0.998   1.000 29.102 0 299 LEU A HD22 1 
ATOM   528  H  HD23 . LEU A 1 39 ? -4.283  0.156   -0.170  1.000 29.102 0 299 LEU A HD23 1 
ATOM   529  N  N    . ASN A 1 40 ? -1.751  -3.163  -2.426  1.000 26.165 0 300 ASN A N    1 
ATOM   530  C  CA   . ASN A 1 40 ? -0.396  -3.267  -3.009  1.000 28.882 0 300 ASN A CA   1 
ATOM   531  C  C    . ASN A 1 40 ? 0.469   -2.247  -2.296  1.000 27.301 0 300 ASN A C    1 
ATOM   532  O  O    . ASN A 1 40 ? -0.037  -1.140  -2.057  1.000 29.219 0 300 ASN A O    1 
ATOM   533  C  CB   . ASN A 1 40 ? -0.399  -2.990  -4.503  1.000 26.411 0 300 ASN A CB   1 
ATOM   534  C  CG   . ASN A 1 40 ? -0.933  -4.151  -5.300  1.000 28.850 0 300 ASN A CG   1 
ATOM   535  O  OD1  . ASN A 1 40 ? -1.150  -5.231  -4.759  1.000 28.803 0 300 ASN A OD1  1 
ATOM   536  N  ND2  . ASN A 1 40 ? -1.123  -3.932  -6.593  1.000 33.605 0 300 ASN A ND2  1 
ATOM   537  H  H    . ASN A 1 40 ? -2.299  -2.596  -2.882  1.000 26.623 0 300 ASN A H    1 
ATOM   538  H  HA   . ASN A 1 40 ? -0.042  -4.172  -2.851  1.000 27.576 0 300 ASN A HA   1 
ATOM   539  H  HB2  . ASN A 1 40 ? -0.949  -2.200  -4.679  1.000 27.536 0 300 ASN A HB2  1 
ATOM   540  H  HB3  . ASN A 1 40 ? 0.516   -2.797  -4.792  1.000 27.538 0 300 ASN A HB3  1 
ATOM   541  H  HD21 . ASN A 1 40 ? -0.928  -4.562  -7.182  1.000 32.059 0 300 ASN A HD21 1 
ATOM   542  H  HD22 . ASN A 1 40 ? -1.446  -3.156  -6.867  1.000 32.047 0 300 ASN A HD22 1 
ATOM   543  N  N    . LEU A 1 41 ? 1.687   -2.647  -1.972  1.000 30.200 0 301 LEU A N    1 
ATOM   544  C  CA   . LEU A 1 41 ? 2.693   -1.783  -1.317  1.000 30.726 0 301 LEU A CA   1 
ATOM   545  C  C    . LEU A 1 41 ? 3.909   -1.725  -2.233  1.000 34.422 0 301 LEU A C    1 
ATOM   546  O  O    . LEU A 1 41 ? 4.216   -2.738  -2.938  1.000 29.651 0 301 LEU A O    1 
ATOM   547  C  CB   . LEU A 1 41 ? 3.094   -2.353  0.042   1.000 31.736 0 301 LEU A CB   1 
ATOM   548  C  CG   . LEU A 1 41 ? 2.240   -1.962  1.239   1.000 33.152 0 301 LEU A CG   1 
ATOM   549  C  CD1  . LEU A 1 41 ? 0.809   -2.433  1.092   1.000 35.858 0 301 LEU A CD1  1 
ATOM   550  C  CD2  . LEU A 1 41 ? 2.834   -2.517  2.513   1.000 36.110 0 301 LEU A CD2  1 
ATOM   551  H  H    . LEU A 1 41 ? 1.986   -3.493  -2.134  1.000 29.618 0 301 LEU A H    1 
ATOM   552  H  HA   . LEU A 1 41 ? 2.322   -0.877  -1.208  1.000 31.467 0 301 LEU A HA   1 
ATOM   553  H  HB2  . LEU A 1 41 ? 3.091   -3.329  -0.027  1.000 31.819 0 301 LEU A HB2  1 
ATOM   554  H  HB3  . LEU A 1 41 ? 4.016   -2.080  0.226   1.000 31.825 0 301 LEU A HB3  1 
ATOM   555  H  HG   . LEU A 1 41 ? 2.235   -0.975  1.305   1.000 33.920 0 301 LEU A HG   1 
ATOM   556  H  HD11 . LEU A 1 41 ? 0.313   -1.799  0.544   1.000 34.972 0 301 LEU A HD11 1 
ATOM   557  H  HD12 . LEU A 1 41 ? 0.393   -2.494  1.969   1.000 34.995 0 301 LEU A HD12 1 
ATOM   558  H  HD13 . LEU A 1 41 ? 0.797   -3.307  0.666   1.000 34.981 0 301 LEU A HD13 1 
ATOM   559  H  HD21 . LEU A 1 41 ? 2.905   -3.485  2.443   1.000 35.170 0 301 LEU A HD21 1 
ATOM   560  H  HD22 . LEU A 1 41 ? 2.262   -2.288  3.266   1.000 35.162 0 301 LEU A HD22 1 
ATOM   561  H  HD23 . LEU A 1 41 ? 3.719   -2.136  2.651   1.000 35.170 0 301 LEU A HD23 1 
ATOM   562  N  N    . ALA A 1 42 ? 4.578   -0.582  -2.210  1.000 30.697 0 302 ALA A N    1 
ATOM   563  C  CA   . ALA A 1 42 ? 5.892   -0.389  -2.843  1.000 32.637 0 302 ALA A CA   1 
ATOM   564  C  C    . ALA A 1 42 ? 6.900   -1.297  -2.144  1.000 33.693 0 302 ALA A C    1 
ATOM   565  O  O    . ALA A 1 42 ? 6.807   -1.482  -0.928  1.000 29.626 0 302 ALA A O    1 
ATOM   566  C  CB   . ALA A 1 42 ? 6.282   1.063   -2.733  1.000 34.828 0 302 ALA A CB   1 
ATOM   567  H  H    . ALA A 1 42 ? 4.276   0.169   -1.792  1.000 32.003 0 302 ALA A H    1 
ATOM   568  H  HA   . ALA A 1 42 ? 5.832   -0.643  -3.793  1.000 32.866 0 302 ALA A HA   1 
ATOM   569  H  HB1  . ALA A 1 42 ? 7.011   1.251   -3.349  1.000 34.157 0 302 ALA A HB1  1 
ATOM   570  H  HB2  . ALA A 1 42 ? 5.520   1.624   -2.955  1.000 34.137 0 302 ALA A HB2  1 
ATOM   571  H  HB3  . ALA A 1 42 ? 6.569   1.256   -1.825  1.000 34.141 0 302 ALA A HB3  1 
ATOM   572  N  N    . LEU A 1 43 ? 7.846   -1.853  -2.899  1.000 37.162 0 303 LEU A N    1 
ATOM   573  C  CA   . LEU A 1 43 ? 9.016   -2.571  -2.332  1.000 38.150 0 303 LEU A CA   1 
ATOM   574  C  C    . LEU A 1 43 ? 9.789   -1.618  -1.410  1.000 41.032 0 303 LEU A C    1 
ATOM   575  O  O    . LEU A 1 43 ? 9.631   -0.367  -1.552  1.000 39.109 0 303 LEU A O    1 
ATOM   576  C  CB   . LEU A 1 43 ? 9.877   -3.119  -3.479  1.000 39.798 0 303 LEU A CB   1 
ATOM   577  C  CG   . LEU A 1 43 ? 9.139   -4.008  -4.492  1.000 42.135 0 303 LEU A CG   1 
ATOM   578  C  CD1  . LEU A 1 43 ? 10.085  -4.578  -5.547  1.000 42.057 0 303 LEU A CD1  1 
ATOM   579  C  CD2  . LEU A 1 43 ? 8.405   -5.134  -3.787  1.000 40.155 0 303 LEU A CD2  1 
ATOM   580  H  H    . LEU A 1 43 ? 7.840   -1.799  -3.806  1.000 36.553 0 303 LEU A H    1 
ATOM   581  H  HA   . LEU A 1 43 ? 8.682   -3.323  -1.791  1.000 38.804 0 303 LEU A HA   1 
ATOM   582  H  HB2  . LEU A 1 43 ? 10.269  -2.362  -3.959  1.000 39.937 0 303 LEU A HB2  1 
ATOM   583  H  HB3  . LEU A 1 43 ? 10.612  -3.635  -3.093  1.000 39.937 0 303 LEU A HB3  1 
ATOM   584  H  HG   . LEU A 1 43 ? 8.468   -3.452  -4.958  1.000 41.262 0 303 LEU A HG   1 
ATOM   585  H  HD11 . LEU A 1 43 ? 10.551  -3.850  -5.993  1.000 42.079 0 303 LEU A HD11 1 
ATOM   586  H  HD12 . LEU A 1 43 ? 9.574   -5.086  -6.200  1.000 42.057 0 303 LEU A HD12 1 
ATOM   587  H  HD13 . LEU A 1 43 ? 10.734  -5.164  -5.119  1.000 42.095 0 303 LEU A HD13 1 
ATOM   588  H  HD21 . LEU A 1 43 ? 8.967   -5.498  -3.081  1.000 40.747 0 303 LEU A HD21 1 
ATOM   589  H  HD22 . LEU A 1 43 ? 8.193   -5.837  -4.427  1.000 40.753 0 303 LEU A HD22 1 
ATOM   590  H  HD23 . LEU A 1 43 ? 7.580   -4.792  -3.400  1.000 40.728 0 303 LEU A HD23 1 
ATOM   591  N  N    . LYS A 1 44 ? 10.577  -2.182  -0.485  1.000 43.663 0 304 LYS A N    1 
ATOM   592  C  CA   . LYS A 1 44 ? 11.384  -1.436  0.530   1.000 52.134 0 304 LYS A CA   1 
ATOM   593  C  C    . LYS A 1 44 ? 12.041  -0.202  -0.098  1.000 50.651 0 304 LYS A C    1 
ATOM   594  O  O    . LYS A 1 44 ? 11.959  0.904   0.508   1.000 47.783 0 304 LYS A O    1 
ATOM   595  C  CB   . LYS A 1 44 ? 12.535  -2.293  1.074   1.000 60.308 0 304 LYS A CB   1 
ATOM   596  C  CG   . LYS A 1 44 ? 12.136  -3.457  1.967   1.000 66.505 0 304 LYS A CG   1 
ATOM   597  C  CD   . LYS A 1 44 ? 11.860  -3.057  3.398   1.000 72.831 0 304 LYS A CD   1 
ATOM   598  C  CE   . LYS A 1 44 ? 11.824  -4.245  4.336   1.000 75.250 0 304 LYS A CE   1 
ATOM   599  N  NZ   . LYS A 1 44 ? 10.795  -4.077  5.387   1.000 76.591 0 304 LYS A NZ   1 
ATOM   600  H  H    . LYS A 1 44 ? 10.670  -3.085  -0.424  1.000 44.971 0 304 LYS A H    1 
ATOM   601  H  HA   . LYS A 1 44 ? 10.798  -1.158  1.271   1.000 51.535 0 304 LYS A HA   1 
ATOM   602  H  HB2  . LYS A 1 44 ? 13.034  -2.651  0.312   1.000 59.678 0 304 LYS A HB2  1 
ATOM   603  H  HB3  . LYS A 1 44 ? 13.141  -1.711  1.578   1.000 59.646 0 304 LYS A HB3  1 
ATOM   604  H  HG2  . LYS A 1 44 ? 11.334  -3.881  1.596   1.000 66.244 0 304 LYS A HG2  1 
ATOM   605  H  HG3  . LYS A 1 44 ? 12.857  -4.123  1.957   1.000 66.383 0 304 LYS A HG3  1 
ATOM   606  H  HD2  . LYS A 1 44 ? 12.557  -2.434  3.698   1.000 71.808 0 304 LYS A HD2  1 
ATOM   607  H  HD3  . LYS A 1 44 ? 10.998  -2.591  3.440   1.000 71.843 0 304 LYS A HD3  1 
ATOM   608  H  HE2  . LYS A 1 44 ? 11.630  -5.056  3.830   1.000 74.966 0 304 LYS A HE2  1 
ATOM   609  H  HE3  . LYS A 1 44 ? 12.696  -4.352  4.760   1.000 74.981 0 304 LYS A HE3  1 
ATOM   610  H  HZ1  . LYS A 1 44 ? 10.898  -3.273  5.794   1.000 76.168 0 304 LYS A HZ1  1 
ATOM   611  H  HZ2  . LYS A 1 44 ? 10.878  -4.735  6.006   1.000 76.174 0 304 LYS A HZ2  1 
ATOM   612  H  HZ3  . LYS A 1 44 ? 9.967   -4.121  5.018   1.000 76.174 0 304 LYS A HZ3  1 
ATOM   613  N  N    . GLU A 1 45 ? 12.688  -0.411  -1.249  1.000 50.258 0 305 GLU A N    1 
ATOM   614  C  CA   . GLU A 1 45 ? 13.522  0.588   -1.972  1.000 55.806 0 305 GLU A CA   1 
ATOM   615  C  C    . GLU A 1 45 ? 12.666  1.808   -2.329  1.000 52.500 0 305 GLU A C    1 
ATOM   616  O  O    . GLU A 1 45 ? 13.194  2.922   -2.282  1.000 50.535 0 305 GLU A O    1 
ATOM   617  C  CB   . GLU A 1 45 ? 14.131  -0.020  -3.241  1.000 63.895 0 305 GLU A CB   1 
ATOM   618  C  CG   . GLU A 1 45 ? 15.415  -0.803  -3.008  1.000 66.810 0 305 GLU A CG   1 
ATOM   619  C  CD   . GLU A 1 45 ? 15.308  -2.026  -2.110  1.000 74.425 0 305 GLU A CD   1 
ATOM   620  O  OE1  . GLU A 1 45 ? 15.558  -3.140  -2.612  1.000 79.158 0 305 GLU A OE1  1 
ATOM   621  O  OE2  . GLU A 1 45 ? 15.000  -1.864  -0.902  1.000 84.940 0 305 GLU A OE2  1 
ATOM   622  H  H    . GLU A 1 45 ? 12.654  -1.215  -1.674  1.000 51.663 0 305 GLU A H    1 
ATOM   623  H  HA   . GLU A 1 45 ? 14.251  0.876   -1.374  1.000 55.487 0 305 GLU A HA   1 
ATOM   624  H  HB2  . GLU A 1 45 ? 13.468  -0.614  -3.652  1.000 62.496 0 305 GLU A HB2  1 
ATOM   625  H  HB3  . GLU A 1 45 ? 14.316  0.705   -3.875  1.000 62.460 0 305 GLU A HB3  1 
ATOM   626  H  HG2  . GLU A 1 45 ? 15.764  -1.095  -3.877  1.000 67.838 0 305 GLU A HG2  1 
ATOM   627  H  HG3  . GLU A 1 45 ? 16.081  -0.198  -2.616  1.000 67.819 0 305 GLU A HG3  1 
ATOM   628  N  N    . GLN A 1 46 ? 11.397  1.604   -2.695  1.000 43.773 0 306 GLN A N    1 
ATOM   629  C  CA   . GLN A 1 46 ? 10.526  2.715   -3.139  1.000 41.610 0 306 GLN A CA   1 
ATOM   630  C  C    . GLN A 1 46 ? 9.703   3.220   -1.960  1.000 38.698 0 306 GLN A C    1 
ATOM   631  O  O    . GLN A 1 46 ? 8.935   4.147   -2.188  1.000 37.033 0 306 GLN A O    1 
ATOM   632  C  CB   . GLN A 1 46 ? 9.599   2.296   -4.286  1.000 44.674 0 306 GLN A CB   1 
ATOM   633  C  CG   . GLN A 1 46 ? 10.282  2.286   -5.642  1.000 43.382 0 306 GLN A CG   1 
ATOM   634  C  CD   . GLN A 1 46 ? 11.353  1.227   -5.743  1.000 44.178 0 306 GLN A CD   1 
ATOM   635  O  OE1  . GLN A 1 46 ? 11.142  0.079   -5.381  1.000 40.859 0 306 GLN A OE1  1 
ATOM   636  N  NE2  . GLN A 1 46 ? 12.521  1.612   -6.242  1.000 43.195 0 306 GLN A NE2  1 
ATOM   637  H  H    . GLN A 1 46 ? 10.999  0.785   -2.697  1.000 45.157 0 306 GLN A H    1 
ATOM   638  H  HA   . GLN A 1 46 ? 11.100  3.451   -3.455  1.000 42.036 0 306 GLN A HA   1 
ATOM   639  H  HB2  . GLN A 1 46 ? 9.250   1.400   -4.096  1.000 43.599 0 306 GLN A HB2  1 
ATOM   640  H  HB3  . GLN A 1 46 ? 8.838   2.913   -4.318  1.000 43.599 0 306 GLN A HB3  1 
ATOM   641  H  HG2  . GLN A 1 46 ? 9.610   2.130   -6.339  1.000 43.869 0 306 GLN A HG2  1 
ATOM   642  H  HG3  . GLN A 1 46 ? 10.684  3.166   -5.805  1.000 43.867 0 306 GLN A HG3  1 
ATOM   643  H  HE21 . GLN A 1 46 ? 13.273  1.286   -5.911  1.000 43.542 0 306 GLN A HE21 1 
ATOM   644  H  HE22 . GLN A 1 46 ? 12.548  2.194   -6.907  1.000 43.507 0 306 GLN A HE22 1 
ATOM   645  N  N    . GLN A 1 47 ? 9.854   2.654   -0.759  1.000 37.815 0 307 GLN A N    1 
ATOM   646  C  CA   . GLN A 1 47 ? 9.090   3.128   0.427   1.000 36.973 0 307 GLN A CA   1 
ATOM   647  C  C    . GLN A 1 47 ? 9.678   4.470   0.853   1.000 41.146 0 307 GLN A C    1 
ATOM   648  O  O    . GLN A 1 47 ? 10.896  4.589   1.005   1.000 44.394 0 307 GLN A O    1 
ATOM   649  C  CB   . GLN A 1 47 ? 9.090   2.114   1.582   1.000 38.141 0 307 GLN A CB   1 
ATOM   650  C  CG   . GLN A 1 47 ? 8.121   0.952   1.386   1.000 34.178 0 307 GLN A CG   1 
ATOM   651  C  CD   . GLN A 1 47 ? 6.661   1.330   1.524   1.000 30.276 0 307 GLN A CD   1 
ATOM   652  O  OE1  . GLN A 1 47 ? 6.293   2.280   2.216   1.000 31.651 0 307 GLN A OE1  1 
ATOM   653  N  NE2  . GLN A 1 47 ? 5.808   0.573   0.855   1.000 28.709 0 307 GLN A NE2  1 
ATOM   654  H  H    . GLN A 1 47 ? 10.415  1.959   -0.595  1.000 37.880 0 307 GLN A H    1 
ATOM   655  H  HA   . GLN A 1 47 ? 8.160   3.269   0.145   1.000 38.144 0 307 GLN A HA   1 
ATOM   656  H  HB2  . GLN A 1 47 ? 9.997   1.761   1.684   1.000 36.920 0 307 GLN A HB2  1 
ATOM   657  H  HB3  . GLN A 1 47 ? 8.860   2.587   2.408   1.000 36.898 0 307 GLN A HB3  1 
ATOM   658  H  HG2  . GLN A 1 47 ? 8.263   0.567   0.496   1.000 34.081 0 307 GLN A HG2  1 
ATOM   659  H  HG3  . GLN A 1 47 ? 8.328   0.255   2.045   1.000 34.084 0 307 GLN A HG3  1 
ATOM   660  H  HE21 . GLN A 1 47 ? 5.102   0.938   0.467   1.000 29.185 0 307 GLN A HE21 1 
ATOM   661  H  HE22 . GLN A 1 47 ? 5.943   -0.299  0.795   1.000 29.194 0 307 GLN A HE22 1 
ATOM   662  N  N    . PRO A 1 48 ? 8.827   5.493   1.095   1.000 41.470 0 308 PRO A N    1 
ATOM   663  C  CA   . PRO A 1 48 ? 9.285   6.860   1.370   1.000 40.235 0 308 PRO A CA   1 
ATOM   664  C  C    . PRO A 1 48 ? 9.835   7.096   2.792   1.000 46.205 0 308 PRO A C    1 
ATOM   665  O  O    . PRO A 1 48 ? 10.265  8.213   3.080   1.000 40.853 0 308 PRO A O    1 
ATOM   666  C  CB   . PRO A 1 48 ? 8.014   7.688   1.155   1.000 40.993 0 308 PRO A CB   1 
ATOM   667  C  CG   . PRO A 1 48 ? 6.889   6.754   1.520   1.000 41.501 0 308 PRO A CG   1 
ATOM   668  C  CD   . PRO A 1 48 ? 7.358   5.385   1.080   1.000 43.749 0 308 PRO A CD   1 
ATOM   669  H  HA   . PRO A 1 48 ? 9.964   7.119   0.698   1.000 41.702 0 308 PRO A HA   1 
ATOM   670  H  HB2  . PRO A 1 48 ? 8.009   8.482   1.731   1.000 40.942 0 308 PRO A HB2  1 
ATOM   671  H  HB3  . PRO A 1 48 ? 7.938   7.976   0.221   1.000 40.934 0 308 PRO A HB3  1 
ATOM   672  H  HG2  . PRO A 1 48 ? 6.723   6.772   2.484   1.000 41.906 0 308 PRO A HG2  1 
ATOM   673  H  HG3  . PRO A 1 48 ? 6.066   7.004   1.054   1.000 41.899 0 308 PRO A HG3  1 
ATOM   674  H  HD2  . PRO A 1 48 ? 7.052   4.694   1.697   1.000 42.611 0 308 PRO A HD2  1 
ATOM   675  H  HD3  . PRO A 1 48 ? 7.034   5.177   0.184   1.000 42.601 0 308 PRO A HD3  1 
ATOM   676  N  N    . LYS A 1 49 ? 9.770   6.060   3.639   1.000 46.662 0 309 LYS A N    1 
ATOM   677  C  CA   . LYS A 1 49 ? 10.302  6.028   5.027   1.000 48.941 0 309 LYS A CA   1 
ATOM   678  C  C    . LYS A 1 49 ? 9.715   7.214   5.801   1.000 43.303 0 309 LYS A C    1 
ATOM   679  O  O    . LYS A 1 49 ? 10.451  7.930   6.510   1.000 38.342 0 309 LYS A O    1 
ATOM   680  C  CB   . LYS A 1 49 ? 11.831  5.943   4.973   1.000 55.712 0 309 LYS A CB   1 
ATOM   681  C  CG   . LYS A 1 49 ? 12.349  4.820   4.074   1.000 61.569 0 309 LYS A CG   1 
ATOM   682  C  CD   . LYS A 1 49 ? 13.449  3.958   4.676   1.000 67.497 0 309 LYS A CD   1 
ATOM   683  C  CE   . LYS A 1 49 ? 14.850  4.440   4.357   1.000 70.245 0 309 LYS A CE   1 
ATOM   684  N  NZ   . LYS A 1 49 ? 15.118  5.775   4.942   1.000 73.781 0 309 LYS A NZ   1 
ATOM   685  H  H    . LYS A 1 49 ? 9.364   5.279   3.411   1.000 47.032 0 309 LYS A H    1 
ATOM   686  H  HA   . LYS A 1 49 ? 9.971   5.202   5.450   1.000 48.567 0 309 LYS A HA   1 
ATOM   687  H  HB2  . LYS A 1 49 ? 12.182  6.797   4.645   1.000 55.333 0 309 LYS A HB2  1 
ATOM   688  H  HB3  . LYS A 1 49 ? 12.171  5.807   5.882   1.000 55.373 0 309 LYS A HB3  1 
ATOM   689  H  HG2  . LYS A 1 49 ? 11.594  4.238   3.839   1.000 61.393 0 309 LYS A HG2  1 
ATOM   690  H  HG3  . LYS A 1 49 ? 12.683  5.219   3.243   1.000 61.457 0 309 LYS A HG3  1 
ATOM   691  H  HD2  . LYS A 1 49 ? 13.339  3.933   5.650   1.000 66.655 0 309 LYS A HD2  1 
ATOM   692  H  HD3  . LYS A 1 49 ? 13.349  3.041   4.341   1.000 66.671 0 309 LYS A HD3  1 
ATOM   693  H  HE2  . LYS A 1 49 ? 15.501  3.803   4.708   1.000 70.397 0 309 LYS A HE2  1 
ATOM   694  H  HE3  . LYS A 1 49 ? 14.966  4.489   3.389   1.000 70.397 0 309 LYS A HE3  1 
ATOM   695  H  HZ1  . LYS A 1 49 ? 14.699  6.414   4.454   1.000 72.648 0 309 LYS A HZ1  1 
ATOM   696  H  HZ2  . LYS A 1 49 ? 16.011  5.938   4.940   1.000 72.663 0 309 LYS A HZ2  1 
ATOM   697  H  HZ3  . LYS A 1 49 ? 14.813  5.804   5.797   1.000 72.643 0 309 LYS A HZ3  1 
ATOM   698  N  N    . VAL A 1 50 ? 8.399   7.402   5.690   1.000 34.118 0 310 VAL A N    1 
ATOM   699  C  CA   . VAL A 1 50 ? 7.646   8.312   6.604   1.000 36.842 0 310 VAL A CA   1 
ATOM   700  C  C    . VAL A 1 50 ? 7.298   7.459   7.818   1.000 38.406 0 310 VAL A C    1 
ATOM   701  O  O    . VAL A 1 50 ? 6.477   6.531   7.669   1.000 34.751 0 310 VAL A O    1 
ATOM   702  C  CB   . VAL A 1 50 ? 6.403   8.926   5.930   1.000 35.962 0 310 VAL A CB   1 
ATOM   703  C  CG1  . VAL A 1 50 ? 5.707   9.910   6.859   1.000 37.373 0 310 VAL A CG1  1 
ATOM   704  C  CG2  . VAL A 1 50 ? 6.732   9.569   4.587   1.000 33.356 0 310 VAL A CG2  1 
ATOM   705  H  H    . VAL A 1 50 ? 7.881   6.987   5.066   1.000 36.755 0 310 VAL A H    1 
ATOM   706  H  HA   . VAL A 1 50 ? 8.237   9.034   6.882   1.000 36.479 0 310 VAL A HA   1 
ATOM   707  H  HB   . VAL A 1 50 ? 5.770   8.185   5.755   1.000 35.874 0 310 VAL A HB   1 
ATOM   708  H  HG11 . VAL A 1 50 ? 5.212   9.420   7.538   1.000 36.932 0 310 VAL A HG11 1 
ATOM   709  H  HG12 . VAL A 1 50 ? 5.093   10.463  6.347   1.000 36.918 0 310 VAL A HG12 1 
ATOM   710  H  HG13 . VAL A 1 50 ? 6.371   10.476  7.289   1.000 36.929 0 310 VAL A HG13 1 
ATOM   711  H  HG21 . VAL A 1 50 ? 7.476   10.188  4.697   1.000 34.140 0 310 VAL A HG21 1 
ATOM   712  H  HG22 . VAL A 1 50 ? 5.955   10.054  4.257   1.000 34.145 0 310 VAL A HG22 1 
ATOM   713  H  HG23 . VAL A 1 50 ? 6.977   8.878   3.946   1.000 34.145 0 310 VAL A HG23 1 
ATOM   714  N  N    A ARG A 1 51 ? 7.918   7.755   8.965   0.500 40.374 0 311 ARG A N    1 
ATOM   715  N  N    B ARG A 1 51 ? 7.926   7.743   8.967   0.500 41.026 0 311 ARG A N    1 
ATOM   716  C  CA   A ARG A 1 51 ? 7.892   6.923   10.198  0.500 41.583 0 311 ARG A CA   1 
ATOM   717  C  CA   B ARG A 1 51 ? 7.917   6.874   10.177  0.500 42.585 0 311 ARG A CA   1 
ATOM   718  C  C    A ARG A 1 51 ? 6.450   6.500   10.508  0.500 38.515 0 311 ARG A C    1 
ATOM   719  C  C    B ARG A 1 51 ? 6.470   6.493   10.511  0.500 39.063 0 311 ARG A C    1 
ATOM   720  O  O    A ARG A 1 51 ? 5.641   7.397   10.737  0.500 38.821 0 311 ARG A O    1 
ATOM   721  O  O    B ARG A 1 51 ? 5.682   7.407   10.745  0.500 38.877 0 311 ARG A O    1 
ATOM   722  C  CB   A ARG A 1 51 ? 8.495   7.708   11.372  0.500 45.973 0 311 ARG A CB   1 
ATOM   723  C  CB   B ARG A 1 51 ? 8.590   7.566   11.372  0.500 48.299 0 311 ARG A CB   1 
ATOM   724  C  CG   A ARG A 1 51 ? 8.407   6.979   12.708  0.500 50.128 0 311 ARG A CG   1 
ATOM   725  C  CG   B ARG A 1 51 ? 8.697   6.684   12.614  0.500 52.918 0 311 ARG A CG   1 
ATOM   726  C  CD   A ARG A 1 51 ? 9.083   7.690   13.869  0.500 50.083 0 311 ARG A CD   1 
ATOM   727  C  CD   B ARG A 1 51 ? 9.362   7.335   13.822  0.500 54.619 0 311 ARG A CD   1 
ATOM   728  N  NE   A ARG A 1 51 ? 8.512   8.995   14.172  0.500 50.767 0 311 ARG A NE   1 
ATOM   729  N  NE   B ARG A 1 51 ? 9.715   6.369   14.861  0.500 54.986 0 311 ARG A NE   1 
ATOM   730  C  CZ   A ARG A 1 51 ? 7.490   9.203   14.995  0.500 50.014 0 311 ARG A CZ   1 
ATOM   731  C  CZ   B ARG A 1 51 ? 9.999   6.675   16.127  0.500 56.682 0 311 ARG A CZ   1 
ATOM   732  N  NH1  A ARG A 1 51 ? 6.897   8.185   15.599  0.500 46.196 0 311 ARG A NH1  1 
ATOM   733  N  NH1  B ARG A 1 51 ? 9.972   7.930   16.539  0.500 55.607 0 311 ARG A NH1  1 
ATOM   734  N  NH2  A ARG A 1 51 ? 7.060   10.434  15.199  0.500 49.261 0 311 ARG A NH2  1 
ATOM   735  N  NH2  B ARG A 1 51 ? 10.310  5.720   16.985  0.500 58.273 0 311 ARG A NH2  1 
ATOM   736  H  H    A ARG A 1 51 ? 8.415   8.517   9.062   0.500 40.160 0 311 ARG A H    1 
ATOM   737  H  H    B ARG A 1 51 ? 8.411   8.510   9.079   0.500 40.726 0 311 ARG A H    1 
ATOM   738  H  HA   A ARG A 1 51 ? 8.436   6.113   10.041  0.500 41.524 0 311 ARG A HA   1 
ATOM   739  H  HA   B ARG A 1 51 ? 8.420   6.049   9.966   0.500 42.574 0 311 ARG A HA   1 
ATOM   740  H  HB2  A ARG A 1 51 ? 9.445   7.896   11.172  0.500 45.823 0 311 ARG A HB2  1 
ATOM   741  H  HB2  B ARG A 1 51 ? 9.498   7.850   11.102  0.500 47.907 0 311 ARG A HB2  1 
ATOM   742  H  HB3  A ARG A 1 51 ? 8.021   8.574   11.450  0.500 45.823 0 311 ARG A HB3  1 
ATOM   743  H  HB3  B ARG A 1 51 ? 8.072   8.378   11.600  0.500 47.907 0 311 ARG A HB3  1 
ATOM   744  H  HG2  A ARG A 1 51 ? 7.455   6.842   12.933  0.500 49.103 0 311 ARG A HG2  1 
ATOM   745  H  HG2  B ARG A 1 51 ? 7.786   6.399   12.876  0.500 52.169 0 311 ARG A HG2  1 
ATOM   746  H  HG3  A ARG A 1 51 ? 8.819   6.084   12.607  0.500 49.106 0 311 ARG A HG3  1 
ATOM   747  H  HG3  B ARG A 1 51 ? 9.204   5.868   12.380  0.500 52.177 0 311 ARG A HG3  1 
ATOM   748  H  HD2  A ARG A 1 51 ? 9.018   7.118   14.673  0.500 50.254 0 311 ARG A HD2  1 
ATOM   749  H  HD2  B ARG A 1 51 ? 10.181  7.804   13.527  0.500 54.299 0 311 ARG A HD2  1 
ATOM   750  H  HD3  A ARG A 1 51 ? 10.043  7.802   13.659  0.500 50.254 0 311 ARG A HD3  1 
ATOM   751  H  HD3  B ARG A 1 51 ? 8.748   8.011   14.204  0.500 54.299 0 311 ARG A HD3  1 
ATOM   752  H  HE   A ARG A 1 51 ? 8.886   9.715   13.785  0.500 50.290 0 311 ARG A HE   1 
ATOM   753  H  HE   B ARG A 1 51 ? 9.747   5.502   14.629  0.500 55.385 0 311 ARG A HE   1 
ATOM   754  H  HH11 A ARG A 1 51 ? 7.193   7.348   15.458  0.500 47.532 0 311 ARG A HH11 1 
ATOM   755  H  HH11 B ARG A 1 51 ? 9.762   8.586   15.961  0.500 55.971 0 311 ARG A HH11 1 
ATOM   756  H  HH12 A ARG A 1 51 ? 6.205   8.335   16.151  0.500 47.532 0 311 ARG A HH12 1 
ATOM   757  H  HH12 B ARG A 1 51 ? 10.165  8.124   17.395  0.500 55.971 0 311 ARG A HH12 1 
ATOM   758  H  HH21 A ARG A 1 51 ? 7.462   11.123  14.785  0.500 49.430 0 311 ARG A HH21 1 
ATOM   759  H  HH21 B ARG A 1 51 ? 10.329  4.863   16.713  0.500 57.591 0 311 ARG A HH21 1 
ATOM   760  H  HH22 A ARG A 1 51 ? 6.365   10.580  15.751  0.500 49.430 0 311 ARG A HH22 1 
ATOM   761  H  HH22 B ARG A 1 51 ? 10.498  5.928   17.839  0.500 57.591 0 311 ARG A HH22 1 
ATOM   762  N  N    . GLY A 1 52 ? 6.158   5.190   10.503  1.000 35.562 0 312 GLY A N    1 
ATOM   763  C  CA   . GLY A 1 52 ? 4.865   4.632   10.964  1.000 35.177 0 312 GLY A CA   1 
ATOM   764  C  C    . GLY A 1 52 ? 3.836   4.517   9.843   1.000 29.906 0 312 GLY A C    1 
ATOM   765  O  O    . GLY A 1 52 ? 2.682   4.153   10.113  1.000 29.586 0 312 GLY A O    1 
ATOM   766  H  H    . GLY A 1 52 ? 6.756   4.571   10.205  1.000 36.717 0 312 GLY A H    1 
ATOM   767  H  HA2  . GLY A 1 52 ? 5.025   3.734   11.350  1.000 33.950 0 312 GLY A HA2  1 
ATOM   768  H  HA3  . GLY A 1 52 ? 4.504   5.207   11.682  1.000 33.980 0 312 GLY A HA3  1 
ATOM   769  N  N    . TRP A 1 53 ? 4.225   4.799   8.603   1.000 28.030 0 313 TRP A N    1 
ATOM   770  C  CA   . TRP A 1 53 ? 3.280   4.781   7.461   1.000 25.867 0 313 TRP A CA   1 
ATOM   771  C  C    . TRP A 1 53 ? 3.878   3.948   6.341   1.000 29.208 0 313 TRP A C    1 
ATOM   772  O  O    . TRP A 1 53 ? 5.136   3.801   6.257   1.000 25.773 0 313 TRP A O    1 
ATOM   773  C  CB   . TRP A 1 53 ? 2.985   6.205   6.971   1.000 27.635 0 313 TRP A CB   1 
ATOM   774  C  CG   . TRP A 1 53 ? 2.284   7.086   7.953   1.000 24.624 0 313 TRP A CG   1 
ATOM   775  C  CD1  . TRP A 1 53 ? 2.858   7.794   8.967   1.000 28.260 0 313 TRP A CD1  1 
ATOM   776  C  CD2  . TRP A 1 53 ? 0.876   7.365   8.009   1.000 24.556 0 313 TRP A CD2  1 
ATOM   777  N  NE1  . TRP A 1 53 ? 1.901   8.500   9.644   1.000 26.843 0 313 TRP A NE1  1 
ATOM   778  C  CE2  . TRP A 1 53 ? 0.673   8.238   9.094   1.000 24.827 0 313 TRP A CE2  1 
ATOM   779  C  CE3  . TRP A 1 53 ? -0.233  6.946   7.272   1.000 23.685 0 313 TRP A CE3  1 
ATOM   780  C  CZ2  . TRP A 1 53 ? -0.577  8.755   9.405   1.000 24.987 0 313 TRP A CZ2  1 
ATOM   781  C  CZ3  . TRP A 1 53 ? -1.477  7.444   7.591   1.000 25.698 0 313 TRP A CZ3  1 
ATOM   782  C  CH2  . TRP A 1 53 ? -1.640  8.347   8.647   1.000 25.795 0 313 TRP A CH2  1 
ATOM   783  H  H    . TRP A 1 53 ? 5.080   5.015   8.374   1.000 27.982 0 313 TRP A H    1 
ATOM   784  H  HA   . TRP A 1 53 ? 2.435   4.371   7.756   1.000 27.222 0 313 TRP A HA   1 
ATOM   785  H  HB2  . TRP A 1 53 ? 3.835   6.623   6.722   1.000 26.480 0 313 TRP A HB2  1 
ATOM   786  H  HB3  . TRP A 1 53 ? 2.439   6.140   6.160   1.000 26.484 0 313 TRP A HB3  1 
ATOM   787  H  HD1  . TRP A 1 53 ? 3.776   7.803   9.172   1.000 26.875 0 313 TRP A HD1  1 
ATOM   788  H  HE1  . TRP A 1 53 ? 2.051   9.017   10.327  1.000 26.520 0 313 TRP A HE1  1 
ATOM   789  H  HE3  . TRP A 1 53 ? -0.122  6.372   6.533   1.000 24.532 0 313 TRP A HE3  1 
ATOM   790  H  HZ2  . TRP A 1 53 ? -0.691  9.340   10.133  1.000 25.213 0 313 TRP A HZ2  1 
ATOM   791  H  HZ3  . TRP A 1 53 ? -2.229  7.176   7.089   1.000 25.301 0 313 TRP A HZ3  1 
ATOM   792  H  HH2  . TRP A 1 53 ? -2.504  8.645   8.870   1.000 25.594 0 313 TRP A HH2  1 
ATOM   793  N  N    . LEU A 1 54 ? 3.026   3.485   5.448   1.000 25.154 0 314 LEU A N    1 
ATOM   794  C  CA   . LEU A 1 54 ? 3.491   2.725   4.268   1.000 26.663 0 314 LEU A CA   1 
ATOM   795  C  C    . LEU A 1 54 ? 2.892   3.350   3.026   1.000 26.065 0 314 LEU A C    1 
ATOM   796  O  O    . LEU A 1 54 ? 1.767   3.837   3.089   1.000 26.212 0 314 LEU A O    1 
ATOM   797  C  CB   . LEU A 1 54 ? 3.044   1.274   4.428   1.000 27.349 0 314 LEU A CB   1 
ATOM   798  C  CG   . LEU A 1 54 ? 3.660   0.557   5.626   1.000 30.157 0 314 LEU A CG   1 
ATOM   799  C  CD1  . LEU A 1 54 ? 2.897   -0.709  5.935   1.000 32.611 0 314 LEU A CD1  1 
ATOM   800  C  CD2  . LEU A 1 54 ? 5.140   0.271   5.370   1.000 33.203 0 314 LEU A CD2  1 
ATOM   801  H  H    . LEU A 1 54 ? 2.124   3.598   5.504   1.000 26.412 0 314 LEU A H    1 
ATOM   802  H  HA   . LEU A 1 54 ? 4.473   2.774   4.216   1.000 26.411 0 314 LEU A HA   1 
ATOM   803  H  HB2  . LEU A 1 54 ? 2.070   1.258   4.517   1.000 27.838 0 314 LEU A HB2  1 
ATOM   804  H  HB3  . LEU A 1 54 ? 3.277   0.785   3.614   1.000 27.832 0 314 LEU A HB3  1 
ATOM   805  H  HG   . LEU A 1 54 ? 3.594   1.152   6.413   1.000 30.587 0 314 LEU A HG   1 
ATOM   806  H  HD11 . LEU A 1 54 ? 1.946   -0.509  5.998   1.000 31.826 0 314 LEU A HD11 1 
ATOM   807  H  HD12 . LEU A 1 54 ? 3.207   -1.079  6.779   1.000 31.834 0 314 LEU A HD12 1 
ATOM   808  H  HD13 . LEU A 1 54 ? 3.044   -1.357  5.225   1.000 31.840 0 314 LEU A HD13 1 
ATOM   809  H  HD21 . LEU A 1 54 ? 5.246   -0.134  4.492   1.000 32.218 0 314 LEU A HD21 1 
ATOM   810  H  HD22 . LEU A 1 54 ? 5.475   -0.339  6.050   1.000 32.227 0 314 LEU A HD22 1 
ATOM   811  H  HD23 . LEU A 1 54 ? 5.643   1.104   5.406   1.000 32.215 0 314 LEU A HD23 1 
ATOM   812  N  N    . LEU A 1 55 ? 3.648   3.358   1.942   1.000 27.252 0 315 LEU A N    1 
ATOM   813  C  CA   . LEU A 1 55 ? 3.134   3.784   0.622   1.000 27.323 0 315 LEU A CA   1 
ATOM   814  C  C    . LEU A 1 55 ? 2.405   2.581   0.013   1.000 25.794 0 315 LEU A C    1 
ATOM   815  O  O    . LEU A 1 55 ? 3.006   1.503   -0.106  1.000 27.293 0 315 LEU A O    1 
ATOM   816  C  CB   . LEU A 1 55 ? 4.301   4.252   -0.242  1.000 27.488 0 315 LEU A CB   1 
ATOM   817  C  CG   . LEU A 1 55 ? 3.929   4.845   -1.593  1.000 31.591 0 315 LEU A CG   1 
ATOM   818  C  CD1  . LEU A 1 55 ? 2.934   5.994   -1.457  1.000 34.562 0 315 LEU A CD1  1 
ATOM   819  C  CD2  . LEU A 1 55 ? 5.188   5.311   -2.299  1.000 35.067 0 315 LEU A CD2  1 
ATOM   820  H  H    . LEU A 1 55 ? 4.522   3.105   1.943   1.000 26.992 0 315 LEU A H    1 
ATOM   821  H  HA   . LEU A 1 55 ? 2.496   4.521   0.752   1.000 27.057 0 315 LEU A HA   1 
ATOM   822  H  HB2  . LEU A 1 55 ? 4.800   4.925   0.260   1.000 28.416 0 315 LEU A HB2  1 
ATOM   823  H  HB3  . LEU A 1 55 ? 4.898   3.492   -0.392  1.000 28.370 0 315 LEU A HB3  1 
ATOM   824  H  HG   . LEU A 1 55 ? 3.511   4.135   -2.137  1.000 31.914 0 315 LEU A HG   1 
ATOM   825  H  HD11 . LEU A 1 55 ? 2.042   5.635   -1.314  1.000 33.587 0 315 LEU A HD11 1 
ATOM   826  H  HD12 . LEU A 1 55 ? 2.942   6.528   -2.270  1.000 33.613 0 315 LEU A HD12 1 
ATOM   827  H  HD13 . LEU A 1 55 ? 3.184   6.553   -0.701  1.000 33.599 0 315 LEU A HD13 1 
ATOM   828  H  HD21 . LEU A 1 55 ? 5.594   6.035   -1.792  1.000 33.957 0 315 LEU A HD21 1 
ATOM   829  H  HD22 . LEU A 1 55 ? 4.962   5.626   -3.190  1.000 33.957 0 315 LEU A HD22 1 
ATOM   830  H  HD23 . LEU A 1 55 ? 5.816   4.570   -2.365  1.000 33.957 0 315 LEU A HD23 1 
ATOM   831  N  N    . ALA A 1 56 ? 1.142   2.778   -0.336  1.000 25.976 0 316 ALA A N    1 
ATOM   832  C  CA   . ALA A 1 56 ? 0.223   1.704   -0.740  1.000 25.319 0 316 ALA A CA   1 
ATOM   833  C  C    . ALA A 1 56 ? -0.759  2.210   -1.799  1.000 25.421 0 316 ALA A C    1 
ATOM   834  O  O    . ALA A 1 56 ? -0.867  3.459   -2.037  1.000 23.048 0 316 ALA A O    1 
ATOM   835  C  CB   . ALA A 1 56 ? -0.505  1.211   0.471   1.000 26.758 0 316 ALA A CB   1 
ATOM   836  H  H    . ALA A 1 56 ? 0.746   3.599   -0.350  1.000 25.783 0 316 ALA A H    1 
ATOM   837  H  HA   . ALA A 1 56 ? 0.749   0.965   -1.122  1.000 25.741 0 316 ALA A HA   1 
ATOM   838  H  HB1  . ALA A 1 56 ? -1.116  0.500   0.217   1.000 26.306 0 316 ALA A HB1  1 
ATOM   839  H  HB2  . ALA A 1 56 ? 0.134   0.871   1.120   1.000 26.306 0 316 ALA A HB2  1 
ATOM   840  H  HB3  . ALA A 1 56 ? -1.008  1.943   0.868   1.000 26.306 0 316 ALA A HB3  1 
ATOM   841  N  N    . SER A 1 57 ? -1.457  1.255   -2.433  1.000 24.859 0 317 SER A N    1 
ATOM   842  C  CA   . SER A 1 57 ? -2.597  1.522   -3.335  1.000 23.504 0 317 SER A CA   1 
ATOM   843  C  C    . SER A 1 57 ? -3.685  0.480   -3.093  1.000 22.592 0 317 SER A C    1 
ATOM   844  O  O    . SER A 1 57 ? -3.361  -0.692  -2.942  1.000 23.219 0 317 SER A O    1 
ATOM   845  C  CB   . SER A 1 57 ? -2.133  1.513   -4.775  1.000 27.158 0 317 SER A CB   1 
ATOM   846  O  OG   . SER A 1 57 ? -3.186  1.845   -5.654  1.000 27.424 0 317 SER A OG   1 
ATOM   847  H  H    . SER A 1 57 ? -1.272  0.364   -2.356  1.000 24.659 0 317 SER A H    1 
ATOM   848  H  HA   . SER A 1 57 ? -2.963  2.416   -3.125  1.000 24.267 0 317 SER A HA   1 
ATOM   849  H  HB2  . SER A 1 57 ? -1.395  2.162   -4.884  1.000 26.317 0 317 SER A HB2  1 
ATOM   850  H  HB3  . SER A 1 57 ? -1.787  0.615   -5.001  1.000 26.311 0 317 SER A HB3  1 
ATOM   851  H  HG   . SER A 1 57 ? -2.880  1.818   -6.443  0.000 27.150 0 317 SER A HG   1 
ATOM   852  N  N    . LEU A 1 58 ? -4.925  0.917   -2.995  1.000 28.182 0 318 LEU A N    1 
ATOM   853  C  CA   . LEU A 1 58 ? -6.102  0.019   -2.970  1.000 27.562 0 318 LEU A CA   1 
ATOM   854  C  C    . LEU A 1 58 ? -6.573  -0.219  -4.413  1.000 30.142 0 318 LEU A C    1 
ATOM   855  O  O    . LEU A 1 58 ? -6.682  -1.369  -4.813  1.000 28.283 0 318 LEU A O    1 
ATOM   856  C  CB   . LEU A 1 58 ? -7.200  0.692   -2.145  1.000 27.131 0 318 LEU A CB   1 
ATOM   857  C  CG   . LEU A 1 58 ? -8.518  -0.076  -2.140  1.000 29.956 0 318 LEU A CG   1 
ATOM   858  C  CD1  . LEU A 1 58 ? -8.325  -1.454  -1.503  1.000 30.922 0 318 LEU A CD1  1 
ATOM   859  C  CD2  . LEU A 1 58 ? -9.591  0.716   -1.442  1.000 28.946 0 318 LEU A CD2  1 
ATOM   860  H  H    . LEU A 1 58 ? -5.131  1.803   -2.940  1.000 26.600 0 318 LEU A H    1 
ATOM   861  H  HA   . LEU A 1 58 ? -5.848  -0.840  -2.561  1.000 28.059 0 318 LEU A HA   1 
ATOM   862  H  HB2  . LEU A 1 58 ? -6.887  0.789   -1.224  1.000 27.879 0 318 LEU A HB2  1 
ATOM   863  H  HB3  . LEU A 1 58 ? -7.359  1.587   -2.504  1.000 27.870 0 318 LEU A HB3  1 
ATOM   864  H  HG   . LEU A 1 58 ? -8.801  -0.209  -3.077  1.000 29.383 0 318 LEU A HG   1 
ATOM   865  H  HD11 . LEU A 1 58 ? -7.872  -2.043  -2.132  1.000 30.603 0 318 LEU A HD11 1 
ATOM   866  H  HD12 . LEU A 1 58 ? -9.193  -1.830  -1.275  1.000 30.602 0 318 LEU A HD12 1 
ATOM   867  H  HD13 . LEU A 1 58 ? -7.788  -1.367  -0.696  1.000 30.601 0 318 LEU A HD13 1 
ATOM   868  H  HD21 . LEU A 1 58 ? -9.332  0.870   -0.518  1.000 29.254 0 318 LEU A HD21 1 
ATOM   869  H  HD22 . LEU A 1 58 ? -10.427 0.219   -1.465  1.000 29.256 0 318 LEU A HD22 1 
ATOM   870  H  HD23 . LEU A 1 58 ? -9.710  1.570   -1.893  1.000 29.254 0 318 LEU A HD23 1 
ATOM   871  N  N    . ASP A 1 59 ? -6.814  0.850   -5.168  1.000 32.522 0 319 ASP A N    1 
ATOM   872  C  CA   . ASP A 1 59 ? -7.482  0.809   -6.500  1.000 32.494 0 319 ASP A CA   1 
ATOM   873  C  C    . ASP A 1 59 ? -6.456  0.576   -7.612  1.000 34.230 0 319 ASP A C    1 
ATOM   874  O  O    . ASP A 1 59 ? -6.882  0.445   -8.758  1.000 38.139 0 319 ASP A O    1 
ATOM   875  C  CB   . ASP A 1 59 ? -8.330  2.065   -6.721  1.000 35.293 0 319 ASP A CB   1 
ATOM   876  C  CG   . ASP A 1 59 ? -7.510  3.346   -6.795  1.000 34.520 0 319 ASP A CG   1 
ATOM   877  O  OD1  . ASP A 1 59 ? -6.288  3.238   -6.955  1.000 32.987 0 319 ASP A OD1  1 
ATOM   878  O  OD2  . ASP A 1 59 ? -8.102  4.436   -6.708  1.000 43.241 0 319 ASP A OD2  1 
ATOM   879  H  H    . ASP A 1 59 ? -6.576  1.689   -4.906  1.000 31.943 0 319 ASP A H    1 
ATOM   880  H  HA   . ASP A 1 59 ? -8.100  0.040   -6.497  1.000 33.327 0 319 ASP A HA   1 
ATOM   881  H  HB2  . ASP A 1 59 ? -8.832  1.970   -7.556  1.000 34.433 0 319 ASP A HB2  1 
ATOM   882  H  HB3  . ASP A 1 59 ? -8.972  2.152   -5.987  1.000 34.433 0 319 ASP A HB3  1 
ATOM   883  N  N    . GLY A 1 60 ? -5.157  0.542   -7.300  1.000 29.721 0 320 GLY A N    1 
ATOM   884  C  CA   . GLY A 1 60 ? -4.078  0.298   -8.281  1.000 32.899 0 320 GLY A CA   1 
ATOM   885  C  C    . GLY A 1 60 ? -3.686  1.545   -9.078  1.000 33.279 0 320 GLY A C    1 
ATOM   886  O  O    . GLY A 1 60 ? -2.715  1.438   -9.855  1.000 35.375 0 320 GLY A O    1 
ATOM   887  H  H    . GLY A 1 60 ? -4.856  0.677   -6.453  1.000 31.469 0 320 GLY A H    1 
ATOM   888  H  HA2  . GLY A 1 60 ? -3.286  -0.037  -7.798  1.000 32.208 0 320 GLY A HA2  1 
ATOM   889  H  HA3  . GLY A 1 60 ? -4.370  -0.410  -8.909  1.000 32.221 0 320 GLY A HA3  1 
ATOM   890  N  N    . GLN A 1 61 ? -4.386  2.679   -8.913  1.000 33.028 0 321 GLN A N    1 
ATOM   891  C  CA   . GLN A 1 61 ? -4.071  3.980   -9.576  1.000 37.873 0 321 GLN A CA   1 
ATOM   892  C  C    . GLN A 1 61 ? -3.693  5.056   -8.542  1.000 35.875 0 321 GLN A C    1 
ATOM   893  O  O    . GLN A 1 61 ? -2.672  5.723   -8.739  1.000 36.657 0 321 GLN A O    1 
ATOM   894  C  CB   . GLN A 1 61 ? -5.272  4.530   -10.349 1.000 40.083 0 321 GLN A CB   1 
ATOM   895  C  CG   . GLN A 1 61 ? -5.611  3.730   -11.594 1.000 50.500 0 321 GLN A CG   1 
ATOM   896  C  CD   . GLN A 1 61 ? -5.002  4.346   -12.828 1.000 59.903 0 321 GLN A CD   1 
ATOM   897  O  OE1  . GLN A 1 61 ? -5.386  5.436   -13.244 1.000 62.433 0 321 GLN A OE1  1 
ATOM   898  N  NE2  . GLN A 1 61 ? -4.042  3.652   -13.422 1.000 64.400 0 321 GLN A NE2  1 
ATOM   899  H  H    . GLN A 1 61 ? -5.113  2.725   -8.371  1.000 34.157 0 321 GLN A H    1 
ATOM   900  H  HA   . GLN A 1 61 ? -3.318  3.850   -10.196 1.000 36.904 0 321 GLN A HA   1 
ATOM   901  H  HB2  . GLN A 1 61 ? -6.049  4.538   -9.751  1.000 41.780 0 321 GLN A HB2  1 
ATOM   902  H  HB3  . GLN A 1 61 ? -5.083  5.458   -10.603 1.000 41.821 0 321 GLN A HB3  1 
ATOM   903  H  HG2  . GLN A 1 61 ? -5.280  2.812   -11.491 1.000 49.772 0 321 GLN A HG2  1 
ATOM   904  H  HG3  . GLN A 1 61 ? -6.585  3.691   -11.699 1.000 49.780 0 321 GLN A HG3  1 
ATOM   905  H  HE21 . GLN A 1 61 ? -4.026  3.586   -14.304 1.000 62.971 0 321 GLN A HE21 1 
ATOM   906  H  HE22 . GLN A 1 61 ? -3.419  3.256   -12.938 1.000 62.938 0 321 GLN A HE22 1 
ATOM   907  N  N    . THR A 1 62 ? -4.530  5.271   -7.532  1.000 33.461 0 322 THR A N    1 
ATOM   908  C  CA   . THR A 1 62 ? -4.281  6.244   -6.427  1.000 32.883 0 322 THR A CA   1 
ATOM   909  C  C    . THR A 1 62 ? -3.327  5.609   -5.407  1.000 32.411 0 322 THR A C    1 
ATOM   910  O  O    . THR A 1 62 ? -3.699  4.568   -4.776  1.000 33.149 0 322 THR A O    1 
ATOM   911  C  CB   . THR A 1 62 ? -5.614  6.689   -5.826  1.000 35.060 0 322 THR A CB   1 
ATOM   912  O  OG1  . THR A 1 62 ? -6.480  6.942   -6.930  1.000 37.783 0 322 THR A OG1  1 
ATOM   913  C  CG2  . THR A 1 62 ? -5.523  7.930   -4.970  1.000 33.478 0 322 THR A CG2  1 
ATOM   914  H  H    . THR A 1 62 ? -5.329  4.836   -7.444  1.000 33.880 0 322 THR A H    1 
ATOM   915  H  HA   . THR A 1 62 ? -3.839  7.038   -6.817  1.000 33.292 0 322 THR A HA   1 
ATOM   916  H  HB   . THR A 1 62 ? -5.982  5.947   -5.286  1.000 34.821 0 322 THR A HB   1 
ATOM   917  H  HG1  . THR A 1 62 ? -7.217  7.199   -6.662  0.000 36.850 0 322 THR A HG1  1 
ATOM   918  H  HG21 . THR A 1 62 ? -4.927  7.758   -4.201  1.000 33.954 0 322 THR A HG21 1 
ATOM   919  H  HG22 . THR A 1 62 ? -6.424  8.172   -4.641  1.000 33.956 0 322 THR A HG22 1 
ATOM   920  H  HG23 . THR A 1 62 ? -5.159  8.677   -5.507  1.000 33.956 0 322 THR A HG23 1 
ATOM   921  N  N    . THR A 1 63 ? -2.143  6.194   -5.239  1.000 27.274 0 323 THR A N    1 
ATOM   922  C  CA   . THR A 1 63 ? -1.151  5.748   -4.239  1.000 26.119 0 323 THR A CA   1 
ATOM   923  C  C    . THR A 1 63 ? -1.100  6.757   -3.083  1.000 24.828 0 323 THR A C    1 
ATOM   924  O  O    . THR A 1 63 ? -1.323  7.950   -3.323  1.000 26.121 0 323 THR A O    1 
ATOM   925  C  CB   . THR A 1 63 ? 0.218   5.536   -4.870  1.000 27.727 0 323 THR A CB   1 
ATOM   926  O  OG1  . THR A 1 63 ? 0.630   6.780   -5.411  1.000 30.749 0 323 THR A OG1  1 
ATOM   927  C  CG2  . THR A 1 63 ? 0.202   4.509   -5.976  1.000 30.304 0 323 THR A CG2  1 
ATOM   928  H  H    . THR A 1 63 ? -1.856  6.911   -5.727  1.000 28.133 0 323 THR A H    1 
ATOM   929  H  HA   . THR A 1 63 ? -1.460  4.880   -3.877  1.000 26.396 0 323 THR A HA   1 
ATOM   930  H  HB   . THR A 1 63 ? 0.855   5.253   -4.167  1.000 28.436 0 323 THR A HB   1 
ATOM   931  H  HG1  . THR A 1 63 ? 1.384   6.705   -5.759  0.000 30.620 0 323 THR A HG1  1 
ATOM   932  H  HG21 . THR A 1 63 ? 0.092   3.606   -5.587  1.000 29.475 0 323 THR A HG21 1 
ATOM   933  H  HG22 . THR A 1 63 ? 1.056   4.548   -6.475  1.000 29.482 0 323 THR A HG22 1 
ATOM   934  H  HG23 . THR A 1 63 ? -0.547  4.696   -6.594  1.000 29.479 0 323 THR A HG23 1 
ATOM   935  N  N    . GLY A 1 64 ? -0.744  6.302   -1.888  1.000 23.268 0 324 GLY A N    1 
ATOM   936  C  CA   . GLY A 1 64 ? -0.667  7.195   -0.715  1.000 23.203 0 324 GLY A CA   1 
ATOM   937  C  C    . GLY A 1 64 ? -0.274  6.471   0.552   1.000 24.398 0 324 GLY A C    1 
ATOM   938  O  O    . GLY A 1 64 ? -0.041  5.242   0.531   1.000 26.850 0 324 GLY A O    1 
ATOM   939  H  H    . GLY A 1 64 ? -0.532  5.430   -1.733  1.000 23.612 0 324 GLY A H    1 
ATOM   940  H  HA2  . GLY A 1 64 ? -0.006  7.908   -0.900  1.000 23.496 0 324 GLY A HA2  1 
ATOM   941  H  HA3  . GLY A 1 64 ? -1.549  7.625   -0.584  1.000 23.506 0 324 GLY A HA3  1 
ATOM   942  N  N    . LEU A 1 65 ? -0.267  7.223   1.651   1.000 22.817 0 325 LEU A N    1 
ATOM   943  C  CA   . LEU A 1 65 ? 0.174   6.751   2.966   1.000 22.965 0 325 LEU A CA   1 
ATOM   944  C  C    . LEU A 1 65 ? -0.978  6.049   3.690   1.000 23.865 0 325 LEU A C    1 
ATOM   945  O  O    . LEU A 1 65 ? -2.170  6.504   3.632   1.000 26.243 0 325 LEU A O    1 
ATOM   946  C  CB   . LEU A 1 65 ? 0.739   7.925   3.767   1.000 24.998 0 325 LEU A CB   1 
ATOM   947  C  CG   . LEU A 1 65 ? 1.996   8.556   3.176   1.000 24.698 0 325 LEU A CG   1 
ATOM   948  C  CD1  . LEU A 1 65 ? 2.432   9.736   4.020   1.000 26.792 0 325 LEU A CD1  1 
ATOM   949  C  CD2  . LEU A 1 65 ? 3.125   7.545   3.067   1.000 26.609 0 325 LEU A CD2  1 
ATOM   950  H  H    . LEU A 1 65 ? -0.544  8.091   1.649   1.000 23.223 0 325 LEU A H    1 
ATOM   951  H  HA   . LEU A 1 65 ? 0.889   6.094   2.821   1.000 23.509 0 325 LEU A HA   1 
ATOM   952  H  HB2  . LEU A 1 65 ? 0.048   8.613   3.840   1.000 24.431 0 325 LEU A HB2  1 
ATOM   953  H  HB3  . LEU A 1 65 ? 0.944   7.612   4.671   1.000 24.434 0 325 LEU A HB3  1 
ATOM   954  H  HG   . LEU A 1 65 ? 1.782   8.884   2.267   1.000 25.496 0 325 LEU A HG   1 
ATOM   955  H  HD11 . LEU A 1 65 ? 1.691   10.360  4.115   1.000 26.129 0 325 LEU A HD11 1 
ATOM   956  H  HD12 . LEU A 1 65 ? 3.180   10.186  3.589   1.000 26.128 0 325 LEU A HD12 1 
ATOM   957  H  HD13 . LEU A 1 65 ? 2.706   9.422   4.899   1.000 26.129 0 325 LEU A HD13 1 
ATOM   958  H  HD21 . LEU A 1 65 ? 3.129   6.978   3.857   1.000 26.002 0 325 LEU A HD21 1 
ATOM   959  H  HD22 . LEU A 1 65 ? 3.975   8.013   3.000   1.000 26.005 0 325 LEU A HD22 1 
ATOM   960  H  HD23 . LEU A 1 65 ? 2.995   6.996   2.275   1.000 25.999 0 325 LEU A HD23 1 
ATOM   961  N  N    . ILE A 1 66 ? -0.627  4.955   4.345   1.000 24.590 0 326 ILE A N    1 
ATOM   962  C  CA   . ILE A 1 66 ? -1.569  4.185   5.205   1.000 24.570 0 326 ILE A CA   1 
ATOM   963  C  C    . ILE A 1 66 ? -0.847  3.883   6.502   1.000 23.781 0 326 ILE A C    1 
ATOM   964  O  O    . ILE A 1 66 ? 0.387   3.710   6.521   1.000 23.129 0 326 ILE A O    1 
ATOM   965  C  CB   . ILE A 1 66 ? -2.074  2.889   4.538   1.000 25.343 0 326 ILE A CB   1 
ATOM   966  C  CG1  . ILE A 1 66 ? -0.935  1.888   4.331   1.000 25.549 0 326 ILE A CG1  1 
ATOM   967  C  CG2  . ILE A 1 66 ? -2.817  3.188   3.244   1.000 24.474 0 326 ILE A CG2  1 
ATOM   968  C  CD1  . ILE A 1 66 ? -1.424  0.503   3.885   1.000 28.277 0 326 ILE A CD1  1 
ATOM   969  H  H    . ILE A 1 66 ? 0.212   4.601   4.308   1.000 24.405 0 326 ILE A H    1 
ATOM   970  H  HA   . ILE A 1 66 ? -2.336  4.750   5.398   1.000 24.564 0 326 ILE A HA   1 
ATOM   971  H  HB   . ILE A 1 66 ? -2.718  2.473   5.161   1.000 25.065 0 326 ILE A HB   1 
ATOM   972  H  HG12 . ILE A 1 66 ? -0.319  2.242   3.655   1.000 26.115 0 326 ILE A HG12 1 
ATOM   973  H  HG13 . ILE A 1 66 ? -0.439  1.787   5.170   1.000 26.105 0 326 ILE A HG13 1 
ATOM   974  H  HG21 . ILE A 1 66 ? -3.369  3.982   3.359   1.000 24.752 0 326 ILE A HG21 1 
ATOM   975  H  HG22 . ILE A 1 66 ? -3.384  2.432   3.012   1.000 24.746 0 326 ILE A HG22 1 
ATOM   976  H  HG23 . ILE A 1 66 ? -2.176  3.343   2.528   1.000 24.742 0 326 ILE A HG23 1 
ATOM   977  H  HD11 . ILE A 1 66 ? -2.148  0.211   4.463   1.000 27.405 0 326 ILE A HD11 1 
ATOM   978  H  HD12 . ILE A 1 66 ? -0.691  -0.134  3.938   1.000 27.406 0 326 ILE A HD12 1 
ATOM   979  H  HD13 . ILE A 1 66 ? -1.744  0.552   2.967   1.000 27.401 0 326 ILE A HD13 1 
ATOM   980  N  N    . PRO A 1 67 ? -1.594  3.833   7.615   1.000 22.913 0 327 PRO A N    1 
ATOM   981  C  CA   . PRO A 1 67 ? -0.987  3.577   8.922   1.000 27.135 0 327 PRO A CA   1 
ATOM   982  C  C    . PRO A 1 67 ? -0.554  2.106   9.051   1.000 24.451 0 327 PRO A C    1 
ATOM   983  O  O    . PRO A 1 67 ? -1.358  1.206   8.835   1.000 24.993 0 327 PRO A O    1 
ATOM   984  C  CB   . PRO A 1 67 ? -2.076  3.955   9.930   1.000 28.725 0 327 PRO A CB   1 
ATOM   985  C  CG   . PRO A 1 67 ? -3.334  4.162   9.156   1.000 28.247 0 327 PRO A CG   1 
ATOM   986  C  CD   . PRO A 1 67 ? -3.049  4.005   7.688   1.000 24.020 0 327 PRO A CD   1 
ATOM   987  H  HA   . PRO A 1 67 ? -0.206  4.174   9.043   1.000 26.025 0 327 PRO A HA   1 
ATOM   988  H  HB2  . PRO A 1 67 ? -2.197  3.239   10.591  1.000 28.222 0 327 PRO A HB2  1 
ATOM   989  H  HB3  . PRO A 1 67 ? -1.831  4.776   10.406  1.000 28.229 0 327 PRO A HB3  1 
ATOM   990  H  HG2  . PRO A 1 67 ? -4.008  3.509   9.435   1.000 27.292 0 327 PRO A HG2  1 
ATOM   991  H  HG3  . PRO A 1 67 ? -3.689  5.057   9.332   1.000 27.291 0 327 PRO A HG3  1 
ATOM   992  H  HD2  . PRO A 1 67 ? -3.509  3.226   7.324   1.000 24.680 0 327 PRO A HD2  1 
ATOM   993  H  HD3  . PRO A 1 67 ? -3.333  4.797   7.196   1.000 24.679 0 327 PRO A HD3  1 
ATOM   994  N  N    . ALA A 1 68 ? 0.738   1.889   9.324   1.000 24.915 0 328 ALA A N    1 
ATOM   995  C  CA   . ALA A 1 68 ? 1.399   0.574   9.276   1.000 27.018 0 328 ALA A CA   1 
ATOM   996  C  C    . ALA A 1 68 ? 0.652   -0.459  10.127  1.000 27.669 0 328 ALA A C    1 
ATOM   997  O  O    . ALA A 1 68 ? 0.564   -1.640  9.697   1.000 25.632 0 328 ALA A O    1 
ATOM   998  C  CB   . ALA A 1 68 ? 2.851   0.738   9.682   1.000 25.868 0 328 ALA A CB   1 
ATOM   999  H  H    . ALA A 1 68 ? 1.311   2.554   9.568   1.000 25.295 0 328 ALA A H    1 
ATOM   1000 H  HA   . ALA A 1 68 ? 1.378   0.262   8.340   1.000 26.504 0 328 ALA A HA   1 
ATOM   1001 H  HB1  . ALA A 1 68 ? 3.294   -0.127  9.661   1.000 26.215 0 328 ALA A HB1  1 
ATOM   1002 H  HB2  . ALA A 1 68 ? 3.295   1.343   9.065   1.000 26.213 0 328 ALA A HB2  1 
ATOM   1003 H  HB3  . ALA A 1 68 ? 2.897   1.102   10.583  1.000 26.213 0 328 ALA A HB3  1 
ATOM   1004 N  N    . ASN A 1 69 ? 0.097   -0.064  11.275  1.000 26.030 0 329 ASN A N    1 
ATOM   1005 C  CA   . ASN A 1 69 ? -0.577  -1.019  12.196  1.000 28.498 0 329 ASN A CA   1 
ATOM   1006 C  C    . ASN A 1 69 ? -2.069  -1.156  11.868  1.000 28.249 0 329 ASN A C    1 
ATOM   1007 O  O    . ASN A 1 69 ? -2.743  -1.838  12.639  1.000 30.370 0 329 ASN A O    1 
ATOM   1008 C  CB   . ASN A 1 69 ? -0.373  -0.647  13.665  1.000 30.724 0 329 ASN A CB   1 
ATOM   1009 C  CG   . ASN A 1 69 ? 1.083   -0.597  14.056  1.000 33.357 0 329 ASN A CG   1 
ATOM   1010 O  OD1  . ASN A 1 69 ? 1.590   0.443   14.463  1.000 40.625 0 329 ASN A OD1  1 
ATOM   1011 N  ND2  . ASN A 1 69 ? 1.766   -1.720  13.937  1.000 37.575 0 329 ASN A ND2  1 
ATOM   1012 H  H    . ASN A 1 69 ? 0.102   0.799   11.565  1.000 26.974 0 329 ASN A H    1 
ATOM   1013 H  HA   . ASN A 1 69 ? -0.159  -1.903  12.065  1.000 28.374 0 329 ASN A HA   1 
ATOM   1014 H  HB2  . ASN A 1 69 ? -0.778  0.229   13.829  1.000 30.793 0 329 ASN A HB2  1 
ATOM   1015 H  HB3  . ASN A 1 69 ? -0.831  -1.304  14.226  1.000 30.777 0 329 ASN A HB3  1 
ATOM   1016 H  HD21 . ASN A 1 69 ? 2.612   -1.698  13.678  1.000 36.218 0 329 ASN A HD21 1 
ATOM   1017 H  HD22 . ASN A 1 69 ? 1.379   -2.495  14.115  1.000 36.207 0 329 ASN A HD22 1 
ATOM   1018 N  N    . TYR A 1 70 ? -2.551  -0.653  10.729  1.000 24.912 0 330 TYR A N    1 
ATOM   1019 C  CA   . TYR A 1 70 ? -3.897  -0.975  10.184  1.000 23.229 0 330 TYR A CA   1 
ATOM   1020 C  C    . TYR A 1 70 ? -3.828  -2.154  9.194   1.000 25.234 0 330 TYR A C    1 
ATOM   1021 O  O    . TYR A 1 70 ? -4.896  -2.613  8.739   1.000 25.069 0 330 TYR A O    1 
ATOM   1022 C  CB   . TYR A 1 70 ? -4.511  0.278   9.554   1.000 26.106 0 330 TYR A CB   1 
ATOM   1023 C  CG   . TYR A 1 70 ? -5.309  1.115   10.527  1.000 25.438 0 330 TYR A CG   1 
ATOM   1024 C  CD1  . TYR A 1 70 ? -4.761  1.512   11.729  1.000 27.155 0 330 TYR A CD1  1 
ATOM   1025 C  CD2  . TYR A 1 70 ? -6.601  1.505   10.248  1.000 25.458 0 330 TYR A CD2  1 
ATOM   1026 C  CE1  . TYR A 1 70 ? -5.480  2.269   12.641  1.000 25.612 0 330 TYR A CE1  1 
ATOM   1027 C  CE2  . TYR A 1 70 ? -7.339  2.246   11.158  1.000 27.092 0 330 TYR A CE2  1 
ATOM   1028 C  CZ   . TYR A 1 70 ? -6.779  2.625   12.361  1.000 26.938 0 330 TYR A CZ   1 
ATOM   1029 O  OH   . TYR A 1 70 ? -7.494  3.333   13.277  1.000 23.020 0 330 TYR A OH   1 
ATOM   1030 H  H    . TYR A 1 70 ? -2.091  -0.072  10.200  1.000 25.249 0 330 TYR A H    1 
ATOM   1031 H  HA   . TYR A 1 70 ? -4.474  -1.252  10.940  1.000 24.494 0 330 TYR A HA   1 
ATOM   1032 H  HB2  . TYR A 1 70 ? -3.795  0.826   9.176   1.000 25.243 0 330 TYR A HB2  1 
ATOM   1033 H  HB3  . TYR A 1 70 ? -5.098  0.003   8.818   1.000 25.245 0 330 TYR A HB3  1 
ATOM   1034 H  HD1  . TYR A 1 70 ? -3.883  1.253   11.938  1.000 26.530 0 330 TYR A HD1  1 
ATOM   1035 H  HD2  . TYR A 1 70 ? -7.001  1.237   9.438   1.000 25.843 0 330 TYR A HD2  1 
ATOM   1036 H  HE1  . TYR A 1 70 ? -5.102  2.505   13.462  1.000 26.611 0 330 TYR A HE1  1 
ATOM   1037 H  HE2  . TYR A 1 70 ? -8.226  2.490   10.957  1.000 26.600 0 330 TYR A HE2  1 
ATOM   1038 H  HH   . TYR A 1 70 ? -7.015  3.486   13.979  0.000 22.800 0 330 TYR A HH   1 
ATOM   1039 N  N    . VAL A 1 71 ? -2.637  -2.657  8.854   1.000 25.393 0 331 VAL A N    1 
ATOM   1040 C  CA   . VAL A 1 71 ? -2.514  -3.735  7.823   1.000 26.230 0 331 VAL A CA   1 
ATOM   1041 C  C    . VAL A 1 71 ? -1.567  -4.837  8.287   1.000 28.255 0 331 VAL A C    1 
ATOM   1042 O  O    . VAL A 1 71 ? -0.704  -4.577  9.144   1.000 24.762 0 331 VAL A O    1 
ATOM   1043 C  CB   . VAL A 1 71 ? -2.058  -3.188  6.459   1.000 24.787 0 331 VAL A CB   1 
ATOM   1044 C  CG1  . VAL A 1 71 ? -3.009  -2.129  5.941   1.000 26.887 0 331 VAL A CG1  1 
ATOM   1045 C  CG2  . VAL A 1 71 ? -0.629  -2.647  6.484   1.000 29.220 0 331 VAL A CG2  1 
ATOM   1046 H  H    . VAL A 1 71 ? -1.848  -2.390  9.218   1.000 25.564 0 331 VAL A H    1 
ATOM   1047 H  HA   . VAL A 1 71 ? -3.392  -4.136  7.704   1.000 26.154 0 331 VAL A HA   1 
ATOM   1048 H  HB   . VAL A 1 71 ? -2.080  -3.943  5.821   1.000 26.255 0 331 VAL A HB   1 
ATOM   1049 H  HG11 . VAL A 1 71 ? -3.922  -2.367  6.176   1.000 26.227 0 331 VAL A HG11 1 
ATOM   1050 H  HG12 . VAL A 1 71 ? -2.930  -2.067  4.974   1.000 26.224 0 331 VAL A HG12 1 
ATOM   1051 H  HG13 . VAL A 1 71 ? -2.786  -1.270  6.340   1.000 26.229 0 331 VAL A HG13 1 
ATOM   1052 H  HG21 . VAL A 1 71 ? -0.471  -2.178  7.321   1.000 27.760 0 331 VAL A HG21 1 
ATOM   1053 H  HG22 . VAL A 1 71 ? -0.500  -2.033  5.740   1.000 27.770 0 331 VAL A HG22 1 
ATOM   1054 H  HG23 . VAL A 1 71 ? 0.001   -3.385  6.404   1.000 27.772 0 331 VAL A HG23 1 
ATOM   1055 N  N    . LYS A 1 72 ? -1.681  -6.021  7.680   1.000 25.713 0 332 LYS A N    1 
ATOM   1056 C  CA   . LYS A 1 72 ? -0.731  -7.132  7.924   1.000 26.842 0 332 LYS A CA   1 
ATOM   1057 C  C    . LYS A 1 72 ? -0.051  -7.471  6.608   1.000 26.885 0 332 LYS A C    1 
ATOM   1058 O  O    . LYS A 1 72 ? -0.749  -7.766  5.641   1.000 25.275 0 332 LYS A O    1 
ATOM   1059 C  CB   . LYS A 1 72 ? -1.407  -8.391  8.483   1.000 31.392 0 332 LYS A CB   1 
ATOM   1060 C  CG   . LYS A 1 72 ? -2.123  -8.229  9.809   1.000 35.638 0 332 LYS A CG   1 
ATOM   1061 C  CD   . LYS A 1 72 ? -1.199  -7.705  10.907  1.000 41.104 0 332 LYS A CD   1 
ATOM   1062 C  CE   . LYS A 1 72 ? -1.779  -7.880  12.296  1.000 46.624 0 332 LYS A CE   1 
ATOM   1063 N  NZ   . LYS A 1 72 ? -0.891  -7.283  13.316  1.000 48.451 0 332 LYS A NZ   1 
ATOM   1064 H  H    . LYS A 1 72 ? -2.344  -6.215  7.087   1.000 26.556 0 332 LYS A H    1 
ATOM   1065 H  HA   . LYS A 1 72 ? -0.049  -6.828  8.564   1.000 27.487 0 332 LYS A HA   1 
ATOM   1066 H  HB2  . LYS A 1 72 ? -2.055  -8.710  7.820   1.000 31.150 0 332 LYS A HB2  1 
ATOM   1067 H  HB3  . LYS A 1 72 ? -0.723  -9.086  8.585   1.000 31.159 0 332 LYS A HB3  1 
ATOM   1068 H  HG2  . LYS A 1 72 ? -2.872  -7.607  9.694   1.000 35.772 0 332 LYS A HG2  1 
ATOM   1069 H  HG3  . LYS A 1 72 ? -2.488  -9.098  10.082  1.000 35.772 0 332 LYS A HG3  1 
ATOM   1070 H  HD2  . LYS A 1 72 ? -0.342  -8.181  10.859  1.000 40.931 0 332 LYS A HD2  1 
ATOM   1071 H  HD3  . LYS A 1 72 ? -1.025  -6.754  10.751  1.000 40.885 0 332 LYS A HD3  1 
ATOM   1072 H  HE2  . LYS A 1 72 ? -2.655  -7.456  12.345  1.000 45.686 0 332 LYS A HE2  1 
ATOM   1073 H  HE3  . LYS A 1 72 ? -1.891  -8.830  12.489  1.000 45.674 0 332 LYS A HE3  1 
ATOM   1074 H  HZ1  . LYS A 1 72 ? -0.082  -7.690  13.296  1.000 47.881 0 332 LYS A HZ1  1 
ATOM   1075 H  HZ2  . LYS A 1 72 ? -1.256  -7.388  14.141  1.000 47.881 0 332 LYS A HZ2  1 
ATOM   1076 H  HZ3  . LYS A 1 72 ? -0.784  -6.398  13.150  1.000 47.881 0 332 LYS A HZ3  1 
ATOM   1077 N  N    . ILE A 1 73 ? 1.264   -7.345  6.576   1.000 26.633 0 333 ILE A N    1 
ATOM   1078 C  CA   . ILE A 1 73 ? 2.034   -7.558  5.328   1.000 27.159 0 333 ILE A CA   1 
ATOM   1079 C  C    . ILE A 1 73 ? 2.049   -9.068  5.103   1.000 25.541 0 333 ILE A C    1 
ATOM   1080 O  O    . ILE A 1 73 ? 2.333   -9.803  6.064   1.000 26.806 0 333 ILE A O    1 
ATOM   1081 C  CB   . ILE A 1 73 ? 3.434   -6.923  5.443   1.000 29.960 0 333 ILE A CB   1 
ATOM   1082 C  CG1  . ILE A 1 73 ? 3.347   -5.386  5.417   1.000 33.784 0 333 ILE A CG1  1 
ATOM   1083 C  CG2  . ILE A 1 73 ? 4.368   -7.438  4.366   1.000 29.453 0 333 ILE A CG2  1 
ATOM   1084 C  CD1  . ILE A 1 73 ? 4.614   -4.713  5.877   1.000 36.652 0 333 ILE A CD1  1 
ATOM   1085 H  H    . ILE A 1 73 ? 1.769   -7.128  7.302   1.000 26.834 0 333 ILE A H    1 
ATOM   1086 H  HA   . ILE A 1 73 ? 1.559   -7.134  4.591   1.000 27.233 0 333 ILE A HA   1 
ATOM   1087 H  HB   . ILE A 1 73 ? 3.810   -7.187  6.319   1.000 29.993 0 333 ILE A HB   1 
ATOM   1088 H  HG12 . ILE A 1 73 ? 3.148   -5.096  4.501   1.000 33.475 0 333 ILE A HG12 1 
ATOM   1089 H  HG13 . ILE A 1 73 ? 2.608   -5.099  5.994   1.000 33.463 0 333 ILE A HG13 1 
ATOM   1090 H  HG21 . ILE A 1 73 ? 4.716   -8.309  4.624   1.000 29.605 0 333 ILE A HG21 1 
ATOM   1091 H  HG22 . ILE A 1 73 ? 5.109   -6.818  4.251   1.000 29.637 0 333 ILE A HG22 1 
ATOM   1092 H  HG23 . ILE A 1 73 ? 3.886   -7.518  3.525   1.000 29.601 0 333 ILE A HG23 1 
ATOM   1093 H  HD11 . ILE A 1 73 ? 5.025   -5.238  6.585   1.000 35.711 0 333 ILE A HD11 1 
ATOM   1094 H  HD12 . ILE A 1 73 ? 4.406   -3.825  6.215   1.000 35.733 0 333 ILE A HD12 1 
ATOM   1095 H  HD13 . ILE A 1 73 ? 5.232   -4.637  5.130   1.000 35.721 0 333 ILE A HD13 1 
ATOM   1096 N  N    . LEU A 1 74 ? 1.720   -9.519  3.893   1.000 24.507 0 334 LEU A N    1 
ATOM   1097 C  CA   . LEU A 1 74 ? 1.584   -10.963 3.584   1.000 26.337 0 334 LEU A CA   1 
ATOM   1098 C  C    . LEU A 1 74 ? 2.793   -11.458 2.785   1.000 30.256 0 334 LEU A C    1 
ATOM   1099 O  O    . LEU A 1 74 ? 3.242   -12.583 3.088   1.000 33.651 0 334 LEU A O    1 
ATOM   1100 C  CB   . LEU A 1 74 ? 0.255   -11.244 2.886   1.000 28.489 0 334 LEU A CB   1 
ATOM   1101 C  CG   . LEU A 1 74 ? -0.986  -10.923 3.713   1.000 29.801 0 334 LEU A CG   1 
ATOM   1102 C  CD1  . LEU A 1 74 ? -2.236  -11.264 2.948   1.000 33.004 0 334 LEU A CD1  1 
ATOM   1103 C  CD2  . LEU A 1 74 ? -0.988  -11.607 5.070   1.000 31.564 0 334 LEU A CD2  1 
ATOM   1104 H  H    . LEU A 1 74 ? 1.552   -8.967  3.187   1.000 25.189 0 334 LEU A H    1 
ATOM   1105 H  HA   . LEU A 1 74 ? 1.586   -11.446 4.441   1.000 27.101 0 334 LEU A HA   1 
ATOM   1106 H  HB2  . LEU A 1 74 ? 0.224   -10.721 2.061   1.000 28.277 0 334 LEU A HB2  1 
ATOM   1107 H  HB3  . LEU A 1 74 ? 0.230   -12.190 2.639   1.000 28.267 0 334 LEU A HB3  1 
ATOM   1108 H  HG   . LEU A 1 74 ? -0.992  -9.947  3.873   1.000 30.447 0 334 LEU A HG   1 
ATOM   1109 H  HD11 . LEU A 1 74 ? -2.162  -10.924 2.040   1.000 31.965 0 334 LEU A HD11 1 
ATOM   1110 H  HD12 . LEU A 1 74 ? -3.006  -10.858 3.384   1.000 31.961 0 334 LEU A HD12 1 
ATOM   1111 H  HD13 . LEU A 1 74 ? -2.349  -12.229 2.924   1.000 31.975 0 334 LEU A HD13 1 
ATOM   1112 H  HD21 . LEU A 1 74 ? -0.661  -12.518 4.974   1.000 31.007 0 334 LEU A HD21 1 
ATOM   1113 H  HD22 . LEU A 1 74 ? -1.894  -11.624 5.424   1.000 31.010 0 334 LEU A HD22 1 
ATOM   1114 H  HD23 . LEU A 1 74 ? -0.411  -11.118 5.681   1.000 30.993 0 334 LEU A HD23 1 
ATOM   1115 N  N    . GLY A 1 75 ? 3.322   -10.671 1.848   1.000 29.866 0 335 GLY A N    1 
ATOM   1116 C  CA   . GLY A 1 75 ? 4.572   -11.038 1.161   1.000 31.595 0 335 GLY A CA   1 
ATOM   1117 C  C    . GLY A 1 75 ? 4.747   -10.351 -0.176  1.000 33.410 0 335 GLY A C    1 
ATOM   1118 O  O    . GLY A 1 75 ? 3.853   -9.604  -0.598  1.000 31.541 0 335 GLY A O    1 
ATOM   1119 H  H    . GLY A 1 75 ? 2.943   -9.885  1.584   1.000 30.332 0 335 GLY A H    1 
ATOM   1120 H  HA2  . GLY A 1 75 ? 5.336   -10.809 1.746   1.000 31.592 0 335 GLY A HA2  1 
ATOM   1121 H  HA3  . GLY A 1 75 ? 4.581   -12.015 1.019   1.000 31.593 0 335 GLY A HA3  1 
ATOM   1122 N  N    . LYS A 1 76 ? 5.882   -10.630 -0.827  1.000 32.549 0 336 LYS A N    1 
ATOM   1123 C  CA   . LYS A 1 76 ? 6.264   -10.048 -2.124  1.000 33.702 0 336 LYS A CA   1 
ATOM   1124 C  C    . LYS A 1 76 ? 5.541   -10.825 -3.220  1.000 32.055 0 336 LYS A C    1 
ATOM   1125 O  O    . LYS A 1 76 ? 5.324   -12.037 -3.055  1.000 31.682 0 336 LYS A O    1 
ATOM   1126 C  CB   . LYS A 1 76 ? 7.791   -10.080 -2.261  1.000 39.326 0 336 LYS A CB   1 
ATOM   1127 C  CG   . LYS A 1 76 ? 8.340   -9.189  -3.362  1.000 47.424 0 336 LYS A CG   1 
ATOM   1128 C  CD   . LYS A 1 76 ? 9.860   -9.173  -3.479  1.000 48.543 0 336 LYS A CD   1 
ATOM   1129 C  CE   . LYS A 1 76 ? 10.341  -8.242  -4.572  1.000 52.347 0 336 LYS A CE   1 
ATOM   1130 N  NZ   . LYS A 1 76 ? 11.814  -8.304  -4.722  1.000 54.326 0 336 LYS A NZ   1 
ATOM   1131 H  H    . LYS A 1 76 ? 6.497   -11.217 -0.497  1.000 33.046 0 336 LYS A H    1 
ATOM   1132 H  HA   . LYS A 1 76 ? 5.963   -9.111  -2.146  1.000 34.130 0 336 LYS A HA   1 
ATOM   1133 H  HB2  . LYS A 1 76 ? 8.187   -9.805  -1.408  1.000 39.617 0 336 LYS A HB2  1 
ATOM   1134 H  HB3  . LYS A 1 76 ? 8.069   -11.004 -2.437  1.000 39.631 0 336 LYS A HB3  1 
ATOM   1135 H  HG2  . LYS A 1 76 ? 7.964   -9.484  -4.217  1.000 45.600 0 336 LYS A HG2  1 
ATOM   1136 H  HG3  . LYS A 1 76 ? 8.029   -8.273  -3.202  1.000 45.620 0 336 LYS A HG3  1 
ATOM   1137 H  HD2  . LYS A 1 76 ? 10.246  -8.888  -2.623  1.000 49.142 0 336 LYS A HD2  1 
ATOM   1138 H  HD3  . LYS A 1 76 ? 10.178  -10.081 -3.669  1.000 49.142 0 336 LYS A HD3  1 
ATOM   1139 H  HE2  . LYS A 1 76 ? 9.923   -8.489  -5.419  1.000 51.868 0 336 LYS A HE2  1 
ATOM   1140 H  HE3  . LYS A 1 76 ? 10.080  -7.326  -4.360  1.000 51.830 0 336 LYS A HE3  1 
ATOM   1141 H  HZ1  . LYS A 1 76 ? 12.213  -8.076  -3.940  1.000 53.709 0 336 LYS A HZ1  1 
ATOM   1142 H  HZ2  . LYS A 1 76 ? 12.081  -7.729  -5.370  1.000 53.709 0 336 LYS A HZ2  1 
ATOM   1143 H  HZ3  . LYS A 1 76 ? 12.065  -9.146  -4.949  1.000 53.709 0 336 LYS A HZ3  1 
ATOM   1144 N  N    . ARG A 1 77 ? 5.158   -10.135 -4.284  1.000 30.204 0 337 ARG A N    1 
ATOM   1145 C  CA   . ARG A 1 77 ? 4.442   -10.722 -5.440  1.000 33.533 0 337 ARG A CA   1 
ATOM   1146 C  C    . ARG A 1 77 ? 5.118   -10.242 -6.720  1.000 35.623 0 337 ARG A C    1 
ATOM   1147 O  O    . ARG A 1 77 ? 5.468   -9.058  -6.798  1.000 33.884 0 337 ARG A O    1 
ATOM   1148 C  CB   . ARG A 1 77 ? 2.957   -10.351 -5.420  1.000 33.729 0 337 ARG A CB   1 
ATOM   1149 C  CG   . ARG A 1 77 ? 2.193   -10.931 -4.230  1.000 34.750 0 337 ARG A CG   1 
ATOM   1150 C  CD   . ARG A 1 77 ? 1.928   -12.426 -4.371  1.000 33.944 0 337 ARG A CD   1 
ATOM   1151 N  NE   . ARG A 1 77 ? 1.160   -12.985 -3.255  1.000 30.247 0 337 ARG A NE   1 
ATOM   1152 C  CZ   . ARG A 1 77 ? 1.672   -13.403 -2.099  1.000 30.532 0 337 ARG A CZ   1 
ATOM   1153 N  NH1  . ARG A 1 77 ? 2.981   -13.385 -1.878  1.000 30.324 0 337 ARG A NH1  1 
ATOM   1154 N  NH2  . ARG A 1 77 ? 0.869   -13.892 -1.161  1.000 31.980 0 337 ARG A NH2  1 
ATOM   1155 H  H    . ARG A 1 77 ? 5.314   -9.238  -4.368  1.000 31.414 0 337 ARG A H    1 
ATOM   1156 H  HA   . ARG A 1 77 ? 4.524   -11.706 -5.390  1.000 33.304 0 337 ARG A HA   1 
ATOM   1157 H  HB2  . ARG A 1 77 ? 2.878   -9.365  -5.400  1.000 33.920 0 337 ARG A HB2  1 
ATOM   1158 H  HB3  . ARG A 1 77 ? 2.539   -10.673 -6.256  1.000 33.920 0 337 ARG A HB3  1 
ATOM   1159 H  HG2  . ARG A 1 77 ? 2.712   -10.776 -3.403  1.000 34.305 0 337 ARG A HG2  1 
ATOM   1160 H  HG3  . ARG A 1 77 ? 1.329   -10.459 -4.137  1.000 34.314 0 337 ARG A HG3  1 
ATOM   1161 H  HD2  . ARG A 1 77 ? 1.429   -12.583 -5.211  1.000 33.213 0 337 ARG A HD2  1 
ATOM   1162 H  HD3  . ARG A 1 77 ? 2.791   -12.902 -4.445  1.000 33.198 0 337 ARG A HD3  1 
ATOM   1163 H  HE   . ARG A 1 77 ? 0.266   -13.026 -3.348  1.000 31.141 0 337 ARG A HE   1 
ATOM   1164 H  HH11 . ARG A 1 77 ? 3.543   -13.060 -2.500  1.000 30.497 0 337 ARG A HH11 1 
ATOM   1165 H  HH12 . ARG A 1 77 ? 3.306   -13.679 -1.093  1.000 30.490 0 337 ARG A HH12 1 
ATOM   1166 H  HH21 . ARG A 1 77 ? -0.018  -13.920 -1.299  1.000 31.492 0 337 ARG A HH21 1 
ATOM   1167 H  HH22 . ARG A 1 77 ? 1.214   -14.185 -0.384  1.000 31.492 0 337 ARG A HH22 1 
ATOM   1168 N  N    . LYS A 1 78 ? 5.255   -11.144 -7.688  1.000 38.229 0 338 LYS A N    1 
ATOM   1169 C  CA   . LYS A 1 78 ? 5.844   -10.860 -9.020  1.000 39.886 0 338 LYS A CA   1 
ATOM   1170 C  C    . LYS A 1 78 ? 4.925   -9.956  -9.817  1.000 38.196 0 338 LYS A C    1 
ATOM   1171 O  O    . LYS A 1 78 ? 3.692   -10.154 -9.740  1.000 43.134 0 338 LYS A O    1 
ATOM   1172 C  CB   . LYS A 1 78 ? 6.109   -12.160 -9.788  1.000 43.010 0 338 LYS A CB   1 
ATOM   1173 C  CG   . LYS A 1 78 ? 7.281   -12.986 -9.267  1.000 48.783 0 338 LYS A CG   1 
ATOM   1174 C  CD   . LYS A 1 78 ? 8.548   -12.210 -8.911  1.000 56.410 0 338 LYS A CD   1 
ATOM   1175 C  CE   . LYS A 1 78 ? 9.565   -12.113 -10.034 1.000 64.075 0 338 LYS A CE   1 
ATOM   1176 N  NZ   . LYS A 1 78 ? 9.035   -11.378 -11.212 1.000 67.236 0 338 LYS A NZ   1 
ATOM   1177 H  H    . LYS A 1 78 ? 4.986   -12.009 -7.587  1.000 37.977 0 338 LYS A H    1 
ATOM   1178 H  HA   . LYS A 1 78 ? 6.694   -10.391 -8.884  1.000 39.860 0 338 LYS A HA   1 
ATOM   1179 H  HB2  . LYS A 1 78 ? 5.300   -12.712 -9.755  1.000 43.520 0 338 LYS A HB2  1 
ATOM   1180 H  HB3  . LYS A 1 78 ? 6.280   -11.937 -10.726 1.000 43.567 0 338 LYS A HB3  1 
ATOM   1181 H  HG2  . LYS A 1 78 ? 6.982   -13.472 -8.469  1.000 49.011 0 338 LYS A HG2  1 
ATOM   1182 H  HG3  . LYS A 1 78 ? 7.509   -13.656 -9.948  1.000 49.032 0 338 LYS A HG3  1 
ATOM   1183 H  HD2  . LYS A 1 78 ? 8.306   -11.305 -8.631  1.000 56.060 0 338 LYS A HD2  1 
ATOM   1184 H  HD3  . LYS A 1 78 ? 8.977   -12.649 -8.145  1.000 56.151 0 338 LYS A HD3  1 
ATOM   1185 H  HE2  . LYS A 1 78 ? 10.363  -11.656 -9.710  1.000 62.889 0 338 LYS A HE2  1 
ATOM   1186 H  HE3  . LYS A 1 78 ? 9.825   -13.010 -10.315 1.000 62.889 0 338 LYS A HE3  1 
ATOM   1187 H  HZ1  . LYS A 1 78 ? 8.470   -11.912 -11.680 1.000 66.139 0 338 LYS A HZ1  1 
ATOM   1188 H  HZ2  . LYS A 1 78 ? 9.720   -11.127 -11.751 1.000 66.217 0 338 LYS A HZ2  1 
ATOM   1189 H  HZ3  . LYS A 1 78 ? 8.588   -10.638 -10.938 1.000 66.200 0 338 LYS A HZ3  1 
ATOM   1190 N  N    . GLY A 1 79 ? 5.498   -8.983  -10.533 1.000 35.492 0 339 GLY A N    1 
ATOM   1191 C  CA   . GLY A 1 79 ? 4.730   -8.108  -11.430 1.000 37.864 0 339 GLY A CA   1 
ATOM   1192 C  C    . GLY A 1 79 ? 4.043   -8.918  -12.513 1.000 38.220 0 339 GLY A C    1 
ATOM   1193 O  O    . GLY A 1 79 ? 4.630   -9.897  -12.941 1.000 41.656 0 339 GLY A O    1 
ATOM   1194 H  H    . GLY A 1 79 ? 6.392   -8.811  -10.505 1.000 36.680 0 339 GLY A H    1 
ATOM   1195 H  HA2  . GLY A 1 79 ? 4.054   -7.617  -10.903 1.000 37.378 0 339 GLY A HA2  1 
ATOM   1196 H  HA3  . GLY A 1 79 ? 5.343   -7.455  -11.847 1.000 37.378 0 339 GLY A HA3  1 
ATOM   1197 N  N    . ARG A 1 80 ? 2.847   -8.515  -12.947 1.000 40.256 0 340 ARG A N    1 
ATOM   1198 C  CA   . ARG A 1 80 ? 2.052   -9.217  -13.998 1.000 47.506 0 340 ARG A CA   1 
ATOM   1199 C  C    . ARG A 1 80 ? 2.688   -9.062  -15.392 1.000 50.165 0 340 ARG A C    1 
ATOM   1200 O  O    . ARG A 1 80 ? 2.251   -9.765  -16.307 1.000 51.746 0 340 ARG A O    1 
ATOM   1201 C  CB   . ARG A 1 80 ? 0.629   -8.655  -14.061 1.000 46.517 0 340 ARG A CB   1 
ATOM   1202 C  CG   . ARG A 1 80 ? -0.159  -8.829  -12.768 1.000 48.463 0 340 ARG A CG   1 
ATOM   1203 C  CD   . ARG A 1 80 ? -1.198  -7.735  -12.602 1.000 45.442 0 340 ARG A CD   1 
ATOM   1204 N  NE   . ARG A 1 80 ? -2.260  -7.828  -13.595 1.000 43.436 0 340 ARG A NE   1 
ATOM   1205 C  CZ   . ARG A 1 80 ? -3.287  -8.687  -13.554 1.000 42.232 0 340 ARG A CZ   1 
ATOM   1206 N  NH1  . ARG A 1 80 ? -3.395  -9.573  -12.576 1.000 42.321 0 340 ARG A NH1  1 
ATOM   1207 N  NH2  . ARG A 1 80 ? -4.206  -8.661  -14.503 1.000 36.503 0 340 ARG A NH2  1 
ATOM   1208 H  H    . ARG A 1 80 ? 2.442   -7.761  -12.626 1.000 41.380 0 340 ARG A H    1 
ATOM   1209 H  HA   . ARG A 1 80 ? 2.009   -10.179 -13.772 1.000 46.322 0 340 ARG A HA   1 
ATOM   1210 H  HB2  . ARG A 1 80 ? 0.680   -7.692  -14.279 1.000 47.196 0 340 ARG A HB2  1 
ATOM   1211 H  HB3  . ARG A 1 80 ? 0.142   -9.107  -14.794 1.000 47.213 0 340 ARG A HB3  1 
ATOM   1212 H  HG2  . ARG A 1 80 ? -0.613  -9.707  -12.775 1.000 47.258 0 340 ARG A HG2  1 
ATOM   1213 H  HG3  . ARG A 1 80 ? 0.458   -8.809  -11.997 1.000 47.244 0 340 ARG A HG3  1 
ATOM   1214 H  HD2  . ARG A 1 80 ? -1.590  -7.791  -11.697 1.000 45.633 0 340 ARG A HD2  1 
ATOM   1215 H  HD3  . ARG A 1 80 ? -0.756  -6.853  -12.685 1.000 45.649 0 340 ARG A HD3  1 
ATOM   1216 H  HE   . ARG A 1 80 ? -2.242  -7.242  -14.276 1.000 43.380 0 340 ARG A HE   1 
ATOM   1217 H  HH11 . ARG A 1 80 ? -2.783  -9.602  -11.919 1.000 42.213 0 340 ARG A HH11 1 
ATOM   1218 H  HH12 . ARG A 1 80 ? -4.088  -10.147 -12.568 1.000 42.185 0 340 ARG A HH12 1 
ATOM   1219 H  HH21 . ARG A 1 80 ? -4.139  -8.068  -15.175 1.000 38.546 0 340 ARG A HH21 1 
ATOM   1220 H  HH22 . ARG A 1 80 ? -4.888  -9.246  -14.485 1.000 38.546 0 340 ARG A HH22 1 
ATOM   1221 N  N    . LYS A 1 81 ? 3.595   -8.107  -15.582 1.000 53.449 0 341 LYS A N    1 
ATOM   1222 C  CA   . LYS A 1 81 ? 4.256   -7.858  -16.892 1.000 59.916 0 341 LYS A CA   1 
ATOM   1223 C  C    . LYS A 1 81 ? 4.963   -9.131  -17.376 1.000 55.934 0 341 LYS A C    1 
ATOM   1224 O  O    . LYS A 1 81 ? 5.790   -9.694  -16.668 1.000 57.287 0 341 LYS A O    1 
ATOM   1225 C  CB   . LYS A 1 81 ? 5.242   -6.696  -16.761 1.000 63.314 0 341 LYS A CB   1 
ATOM   1226 C  CG   . LYS A 1 81 ? 6.436   -6.948  -15.849 1.000 67.665 0 341 LYS A CG   1 
ATOM   1227 C  CD   . LYS A 1 81 ? 7.176   -5.680  -15.489 1.000 72.006 0 341 LYS A CD   1 
ATOM   1228 C  CE   . LYS A 1 81 ? 7.252   -4.687  -16.634 1.000 71.799 0 341 LYS A CE   1 
ATOM   1229 N  NZ   . LYS A 1 81 ? 8.191   -3.584  -16.336 1.000 76.845 0 341 LYS A NZ   1 
ATOM   1230 H  H    . LYS A 1 81 ? 3.847   -7.529  -14.926 1.000 54.117 0 341 LYS A H    1 
ATOM   1231 H  HA   . LYS A 1 81 ? 3.563   -7.614  -17.548 1.000 58.474 0 341 LYS A HA   1 
ATOM   1232 H  HB2  . LYS A 1 81 ? 5.574   -6.475  -17.655 1.000 63.519 0 341 LYS A HB2  1 
ATOM   1233 H  HB3  . LYS A 1 81 ? 4.753   -5.916  -16.425 1.000 63.500 0 341 LYS A HB3  1 
ATOM   1234 H  HG2  . LYS A 1 81 ? 6.126   -7.385  -15.029 1.000 67.444 0 341 LYS A HG2  1 
ATOM   1235 H  HG3  . LYS A 1 81 ? 7.056   -7.558  -16.301 1.000 67.525 0 341 LYS A HG3  1 
ATOM   1236 H  HD2  . LYS A 1 81 ? 6.723   -5.255  -14.733 1.000 70.734 0 341 LYS A HD2  1 
ATOM   1237 H  HD3  . LYS A 1 81 ? 8.086   -5.909  -15.206 1.000 70.887 0 341 LYS A HD3  1 
ATOM   1238 H  HE2  . LYS A 1 81 ? 7.547   -5.144  -17.445 1.000 72.957 0 341 LYS A HE2  1 
ATOM   1239 H  HE3  . LYS A 1 81 ? 6.368   -4.310  -16.803 1.000 72.954 0 341 LYS A HE3  1 
ATOM   1240 H  HZ1  . LYS A 1 81 ? 7.899   -3.119  -15.614 1.000 75.253 0 341 LYS A HZ1  1 
ATOM   1241 H  HZ2  . LYS A 1 81 ? 8.243   -3.023  -17.048 1.000 75.253 0 341 LYS A HZ2  1 
ATOM   1242 H  HZ3  . LYS A 1 81 ? 9.015   -3.919  -16.160 1.000 75.244 0 341 LYS A HZ3  1 
HETATM 1243 ZN ZN   . ZN  B 2 .  ? -0.410  -8.429  -7.266  1.000 34.498 0 401 ZN  A ZN   1 
HETATM 1244 C  C1   . EDO C 3 .  ? -8.985  14.251  2.484   1.000 43.837 0 402 EDO A C1   1 
HETATM 1245 O  O1   . EDO C 3 .  ? -10.302 14.653  2.183   1.000 51.638 0 402 EDO A O1   1 
HETATM 1246 C  C2   . EDO C 3 .  ? -8.242  13.886  1.260   1.000 48.721 0 402 EDO A C2   1 
HETATM 1247 O  O2   . EDO C 3 .  ? -8.589  12.614  0.761   1.000 44.863 0 402 EDO A O2   1 
HETATM 1248 H  H11  . EDO C 3 .  ? -9.010  13.478  3.086   1.000 46.700 0 402 EDO A H11  1 
HETATM 1249 H  H12  . EDO C 3 .  ? -8.518  14.982  2.938   1.000 46.671 0 402 EDO A H12  1 
HETATM 1250 H  HO1  . EDO C 3 .  ? -10.703 14.909  2.887   0.000 51.850 0 402 EDO A HO1  1 
HETATM 1251 H  H21  . EDO C 3 .  ? -7.287  13.899  1.459   1.000 46.415 0 402 EDO A H21  1 
HETATM 1252 H  H22  . EDO C 3 .  ? -8.419  14.558  0.570   1.000 46.574 0 402 EDO A H22  1 
HETATM 1253 H  HO2  . EDO C 3 .  ? -9.391  12.628  0.493   1.000 46.010 0 402 EDO A HO2  1 
HETATM 1254 O  O    . HOH D 4 .  ? -0.884  -4.614  11.943  1.000 45.127 0 501 HOH A O    1 
HETATM 1255 O  O    . HOH D 4 .  ? 6.838   -11.131 -13.215 1.000 50.863 0 502 HOH A O    1 
HETATM 1256 O  O    . HOH D 4 .  ? -9.558  16.321  6.138   1.000 27.758 0 503 HOH A O    1 
HETATM 1257 O  O    . HOH D 4 .  ? 5.534   6.536   14.176  1.000 47.374 0 504 HOH A O    1 
HETATM 1258 O  O    . HOH D 4 .  ? -8.119  4.250   -1.586  1.000 31.409 0 505 HOH A O    1 
HETATM 1259 O  O    . HOH D 4 .  ? -14.908 -4.708  5.717   1.000 39.474 0 506 HOH A O    1 
HETATM 1260 O  O    . HOH D 4 .  ? 8.289   -2.460  -8.087  1.000 39.464 0 507 HOH A O    1 
HETATM 1261 O  O    . HOH D 4 .  ? -11.301 -4.999  -1.640  1.000 45.886 0 508 HOH A O    1 
HETATM 1262 O  O    . HOH D 4 .  ? -5.882  3.441   -3.805  1.000 26.675 0 509 HOH A O    1 
HETATM 1263 O  O    . HOH D 4 .  ? -12.977 -5.511  2.495   1.000 40.758 0 510 HOH A O    1 
HETATM 1264 O  O    . HOH D 4 .  ? -1.632  -7.074  -6.620  1.000 31.220 0 511 HOH A O    1 
HETATM 1265 O  O    . HOH D 4 .  ? -15.838 -2.382  6.623   1.000 44.442 0 512 HOH A O    1 
HETATM 1266 O  O    . HOH D 4 .  ? -6.968  10.674  -0.166  1.000 35.706 0 513 HOH A O    1 
HETATM 1267 O  O    . HOH D 4 .  ? -11.283 -9.025  9.199   1.000 50.443 0 514 HOH A O    1 
HETATM 1268 O  O    . HOH D 4 .  ? -11.128 2.071   11.896  1.000 31.998 0 515 HOH A O    1 
HETATM 1269 O  O    . HOH D 4 .  ? 2.468   -3.335  8.785   1.000 38.081 0 516 HOH A O    1 
HETATM 1270 O  O    . HOH D 4 .  ? 6.309   -13.303 -0.522  1.000 35.173 0 517 HOH A O    1 
HETATM 1271 O  O    . HOH D 4 .  ? -15.771 2.045   10.152  1.000 52.219 0 518 HOH A O    1 
HETATM 1272 O  O    . HOH D 4 .  ? -11.191 -11.042 4.842   1.000 35.284 0 519 HOH A O    1 
HETATM 1273 O  O    . HOH D 4 .  ? -2.729  -3.771  14.575  1.000 46.774 0 520 HOH A O    1 
HETATM 1274 O  O    . HOH D 4 .  ? 9.348   -5.607  -10.952 1.000 41.210 0 521 HOH A O    1 
HETATM 1275 O  O    . HOH D 4 .  ? -10.423 6.135   9.687   1.000 35.539 0 522 HOH A O    1 
HETATM 1276 O  O    . HOH D 4 .  ? 5.259   9.761   17.203  1.000 37.964 0 523 HOH A O    1 
HETATM 1277 O  O    . HOH D 4 .  ? 3.165   2.453   -9.073  1.000 35.262 0 524 HOH A O    1 
HETATM 1278 O  O    . HOH D 4 .  ? -12.705 -1.409  11.045  1.000 37.534 0 525 HOH A O    1 
HETATM 1279 O  O    . HOH D 4 .  ? -9.834  8.804   0.222   1.000 47.040 0 526 HOH A O    1 
HETATM 1280 O  O    . HOH D 4 .  ? -12.019 -4.688  11.734  1.000 40.390 0 527 HOH A O    1 
HETATM 1281 O  O    . HOH D 4 .  ? 8.455   -0.790  -5.675  1.000 39.481 0 528 HOH A O    1 
HETATM 1282 O  O    . HOH D 4 .  ? 2.467   -6.549  9.032   1.000 34.625 0 529 HOH A O    1 
HETATM 1283 O  O    . HOH D 4 .  ? -8.359  6.971   -1.052  1.000 34.051 0 530 HOH A O    1 
HETATM 1284 O  O    . HOH D 4 .  ? 6.841   5.349   4.376   1.000 45.882 0 531 HOH A O    1 
HETATM 1285 O  O    . HOH D 4 .  ? -5.129  -3.039  -6.603  1.000 44.204 0 532 HOH A O    1 
HETATM 1286 O  O    . HOH D 4 .  ? 0.948   0.496   -14.647 1.000 55.708 0 533 HOH A O    1 
HETATM 1287 O  O    . HOH D 4 .  ? -4.300  -7.188  -17.021 1.000 49.580 0 534 HOH A O    1 
HETATM 1288 O  O    . HOH D 4 .  ? -9.179  -6.303  -1.952  1.000 40.167 0 535 HOH A O    1 
HETATM 1289 O  O    . HOH D 4 .  ? -5.035  17.269  2.613   1.000 38.286 0 536 HOH A O    1 
HETATM 1290 O  O    . HOH D 4 .  ? 6.088   5.070   -6.033  1.000 42.607 0 537 HOH A O    1 
HETATM 1291 O  O    . HOH D 4 .  ? -6.936  16.925  -5.302  1.000 44.446 0 538 HOH A O    1 
HETATM 1292 O  O    . HOH D 4 .  ? -5.051  -8.523  8.173   1.000 31.531 0 539 HOH A O    1 
HETATM 1293 O  O    . HOH D 4 .  ? 10.423  11.019  4.158   1.000 50.346 0 540 HOH A O    1 
HETATM 1294 O  O    . HOH D 4 .  ? 4.098   -13.850 -7.034  1.000 38.118 0 541 HOH A O    1 
HETATM 1295 O  O    . HOH D 4 .  ? 10.181  -5.217  -0.285  1.000 35.175 0 542 HOH A O    1 
HETATM 1296 O  O    . HOH D 4 .  ? 1.386   1.626   -10.991 1.000 41.935 0 543 HOH A O    1 
HETATM 1297 O  O    . HOH D 4 .  ? 4.465   0.284   15.893  1.000 58.339 0 544 HOH A O    1 
HETATM 1298 O  O    . HOH D 4 .  ? 5.408   -10.849 5.867   1.000 49.742 0 545 HOH A O    1 
HETATM 1299 O  O    . HOH D 4 .  ? -0.912  -8.451  -9.247  1.000 38.495 0 546 HOH A O    1 
HETATM 1300 O  O    . HOH D 4 .  ? -2.018  -12.978 -12.982 1.000 56.781 0 547 HOH A O    1 
HETATM 1301 O  O    . HOH D 4 .  ? 7.223   -2.777  2.558   1.000 58.377 0 548 HOH A O    1 
HETATM 1302 O  O    . HOH D 4 .  ? -4.991  -4.736  -5.193  1.000 50.104 0 549 HOH A O    1 
HETATM 1303 O  O    . HOH D 4 .  ? -7.794  -7.603  -4.567  1.000 48.999 0 550 HOH A O    1 
HETATM 1304 O  O    . HOH D 4 .  ? 13.498  3.305   -16.903 0.500 51.828 0 551 HOH A O    1 
# 
